data_3HCZ
# 
_entry.id   3HCZ 
# 
_audit_conform.dict_name       mmcif_pdbx.dic 
_audit_conform.dict_version    5.397 
_audit_conform.dict_location   http://mmcif.pdb.org/dictionaries/ascii/mmcif_pdbx.dic 
# 
loop_
_database_2.database_id 
_database_2.database_code 
_database_2.pdbx_database_accession 
_database_2.pdbx_DOI 
PDB   3HCZ         pdb_00003hcz 10.2210/pdb3hcz/pdb 
RCSB  RCSB052982   ?            ?                   
WWPDB D_1000052982 ?            ?                   
# 
loop_
_pdbx_audit_revision_history.ordinal 
_pdbx_audit_revision_history.data_content_type 
_pdbx_audit_revision_history.major_revision 
_pdbx_audit_revision_history.minor_revision 
_pdbx_audit_revision_history.revision_date 
1 'Structure model' 1 0 2009-05-19 
2 'Structure model' 1 1 2011-07-13 
3 'Structure model' 1 2 2024-10-09 
# 
_pdbx_audit_revision_details.ordinal             1 
_pdbx_audit_revision_details.revision_ordinal    1 
_pdbx_audit_revision_details.data_content_type   'Structure model' 
_pdbx_audit_revision_details.provider            repository 
_pdbx_audit_revision_details.type                'Initial release' 
_pdbx_audit_revision_details.description         ? 
_pdbx_audit_revision_details.details             ? 
# 
loop_
_pdbx_audit_revision_group.ordinal 
_pdbx_audit_revision_group.revision_ordinal 
_pdbx_audit_revision_group.data_content_type 
_pdbx_audit_revision_group.group 
1 2 'Structure model' Advisory                    
2 2 'Structure model' 'Source and taxonomy'       
3 2 'Structure model' 'Version format compliance' 
4 3 'Structure model' 'Data collection'           
5 3 'Structure model' 'Database references'       
6 3 'Structure model' 'Derived calculations'      
7 3 'Structure model' 'Structure summary'         
# 
loop_
_pdbx_audit_revision_category.ordinal 
_pdbx_audit_revision_category.revision_ordinal 
_pdbx_audit_revision_category.data_content_type 
_pdbx_audit_revision_category.category 
1 3 'Structure model' chem_comp_atom               
2 3 'Structure model' chem_comp_bond               
3 3 'Structure model' database_2                   
4 3 'Structure model' pdbx_entry_details           
5 3 'Structure model' pdbx_modification_feature    
6 3 'Structure model' pdbx_struct_special_symmetry 
7 3 'Structure model' struct_conn                  
8 3 'Structure model' struct_site                  
# 
loop_
_pdbx_audit_revision_item.ordinal 
_pdbx_audit_revision_item.revision_ordinal 
_pdbx_audit_revision_item.data_content_type 
_pdbx_audit_revision_item.item 
1 3 'Structure model' '_database_2.pdbx_DOI'                
2 3 'Structure model' '_database_2.pdbx_database_accession' 
3 3 'Structure model' '_struct_conn.pdbx_leaving_atom_flag' 
4 3 'Structure model' '_struct_site.pdbx_auth_asym_id'      
5 3 'Structure model' '_struct_site.pdbx_auth_comp_id'      
6 3 'Structure model' '_struct_site.pdbx_auth_seq_id'       
# 
_pdbx_database_status.status_code                     REL 
_pdbx_database_status.entry_id                        3HCZ 
_pdbx_database_status.recvd_initial_deposition_date   2009-05-06 
_pdbx_database_status.deposit_site                    RCSB 
_pdbx_database_status.process_site                    RCSB 
_pdbx_database_status.status_code_sf                  REL 
_pdbx_database_status.status_code_mr                  ? 
_pdbx_database_status.SG_entry                        Y 
_pdbx_database_status.pdb_format_compatible           Y 
_pdbx_database_status.status_code_cs                  ? 
_pdbx_database_status.status_code_nmr_data            ? 
_pdbx_database_status.methods_development_category    ? 
# 
_pdbx_database_related.db_name        TargetDB 
_pdbx_database_related.db_id          APC61559.2 
_pdbx_database_related.details        . 
_pdbx_database_related.content_type   unspecified 
# 
loop_
_audit_author.name 
_audit_author.pdbx_ordinal 
'Tan, K.'                                       1 
'Marshall, N.'                                  2 
'Cobb, G.'                                      3 
'Joachimiak, A.'                                4 
'Midwest Center for Structural Genomics (MCSG)' 5 
# 
_citation.id                        primary 
_citation.title                     
'The crystal structure of a domain of possible thiol-disulfide isomerase from Cytophaga hutchinsonii ATCC 33406.' 
_citation.journal_abbrev            'To be Published' 
_citation.journal_volume            ? 
_citation.page_first                ? 
_citation.page_last                 ? 
_citation.year                      ? 
_citation.journal_id_ASTM           ? 
_citation.country                   ? 
_citation.journal_id_ISSN           ? 
_citation.journal_id_CSD            0353 
_citation.book_publisher            ? 
_citation.pdbx_database_id_PubMed   ? 
_citation.pdbx_database_id_DOI      ? 
# 
loop_
_citation_author.citation_id 
_citation_author.name 
_citation_author.ordinal 
_citation_author.identifier_ORCID 
primary 'Tan, K.'        1 ? 
primary 'Marshall, N.'   2 ? 
primary 'Cobb, G.'       3 ? 
primary 'Joachimiak, A.' 4 ? 
# 
loop_
_entity.id 
_entity.type 
_entity.src_method 
_entity.pdbx_description 
_entity.formula_weight 
_entity.pdbx_number_of_molecules 
_entity.pdbx_ec 
_entity.pdbx_mutation 
_entity.pdbx_fragment 
_entity.details 
1 polymer     man 'Possible thiol-disulfide isomerase' 17620.074 1   ? ? 'residues 330-474' ? 
2 non-polymer syn 'SULFATE ION'                        96.063    5   ? ? ?                  ? 
3 non-polymer syn 'FORMIC ACID'                        46.025    1   ? ? ?                  ? 
4 water       nat water                                18.015    124 ? ? ?                  ? 
# 
_entity_poly.entity_id                      1 
_entity_poly.type                           'polypeptide(L)' 
_entity_poly.nstd_linkage                   no 
_entity_poly.nstd_monomer                   yes 
_entity_poly.pdbx_seq_one_letter_code       
;SNAPLLLGKKAPNLY(MSE)TDTTGTYRYLYDVQAKYTILFFWDSQCGHCQQETPKLYDWWLKNRAKGIQVYAANIERKD
EEWLKFIRSKKIGGWLNVRDSKNHTDFKITYDIYATPVLYVLDKNKVIIAKRIGYENLDDFLVQYEKSLKTK
;
_entity_poly.pdbx_seq_one_letter_code_can   
;SNAPLLLGKKAPNLYMTDTTGTYRYLYDVQAKYTILFFWDSQCGHCQQETPKLYDWWLKNRAKGIQVYAANIERKDEEWL
KFIRSKKIGGWLNVRDSKNHTDFKITYDIYATPVLYVLDKNKVIIAKRIGYENLDDFLVQYEKSLKTK
;
_entity_poly.pdbx_strand_id                 A 
_entity_poly.pdbx_target_identifier         APC61559.2 
# 
loop_
_pdbx_entity_nonpoly.entity_id 
_pdbx_entity_nonpoly.name 
_pdbx_entity_nonpoly.comp_id 
2 'SULFATE ION' SO4 
3 'FORMIC ACID' FMT 
4 water         HOH 
# 
loop_
_entity_poly_seq.entity_id 
_entity_poly_seq.num 
_entity_poly_seq.mon_id 
_entity_poly_seq.hetero 
1 1   SER n 
1 2   ASN n 
1 3   ALA n 
1 4   PRO n 
1 5   LEU n 
1 6   LEU n 
1 7   LEU n 
1 8   GLY n 
1 9   LYS n 
1 10  LYS n 
1 11  ALA n 
1 12  PRO n 
1 13  ASN n 
1 14  LEU n 
1 15  TYR n 
1 16  MSE n 
1 17  THR n 
1 18  ASP n 
1 19  THR n 
1 20  THR n 
1 21  GLY n 
1 22  THR n 
1 23  TYR n 
1 24  ARG n 
1 25  TYR n 
1 26  LEU n 
1 27  TYR n 
1 28  ASP n 
1 29  VAL n 
1 30  GLN n 
1 31  ALA n 
1 32  LYS n 
1 33  TYR n 
1 34  THR n 
1 35  ILE n 
1 36  LEU n 
1 37  PHE n 
1 38  PHE n 
1 39  TRP n 
1 40  ASP n 
1 41  SER n 
1 42  GLN n 
1 43  CYS n 
1 44  GLY n 
1 45  HIS n 
1 46  CYS n 
1 47  GLN n 
1 48  GLN n 
1 49  GLU n 
1 50  THR n 
1 51  PRO n 
1 52  LYS n 
1 53  LEU n 
1 54  TYR n 
1 55  ASP n 
1 56  TRP n 
1 57  TRP n 
1 58  LEU n 
1 59  LYS n 
1 60  ASN n 
1 61  ARG n 
1 62  ALA n 
1 63  LYS n 
1 64  GLY n 
1 65  ILE n 
1 66  GLN n 
1 67  VAL n 
1 68  TYR n 
1 69  ALA n 
1 70  ALA n 
1 71  ASN n 
1 72  ILE n 
1 73  GLU n 
1 74  ARG n 
1 75  LYS n 
1 76  ASP n 
1 77  GLU n 
1 78  GLU n 
1 79  TRP n 
1 80  LEU n 
1 81  LYS n 
1 82  PHE n 
1 83  ILE n 
1 84  ARG n 
1 85  SER n 
1 86  LYS n 
1 87  LYS n 
1 88  ILE n 
1 89  GLY n 
1 90  GLY n 
1 91  TRP n 
1 92  LEU n 
1 93  ASN n 
1 94  VAL n 
1 95  ARG n 
1 96  ASP n 
1 97  SER n 
1 98  LYS n 
1 99  ASN n 
1 100 HIS n 
1 101 THR n 
1 102 ASP n 
1 103 PHE n 
1 104 LYS n 
1 105 ILE n 
1 106 THR n 
1 107 TYR n 
1 108 ASP n 
1 109 ILE n 
1 110 TYR n 
1 111 ALA n 
1 112 THR n 
1 113 PRO n 
1 114 VAL n 
1 115 LEU n 
1 116 TYR n 
1 117 VAL n 
1 118 LEU n 
1 119 ASP n 
1 120 LYS n 
1 121 ASN n 
1 122 LYS n 
1 123 VAL n 
1 124 ILE n 
1 125 ILE n 
1 126 ALA n 
1 127 LYS n 
1 128 ARG n 
1 129 ILE n 
1 130 GLY n 
1 131 TYR n 
1 132 GLU n 
1 133 ASN n 
1 134 LEU n 
1 135 ASP n 
1 136 ASP n 
1 137 PHE n 
1 138 LEU n 
1 139 VAL n 
1 140 GLN n 
1 141 TYR n 
1 142 GLU n 
1 143 LYS n 
1 144 SER n 
1 145 LEU n 
1 146 LYS n 
1 147 THR n 
1 148 LYS n 
# 
_entity_src_gen.entity_id                          1 
_entity_src_gen.pdbx_src_id                        1 
_entity_src_gen.pdbx_alt_source_flag               sample 
_entity_src_gen.pdbx_seq_type                      ? 
_entity_src_gen.pdbx_beg_seq_num                   ? 
_entity_src_gen.pdbx_end_seq_num                   ? 
_entity_src_gen.gene_src_common_name               ? 
_entity_src_gen.gene_src_genus                     ? 
_entity_src_gen.pdbx_gene_src_gene                 'CHU_0134, Cytophaga hutchinsonii' 
_entity_src_gen.gene_src_species                   ? 
_entity_src_gen.gene_src_strain                    'ATCC 33406' 
_entity_src_gen.gene_src_tissue                    ? 
_entity_src_gen.gene_src_tissue_fraction           ? 
_entity_src_gen.gene_src_details                   ? 
_entity_src_gen.pdbx_gene_src_fragment             ? 
_entity_src_gen.pdbx_gene_src_scientific_name      'Cytophaga hutchinsonii' 
_entity_src_gen.pdbx_gene_src_ncbi_taxonomy_id     269798 
_entity_src_gen.pdbx_gene_src_variant              ? 
_entity_src_gen.pdbx_gene_src_cell_line            ? 
_entity_src_gen.pdbx_gene_src_atcc                 ? 
_entity_src_gen.pdbx_gene_src_organ                ? 
_entity_src_gen.pdbx_gene_src_organelle            ? 
_entity_src_gen.pdbx_gene_src_cell                 ? 
_entity_src_gen.pdbx_gene_src_cellular_location    ? 
_entity_src_gen.host_org_common_name               ? 
_entity_src_gen.pdbx_host_org_scientific_name      'Escherichia coli' 
_entity_src_gen.pdbx_host_org_ncbi_taxonomy_id     ? 
_entity_src_gen.host_org_genus                     ? 
_entity_src_gen.pdbx_host_org_gene                 ? 
_entity_src_gen.pdbx_host_org_organ                ? 
_entity_src_gen.host_org_species                   ? 
_entity_src_gen.pdbx_host_org_tissue               ? 
_entity_src_gen.pdbx_host_org_tissue_fraction      ? 
_entity_src_gen.pdbx_host_org_strain               pPK1037 
_entity_src_gen.pdbx_host_org_variant              ? 
_entity_src_gen.pdbx_host_org_cell_line            ? 
_entity_src_gen.pdbx_host_org_atcc                 ? 
_entity_src_gen.pdbx_host_org_culture_collection   ? 
_entity_src_gen.pdbx_host_org_cell                 ? 
_entity_src_gen.pdbx_host_org_organelle            ? 
_entity_src_gen.pdbx_host_org_cellular_location    ? 
_entity_src_gen.pdbx_host_org_vector_type          plasmid 
_entity_src_gen.pdbx_host_org_vector               ? 
_entity_src_gen.host_org_details                   ? 
_entity_src_gen.expression_system_id               ? 
_entity_src_gen.plasmid_name                       pMCSG19 
_entity_src_gen.plasmid_details                    ? 
_entity_src_gen.pdbx_description                   ? 
# 
loop_
_chem_comp.id 
_chem_comp.type 
_chem_comp.mon_nstd_flag 
_chem_comp.name 
_chem_comp.pdbx_synonyms 
_chem_comp.formula 
_chem_comp.formula_weight 
ALA 'L-peptide linking' y ALANINE          ? 'C3 H7 N O2'     89.093  
ARG 'L-peptide linking' y ARGININE         ? 'C6 H15 N4 O2 1' 175.209 
ASN 'L-peptide linking' y ASPARAGINE       ? 'C4 H8 N2 O3'    132.118 
ASP 'L-peptide linking' y 'ASPARTIC ACID'  ? 'C4 H7 N O4'     133.103 
CYS 'L-peptide linking' y CYSTEINE         ? 'C3 H7 N O2 S'   121.158 
FMT non-polymer         . 'FORMIC ACID'    ? 'C H2 O2'        46.025  
GLN 'L-peptide linking' y GLUTAMINE        ? 'C5 H10 N2 O3'   146.144 
GLU 'L-peptide linking' y 'GLUTAMIC ACID'  ? 'C5 H9 N O4'     147.129 
GLY 'peptide linking'   y GLYCINE          ? 'C2 H5 N O2'     75.067  
HIS 'L-peptide linking' y HISTIDINE        ? 'C6 H10 N3 O2 1' 156.162 
HOH non-polymer         . WATER            ? 'H2 O'           18.015  
ILE 'L-peptide linking' y ISOLEUCINE       ? 'C6 H13 N O2'    131.173 
LEU 'L-peptide linking' y LEUCINE          ? 'C6 H13 N O2'    131.173 
LYS 'L-peptide linking' y LYSINE           ? 'C6 H15 N2 O2 1' 147.195 
MSE 'L-peptide linking' n SELENOMETHIONINE ? 'C5 H11 N O2 Se' 196.106 
PHE 'L-peptide linking' y PHENYLALANINE    ? 'C9 H11 N O2'    165.189 
PRO 'L-peptide linking' y PROLINE          ? 'C5 H9 N O2'     115.130 
SER 'L-peptide linking' y SERINE           ? 'C3 H7 N O3'     105.093 
SO4 non-polymer         . 'SULFATE ION'    ? 'O4 S -2'        96.063  
THR 'L-peptide linking' y THREONINE        ? 'C4 H9 N O3'     119.119 
TRP 'L-peptide linking' y TRYPTOPHAN       ? 'C11 H12 N2 O2'  204.225 
TYR 'L-peptide linking' y TYROSINE         ? 'C9 H11 N O3'    181.189 
VAL 'L-peptide linking' y VALINE           ? 'C5 H11 N O2'    117.146 
# 
loop_
_pdbx_poly_seq_scheme.asym_id 
_pdbx_poly_seq_scheme.entity_id 
_pdbx_poly_seq_scheme.seq_id 
_pdbx_poly_seq_scheme.mon_id 
_pdbx_poly_seq_scheme.ndb_seq_num 
_pdbx_poly_seq_scheme.pdb_seq_num 
_pdbx_poly_seq_scheme.auth_seq_num 
_pdbx_poly_seq_scheme.pdb_mon_id 
_pdbx_poly_seq_scheme.auth_mon_id 
_pdbx_poly_seq_scheme.pdb_strand_id 
_pdbx_poly_seq_scheme.pdb_ins_code 
_pdbx_poly_seq_scheme.hetero 
A 1 1   SER 1   327 ?   ?   ?   A . n 
A 1 2   ASN 2   328 328 ASN ASN A . n 
A 1 3   ALA 3   329 329 ALA ALA A . n 
A 1 4   PRO 4   330 330 PRO PRO A . n 
A 1 5   LEU 5   331 331 LEU LEU A . n 
A 1 6   LEU 6   332 332 LEU LEU A . n 
A 1 7   LEU 7   333 333 LEU LEU A . n 
A 1 8   GLY 8   334 334 GLY GLY A . n 
A 1 9   LYS 9   335 335 LYS LYS A . n 
A 1 10  LYS 10  336 336 LYS LYS A . n 
A 1 11  ALA 11  337 337 ALA ALA A . n 
A 1 12  PRO 12  338 338 PRO PRO A . n 
A 1 13  ASN 13  339 339 ASN ASN A . n 
A 1 14  LEU 14  340 340 LEU LEU A . n 
A 1 15  TYR 15  341 341 TYR TYR A . n 
A 1 16  MSE 16  342 342 MSE MSE A . n 
A 1 17  THR 17  343 343 THR THR A . n 
A 1 18  ASP 18  344 344 ASP ASP A . n 
A 1 19  THR 19  345 345 THR THR A . n 
A 1 20  THR 20  346 346 THR THR A . n 
A 1 21  GLY 21  347 347 GLY GLY A . n 
A 1 22  THR 22  348 348 THR THR A . n 
A 1 23  TYR 23  349 349 TYR TYR A . n 
A 1 24  ARG 24  350 350 ARG ARG A . n 
A 1 25  TYR 25  351 351 TYR TYR A . n 
A 1 26  LEU 26  352 352 LEU LEU A . n 
A 1 27  TYR 27  353 353 TYR TYR A . n 
A 1 28  ASP 28  354 354 ASP ASP A . n 
A 1 29  VAL 29  355 355 VAL VAL A . n 
A 1 30  GLN 30  356 356 GLN GLN A . n 
A 1 31  ALA 31  357 357 ALA ALA A . n 
A 1 32  LYS 32  358 358 LYS LYS A . n 
A 1 33  TYR 33  359 359 TYR TYR A . n 
A 1 34  THR 34  360 360 THR THR A . n 
A 1 35  ILE 35  361 361 ILE ILE A . n 
A 1 36  LEU 36  362 362 LEU LEU A . n 
A 1 37  PHE 37  363 363 PHE PHE A . n 
A 1 38  PHE 38  364 364 PHE PHE A . n 
A 1 39  TRP 39  365 365 TRP TRP A . n 
A 1 40  ASP 40  366 366 ASP ASP A . n 
A 1 41  SER 41  367 367 SER SER A . n 
A 1 42  GLN 42  368 368 GLN GLN A . n 
A 1 43  CYS 43  369 369 CYS CYS A . n 
A 1 44  GLY 44  370 370 GLY GLY A . n 
A 1 45  HIS 45  371 371 HIS HIS A . n 
A 1 46  CYS 46  372 372 CYS CYS A . n 
A 1 47  GLN 47  373 373 GLN GLN A . n 
A 1 48  GLN 48  374 374 GLN GLN A . n 
A 1 49  GLU 49  375 375 GLU GLU A . n 
A 1 50  THR 50  376 376 THR THR A . n 
A 1 51  PRO 51  377 377 PRO PRO A . n 
A 1 52  LYS 52  378 378 LYS LYS A . n 
A 1 53  LEU 53  379 379 LEU LEU A . n 
A 1 54  TYR 54  380 380 TYR TYR A . n 
A 1 55  ASP 55  381 381 ASP ASP A . n 
A 1 56  TRP 56  382 382 TRP TRP A . n 
A 1 57  TRP 57  383 383 TRP TRP A . n 
A 1 58  LEU 58  384 384 LEU LEU A . n 
A 1 59  LYS 59  385 385 LYS LYS A . n 
A 1 60  ASN 60  386 386 ASN ASN A . n 
A 1 61  ARG 61  387 387 ARG ARG A . n 
A 1 62  ALA 62  388 388 ALA ALA A . n 
A 1 63  LYS 63  389 389 LYS LYS A . n 
A 1 64  GLY 64  390 390 GLY GLY A . n 
A 1 65  ILE 65  391 391 ILE ILE A . n 
A 1 66  GLN 66  392 392 GLN GLN A . n 
A 1 67  VAL 67  393 393 VAL VAL A . n 
A 1 68  TYR 68  394 394 TYR TYR A . n 
A 1 69  ALA 69  395 395 ALA ALA A . n 
A 1 70  ALA 70  396 396 ALA ALA A . n 
A 1 71  ASN 71  397 397 ASN ASN A . n 
A 1 72  ILE 72  398 398 ILE ILE A . n 
A 1 73  GLU 73  399 399 GLU GLU A . n 
A 1 74  ARG 74  400 400 ARG ARG A . n 
A 1 75  LYS 75  401 401 LYS LYS A . n 
A 1 76  ASP 76  402 402 ASP ASP A . n 
A 1 77  GLU 77  403 403 GLU GLU A . n 
A 1 78  GLU 78  404 404 GLU GLU A . n 
A 1 79  TRP 79  405 405 TRP TRP A . n 
A 1 80  LEU 80  406 406 LEU LEU A . n 
A 1 81  LYS 81  407 407 LYS LYS A . n 
A 1 82  PHE 82  408 408 PHE PHE A . n 
A 1 83  ILE 83  409 409 ILE ILE A . n 
A 1 84  ARG 84  410 410 ARG ARG A . n 
A 1 85  SER 85  411 411 SER SER A . n 
A 1 86  LYS 86  412 412 LYS LYS A . n 
A 1 87  LYS 87  413 413 LYS LYS A . n 
A 1 88  ILE 88  414 414 ILE ILE A . n 
A 1 89  GLY 89  415 415 GLY GLY A . n 
A 1 90  GLY 90  416 416 GLY GLY A . n 
A 1 91  TRP 91  417 417 TRP TRP A . n 
A 1 92  LEU 92  418 418 LEU LEU A . n 
A 1 93  ASN 93  419 419 ASN ASN A . n 
A 1 94  VAL 94  420 420 VAL VAL A . n 
A 1 95  ARG 95  421 421 ARG ARG A . n 
A 1 96  ASP 96  422 422 ASP ASP A . n 
A 1 97  SER 97  423 423 SER SER A . n 
A 1 98  LYS 98  424 424 LYS LYS A . n 
A 1 99  ASN 99  425 425 ASN ASN A . n 
A 1 100 HIS 100 426 426 HIS HIS A . n 
A 1 101 THR 101 427 427 THR THR A . n 
A 1 102 ASP 102 428 428 ASP ASP A . n 
A 1 103 PHE 103 429 429 PHE PHE A . n 
A 1 104 LYS 104 430 430 LYS LYS A . n 
A 1 105 ILE 105 431 431 ILE ILE A . n 
A 1 106 THR 106 432 432 THR THR A . n 
A 1 107 TYR 107 433 433 TYR TYR A . n 
A 1 108 ASP 108 434 434 ASP ASP A . n 
A 1 109 ILE 109 435 435 ILE ILE A . n 
A 1 110 TYR 110 436 436 TYR TYR A . n 
A 1 111 ALA 111 437 437 ALA ALA A . n 
A 1 112 THR 112 438 438 THR THR A . n 
A 1 113 PRO 113 439 439 PRO PRO A . n 
A 1 114 VAL 114 440 440 VAL VAL A . n 
A 1 115 LEU 115 441 441 LEU LEU A . n 
A 1 116 TYR 116 442 442 TYR TYR A . n 
A 1 117 VAL 117 443 443 VAL VAL A . n 
A 1 118 LEU 118 444 444 LEU LEU A . n 
A 1 119 ASP 119 445 445 ASP ASP A . n 
A 1 120 LYS 120 446 446 LYS LYS A . n 
A 1 121 ASN 121 447 447 ASN ASN A . n 
A 1 122 LYS 122 448 448 LYS LYS A . n 
A 1 123 VAL 123 449 449 VAL VAL A . n 
A 1 124 ILE 124 450 450 ILE ILE A . n 
A 1 125 ILE 125 451 451 ILE ILE A . n 
A 1 126 ALA 126 452 452 ALA ALA A . n 
A 1 127 LYS 127 453 453 LYS LYS A . n 
A 1 128 ARG 128 454 454 ARG ARG A . n 
A 1 129 ILE 129 455 455 ILE ILE A . n 
A 1 130 GLY 130 456 456 GLY GLY A . n 
A 1 131 TYR 131 457 457 TYR TYR A . n 
A 1 132 GLU 132 458 458 GLU GLU A . n 
A 1 133 ASN 133 459 459 ASN ASN A . n 
A 1 134 LEU 134 460 460 LEU LEU A . n 
A 1 135 ASP 135 461 461 ASP ASP A . n 
A 1 136 ASP 136 462 462 ASP ASP A . n 
A 1 137 PHE 137 463 463 PHE PHE A . n 
A 1 138 LEU 138 464 464 LEU LEU A . n 
A 1 139 VAL 139 465 465 VAL VAL A . n 
A 1 140 GLN 140 466 466 GLN GLN A . n 
A 1 141 TYR 141 467 467 TYR TYR A . n 
A 1 142 GLU 142 468 468 GLU GLU A . n 
A 1 143 LYS 143 469 469 LYS LYS A . n 
A 1 144 SER 144 470 470 SER SER A . n 
A 1 145 LEU 145 471 471 LEU LEU A . n 
A 1 146 LYS 146 472 472 LYS LYS A . n 
A 1 147 THR 147 473 473 THR THR A . n 
A 1 148 LYS 148 474 474 LYS LYS A . n 
# 
loop_
_pdbx_nonpoly_scheme.asym_id 
_pdbx_nonpoly_scheme.entity_id 
_pdbx_nonpoly_scheme.mon_id 
_pdbx_nonpoly_scheme.ndb_seq_num 
_pdbx_nonpoly_scheme.pdb_seq_num 
_pdbx_nonpoly_scheme.auth_seq_num 
_pdbx_nonpoly_scheme.pdb_mon_id 
_pdbx_nonpoly_scheme.auth_mon_id 
_pdbx_nonpoly_scheme.pdb_strand_id 
_pdbx_nonpoly_scheme.pdb_ins_code 
B 2 SO4 1   1   1   SO4 SO4 A . 
C 2 SO4 1   2   2   SO4 SO4 A . 
D 2 SO4 1   3   3   SO4 SO4 A . 
E 2 SO4 1   4   4   SO4 SO4 A . 
F 2 SO4 1   5   5   SO4 SO4 A . 
G 3 FMT 1   475 1   FMT FMT A . 
H 4 HOH 1   6   6   HOH HOH A . 
H 4 HOH 2   7   7   HOH HOH A . 
H 4 HOH 3   8   8   HOH HOH A . 
H 4 HOH 4   9   9   HOH HOH A . 
H 4 HOH 5   10  10  HOH HOH A . 
H 4 HOH 6   11  11  HOH HOH A . 
H 4 HOH 7   12  12  HOH HOH A . 
H 4 HOH 8   13  13  HOH HOH A . 
H 4 HOH 9   14  14  HOH HOH A . 
H 4 HOH 10  15  15  HOH HOH A . 
H 4 HOH 11  16  16  HOH HOH A . 
H 4 HOH 12  17  17  HOH HOH A . 
H 4 HOH 13  18  18  HOH HOH A . 
H 4 HOH 14  19  19  HOH HOH A . 
H 4 HOH 15  20  20  HOH HOH A . 
H 4 HOH 16  21  21  HOH HOH A . 
H 4 HOH 17  22  22  HOH HOH A . 
H 4 HOH 18  23  23  HOH HOH A . 
H 4 HOH 19  24  24  HOH HOH A . 
H 4 HOH 20  25  25  HOH HOH A . 
H 4 HOH 21  26  26  HOH HOH A . 
H 4 HOH 22  27  27  HOH HOH A . 
H 4 HOH 23  28  28  HOH HOH A . 
H 4 HOH 24  29  29  HOH HOH A . 
H 4 HOH 25  30  30  HOH HOH A . 
H 4 HOH 26  31  31  HOH HOH A . 
H 4 HOH 27  32  32  HOH HOH A . 
H 4 HOH 28  33  33  HOH HOH A . 
H 4 HOH 29  34  34  HOH HOH A . 
H 4 HOH 30  35  35  HOH HOH A . 
H 4 HOH 31  36  36  HOH HOH A . 
H 4 HOH 32  37  37  HOH HOH A . 
H 4 HOH 33  38  38  HOH HOH A . 
H 4 HOH 34  39  39  HOH HOH A . 
H 4 HOH 35  40  40  HOH HOH A . 
H 4 HOH 36  41  41  HOH HOH A . 
H 4 HOH 37  42  42  HOH HOH A . 
H 4 HOH 38  43  43  HOH HOH A . 
H 4 HOH 39  44  44  HOH HOH A . 
H 4 HOH 40  45  45  HOH HOH A . 
H 4 HOH 41  46  46  HOH HOH A . 
H 4 HOH 42  47  47  HOH HOH A . 
H 4 HOH 43  48  48  HOH HOH A . 
H 4 HOH 44  49  49  HOH HOH A . 
H 4 HOH 45  50  50  HOH HOH A . 
H 4 HOH 46  51  51  HOH HOH A . 
H 4 HOH 47  52  52  HOH HOH A . 
H 4 HOH 48  53  53  HOH HOH A . 
H 4 HOH 49  54  54  HOH HOH A . 
H 4 HOH 50  55  55  HOH HOH A . 
H 4 HOH 51  56  56  HOH HOH A . 
H 4 HOH 52  57  57  HOH HOH A . 
H 4 HOH 53  58  58  HOH HOH A . 
H 4 HOH 54  59  59  HOH HOH A . 
H 4 HOH 55  60  60  HOH HOH A . 
H 4 HOH 56  61  61  HOH HOH A . 
H 4 HOH 57  62  62  HOH HOH A . 
H 4 HOH 58  63  63  HOH HOH A . 
H 4 HOH 59  64  64  HOH HOH A . 
H 4 HOH 60  65  65  HOH HOH A . 
H 4 HOH 61  66  66  HOH HOH A . 
H 4 HOH 62  67  67  HOH HOH A . 
H 4 HOH 63  68  68  HOH HOH A . 
H 4 HOH 64  69  69  HOH HOH A . 
H 4 HOH 65  70  70  HOH HOH A . 
H 4 HOH 66  71  71  HOH HOH A . 
H 4 HOH 67  72  72  HOH HOH A . 
H 4 HOH 68  73  73  HOH HOH A . 
H 4 HOH 69  74  74  HOH HOH A . 
H 4 HOH 70  75  75  HOH HOH A . 
H 4 HOH 71  76  76  HOH HOH A . 
H 4 HOH 72  77  77  HOH HOH A . 
H 4 HOH 73  78  78  HOH HOH A . 
H 4 HOH 74  79  79  HOH HOH A . 
H 4 HOH 75  80  80  HOH HOH A . 
H 4 HOH 76  81  81  HOH HOH A . 
H 4 HOH 77  82  82  HOH HOH A . 
H 4 HOH 78  83  83  HOH HOH A . 
H 4 HOH 79  84  84  HOH HOH A . 
H 4 HOH 80  85  85  HOH HOH A . 
H 4 HOH 81  86  86  HOH HOH A . 
H 4 HOH 82  87  87  HOH HOH A . 
H 4 HOH 83  88  88  HOH HOH A . 
H 4 HOH 84  89  89  HOH HOH A . 
H 4 HOH 85  90  90  HOH HOH A . 
H 4 HOH 86  91  91  HOH HOH A . 
H 4 HOH 87  92  92  HOH HOH A . 
H 4 HOH 88  93  93  HOH HOH A . 
H 4 HOH 89  94  94  HOH HOH A . 
H 4 HOH 90  95  95  HOH HOH A . 
H 4 HOH 91  96  96  HOH HOH A . 
H 4 HOH 92  97  97  HOH HOH A . 
H 4 HOH 93  98  98  HOH HOH A . 
H 4 HOH 94  99  99  HOH HOH A . 
H 4 HOH 95  100 100 HOH HOH A . 
H 4 HOH 96  101 101 HOH HOH A . 
H 4 HOH 97  102 102 HOH HOH A . 
H 4 HOH 98  103 103 HOH HOH A . 
H 4 HOH 99  104 104 HOH HOH A . 
H 4 HOH 100 105 105 HOH HOH A . 
H 4 HOH 101 106 106 HOH HOH A . 
H 4 HOH 102 107 107 HOH HOH A . 
H 4 HOH 103 108 108 HOH HOH A . 
H 4 HOH 104 109 109 HOH HOH A . 
H 4 HOH 105 110 110 HOH HOH A . 
H 4 HOH 106 111 111 HOH HOH A . 
H 4 HOH 107 112 112 HOH HOH A . 
H 4 HOH 108 113 113 HOH HOH A . 
H 4 HOH 109 114 114 HOH HOH A . 
H 4 HOH 110 115 115 HOH HOH A . 
H 4 HOH 111 116 116 HOH HOH A . 
H 4 HOH 112 117 117 HOH HOH A . 
H 4 HOH 113 118 118 HOH HOH A . 
H 4 HOH 114 119 119 HOH HOH A . 
H 4 HOH 115 120 120 HOH HOH A . 
H 4 HOH 116 121 121 HOH HOH A . 
H 4 HOH 117 122 122 HOH HOH A . 
H 4 HOH 118 123 123 HOH HOH A . 
H 4 HOH 119 124 124 HOH HOH A . 
H 4 HOH 120 476 1   HOH HOH A . 
H 4 HOH 121 477 2   HOH HOH A . 
H 4 HOH 122 478 3   HOH HOH A . 
H 4 HOH 123 479 4   HOH HOH A . 
H 4 HOH 124 480 5   HOH HOH A . 
# 
loop_
_software.name 
_software.classification 
_software.version 
_software.citation_id 
_software.pdbx_ordinal 
SBC-Collect 'data collection' .        ? 1  
SHELXD      phasing           .        ? 2  
MLPHARE     phasing           .        ? 3  
DM          'model building'  .        ? 4  
ARP         'model building'  .        ? 5  
WARP        'model building'  .        ? 6  
HKL-3000    phasing           .        ? 7  
REFMAC      refinement        5.5.0054 ? 8  
HKL-3000    'data reduction'  .        ? 9  
HKL-3000    'data scaling'    .        ? 10 
DM          phasing           .        ? 11 
# 
_cell.entry_id           3HCZ 
_cell.length_a           55.011 
_cell.length_b           55.011 
_cell.length_c           126.072 
_cell.angle_alpha        90.00 
_cell.angle_beta         90.00 
_cell.angle_gamma        90.00 
_cell.Z_PDB              8 
_cell.pdbx_unique_axis   ? 
_cell.length_a_esd       ? 
_cell.length_b_esd       ? 
_cell.length_c_esd       ? 
_cell.angle_alpha_esd    ? 
_cell.angle_beta_esd     ? 
_cell.angle_gamma_esd    ? 
# 
_symmetry.entry_id                         3HCZ 
_symmetry.space_group_name_H-M             'P 41 21 2' 
_symmetry.pdbx_full_space_group_name_H-M   ? 
_symmetry.cell_setting                     ? 
_symmetry.Int_Tables_number                92 
_symmetry.space_group_name_Hall            ? 
# 
_exptl.entry_id          3HCZ 
_exptl.method            'X-RAY DIFFRACTION' 
_exptl.crystals_number   1 
# 
_exptl_crystal.id                    1 
_exptl_crystal.density_meas          ? 
_exptl_crystal.density_Matthews      2.71 
_exptl_crystal.density_percent_sol   54.55 
_exptl_crystal.description           ? 
_exptl_crystal.F_000                 ? 
_exptl_crystal.preparation           ? 
# 
_exptl_crystal_grow.crystal_id      1 
_exptl_crystal_grow.method          'VAPOR DIFFUSION, SITTING DROP' 
_exptl_crystal_grow.temp            277 
_exptl_crystal_grow.temp_details    ? 
_exptl_crystal_grow.pH              6.5 
_exptl_crystal_grow.pdbx_details    
;0.2 M Ammonium Sulfate,  
0.1 M MES,  
30% Peg 5000 MME, 
3% 1,6-diaminohexane, pH 6.5, VAPOR DIFFUSION, SITTING DROP, temperature 277K
;
_exptl_crystal_grow.pdbx_pH_range   ? 
# 
_diffrn.id                     1 
_diffrn.ambient_temp           100 
_diffrn.ambient_temp_details   ? 
_diffrn.crystal_id             1 
# 
_diffrn_detector.diffrn_id              1 
_diffrn_detector.detector               CCD 
_diffrn_detector.type                   'ADSC QUANTUM 315' 
_diffrn_detector.pdbx_collection_date   2008-12-10 
_diffrn_detector.details                mirror 
# 
_diffrn_radiation.diffrn_id                        1 
_diffrn_radiation.wavelength_id                    1 
_diffrn_radiation.pdbx_monochromatic_or_laue_m_l   M 
_diffrn_radiation.monochromator                    'Si 111 crystal' 
_diffrn_radiation.pdbx_diffrn_protocol             'SINGLE WAVELENGTH' 
_diffrn_radiation.pdbx_scattering_type             x-ray 
# 
_diffrn_radiation_wavelength.id           1 
_diffrn_radiation_wavelength.wavelength   0.97926 
_diffrn_radiation_wavelength.wt           1.0 
# 
_diffrn_source.diffrn_id                   1 
_diffrn_source.source                      SYNCHROTRON 
_diffrn_source.type                        'APS BEAMLINE 19-ID' 
_diffrn_source.pdbx_synchrotron_site       APS 
_diffrn_source.pdbx_synchrotron_beamline   19-ID 
_diffrn_source.pdbx_wavelength             ? 
_diffrn_source.pdbx_wavelength_list        0.97926 
# 
_reflns.entry_id                     3HCZ 
_reflns.observed_criterion_sigma_I   0 
_reflns.observed_criterion_sigma_F   0 
_reflns.d_resolution_low             33.4 
_reflns.d_resolution_high            1.88 
_reflns.number_obs                   16600 
_reflns.number_all                   16600 
_reflns.percent_possible_obs         99.9 
_reflns.pdbx_Rmerge_I_obs            0.088 
_reflns.pdbx_Rsym_value              ? 
_reflns.pdbx_netI_over_sigmaI        40.6 
_reflns.B_iso_Wilson_estimate        ? 
_reflns.pdbx_redundancy              12.0 
_reflns.R_free_details               ? 
_reflns.limit_h_max                  ? 
_reflns.limit_h_min                  ? 
_reflns.limit_k_max                  ? 
_reflns.limit_k_min                  ? 
_reflns.limit_l_max                  ? 
_reflns.limit_l_min                  ? 
_reflns.observed_criterion_F_max     ? 
_reflns.observed_criterion_F_min     ? 
_reflns.pdbx_chi_squared             ? 
_reflns.pdbx_scaling_rejects         ? 
_reflns.pdbx_ordinal                 1 
_reflns.pdbx_diffrn_id               1 
# 
_reflns_shell.d_res_high             1.88 
_reflns_shell.d_res_low              1.91 
_reflns_shell.percent_possible_all   100.0 
_reflns_shell.Rmerge_I_obs           0.876 
_reflns_shell.pdbx_Rsym_value        ? 
_reflns_shell.meanI_over_sigI_obs    3.3 
_reflns_shell.pdbx_redundancy        12.0 
_reflns_shell.percent_possible_obs   ? 
_reflns_shell.number_unique_all      816 
_reflns_shell.number_measured_all    ? 
_reflns_shell.number_measured_obs    ? 
_reflns_shell.number_unique_obs      ? 
_reflns_shell.pdbx_chi_squared       ? 
_reflns_shell.pdbx_ordinal           1 
_reflns_shell.pdbx_diffrn_id         1 
# 
_refine.entry_id                                 3HCZ 
_refine.ls_number_reflns_obs                     15660 
_refine.ls_number_reflns_all                     15660 
_refine.pdbx_ls_sigma_I                          0 
_refine.pdbx_ls_sigma_F                          0 
_refine.pdbx_data_cutoff_high_absF               ? 
_refine.pdbx_data_cutoff_low_absF                ? 
_refine.pdbx_data_cutoff_high_rms_absF           ? 
_refine.ls_d_res_low                             33.39 
_refine.ls_d_res_high                            1.88 
_refine.ls_percent_reflns_obs                    99.48 
_refine.ls_R_factor_obs                          0.18076 
_refine.ls_R_factor_all                          0.18076 
_refine.ls_R_factor_R_work                       0.17880 
_refine.ls_R_factor_R_free                       0.21915 
_refine.ls_R_factor_R_free_error                 ? 
_refine.ls_R_factor_R_free_error_details         ? 
_refine.ls_percent_reflns_R_free                 5.0 
_refine.ls_number_reflns_R_free                  830 
_refine.ls_number_parameters                     ? 
_refine.ls_number_restraints                     ? 
_refine.occupancy_min                            ? 
_refine.occupancy_max                            ? 
_refine.correlation_coeff_Fo_to_Fc               0.964 
_refine.correlation_coeff_Fo_to_Fc_free          0.950 
_refine.B_iso_mean                               21.056 
_refine.aniso_B[1][1]                            0.22 
_refine.aniso_B[2][2]                            0.22 
_refine.aniso_B[3][3]                            -0.44 
_refine.aniso_B[1][2]                            0.00 
_refine.aniso_B[1][3]                            0.00 
_refine.aniso_B[2][3]                            0.00 
_refine.solvent_model_details                    MASK 
_refine.solvent_model_param_ksol                 ? 
_refine.solvent_model_param_bsol                 ? 
_refine.pdbx_solvent_vdw_probe_radii             1.20 
_refine.pdbx_solvent_ion_probe_radii             0.80 
_refine.pdbx_solvent_shrinkage_radii             0.80 
_refine.pdbx_ls_cross_valid_method               THROUGHOUT 
_refine.details                                  'HYDROGENS HAVE BEEN ADDED IN THE RIDING POSITIONS' 
_refine.pdbx_starting_model                      ? 
_refine.pdbx_method_to_determine_struct          SAD 
_refine.pdbx_isotropic_thermal_model             ? 
_refine.pdbx_stereochemistry_target_values       'MAXIMUM LIKELIHOOD' 
_refine.pdbx_stereochem_target_val_spec_case     ? 
_refine.pdbx_R_Free_selection_details            RANDOM 
_refine.pdbx_overall_ESU_R                       0.129 
_refine.pdbx_overall_ESU_R_Free                  0.126 
_refine.overall_SU_ML                            0.086 
_refine.overall_SU_B                             6.498 
_refine.ls_redundancy_reflns_obs                 ? 
_refine.B_iso_min                                ? 
_refine.B_iso_max                                ? 
_refine.overall_SU_R_Cruickshank_DPI             ? 
_refine.overall_SU_R_free                        ? 
_refine.ls_wR_factor_R_free                      ? 
_refine.ls_wR_factor_R_work                      ? 
_refine.overall_FOM_free_R_set                   ? 
_refine.overall_FOM_work_R_set                   ? 
_refine.pdbx_overall_phase_error                 ? 
_refine.pdbx_refine_id                           'X-RAY DIFFRACTION' 
_refine.pdbx_TLS_residual_ADP_flag               'LIKELY RESIDUAL' 
_refine.pdbx_diffrn_id                           1 
_refine.pdbx_overall_SU_R_free_Cruickshank_DPI   ? 
_refine.pdbx_overall_SU_R_Blow_DPI               ? 
_refine.pdbx_overall_SU_R_free_Blow_DPI          ? 
# 
_refine_hist.pdbx_refine_id                   'X-RAY DIFFRACTION' 
_refine_hist.cycle_id                         LAST 
_refine_hist.pdbx_number_atoms_protein        1236 
_refine_hist.pdbx_number_atoms_nucleic_acid   0 
_refine_hist.pdbx_number_atoms_ligand         28 
_refine_hist.number_atoms_solvent             124 
_refine_hist.number_atoms_total               1388 
_refine_hist.d_res_high                       1.88 
_refine_hist.d_res_low                        33.39 
# 
loop_
_refine_ls_restr.type 
_refine_ls_restr.dev_ideal 
_refine_ls_restr.dev_ideal_target 
_refine_ls_restr.weight 
_refine_ls_restr.number 
_refine_ls_restr.pdbx_refine_id 
_refine_ls_restr.pdbx_restraint_function 
r_bond_refined_d             0.017  0.022  ? 1331 'X-RAY DIFFRACTION' ? 
r_bond_other_d               ?      ?      ? ?    'X-RAY DIFFRACTION' ? 
r_angle_refined_deg          1.509  1.968  ? 1810 'X-RAY DIFFRACTION' ? 
r_angle_other_deg            ?      ?      ? ?    'X-RAY DIFFRACTION' ? 
r_dihedral_angle_1_deg       6.416  5.000  ? 157  'X-RAY DIFFRACTION' ? 
r_dihedral_angle_2_deg       44.043 24.062 ? 64   'X-RAY DIFFRACTION' ? 
r_dihedral_angle_3_deg       16.266 15.000 ? 247  'X-RAY DIFFRACTION' ? 
r_dihedral_angle_4_deg       16.708 15.000 ? 7    'X-RAY DIFFRACTION' ? 
r_chiral_restr               0.117  0.200  ? 190  'X-RAY DIFFRACTION' ? 
r_gen_planes_refined         0.008  0.020  ? 984  'X-RAY DIFFRACTION' ? 
r_gen_planes_other           ?      ?      ? ?    'X-RAY DIFFRACTION' ? 
r_nbd_refined                ?      ?      ? ?    'X-RAY DIFFRACTION' ? 
r_nbd_other                  ?      ?      ? ?    'X-RAY DIFFRACTION' ? 
r_nbtor_refined              ?      ?      ? ?    'X-RAY DIFFRACTION' ? 
r_nbtor_other                ?      ?      ? ?    'X-RAY DIFFRACTION' ? 
r_xyhbond_nbd_refined        ?      ?      ? ?    'X-RAY DIFFRACTION' ? 
r_xyhbond_nbd_other          ?      ?      ? ?    'X-RAY DIFFRACTION' ? 
r_metal_ion_refined          ?      ?      ? ?    'X-RAY DIFFRACTION' ? 
r_metal_ion_other            ?      ?      ? ?    'X-RAY DIFFRACTION' ? 
r_symmetry_vdw_refined       ?      ?      ? ?    'X-RAY DIFFRACTION' ? 
r_symmetry_vdw_other         ?      ?      ? ?    'X-RAY DIFFRACTION' ? 
r_symmetry_hbond_refined     ?      ?      ? ?    'X-RAY DIFFRACTION' ? 
r_symmetry_hbond_other       ?      ?      ? ?    'X-RAY DIFFRACTION' ? 
r_symmetry_metal_ion_refined ?      ?      ? ?    'X-RAY DIFFRACTION' ? 
r_symmetry_metal_ion_other   ?      ?      ? ?    'X-RAY DIFFRACTION' ? 
r_mcbond_it                  0.881  1.500  ? 751  'X-RAY DIFFRACTION' ? 
r_mcbond_other               ?      ?      ? ?    'X-RAY DIFFRACTION' ? 
r_mcangle_it                 1.573  2.000  ? 1221 'X-RAY DIFFRACTION' ? 
r_scbond_it                  2.438  3.000  ? 580  'X-RAY DIFFRACTION' ? 
r_scangle_it                 3.906  4.500  ? 583  'X-RAY DIFFRACTION' ? 
r_rigid_bond_restr           ?      ?      ? ?    'X-RAY DIFFRACTION' ? 
r_sphericity_free            ?      ?      ? ?    'X-RAY DIFFRACTION' ? 
r_sphericity_bonded          ?      ?      ? ?    'X-RAY DIFFRACTION' ? 
# 
_refine_ls_shell.pdbx_total_number_of_bins_used   20 
_refine_ls_shell.d_res_high                       1.876 
_refine_ls_shell.d_res_low                        1.925 
_refine_ls_shell.number_reflns_R_work             1090 
_refine_ls_shell.R_factor_R_work                  0.216 
_refine_ls_shell.percent_reflns_obs               96.64 
_refine_ls_shell.R_factor_R_free                  0.258 
_refine_ls_shell.R_factor_R_free_error            ? 
_refine_ls_shell.percent_reflns_R_free            ? 
_refine_ls_shell.number_reflns_R_free             60 
_refine_ls_shell.number_reflns_all                ? 
_refine_ls_shell.R_factor_all                     ? 
_refine_ls_shell.number_reflns_obs                1150 
_refine_ls_shell.redundancy_reflns_obs            ? 
_refine_ls_shell.pdbx_refine_id                   'X-RAY DIFFRACTION' 
# 
_struct.entry_id                  3HCZ 
_struct.title                     
'The crystal structure of a domain of possible thiol-disulfide isomerase from Cytophaga hutchinsonii ATCC 33406.' 
_struct.pdbx_model_details        ? 
_struct.pdbx_CASP_flag            ? 
_struct.pdbx_model_type_details   ? 
# 
_struct_keywords.entry_id        3HCZ 
_struct_keywords.pdbx_keywords   'structural genomics, unknown function' 
_struct_keywords.text            
;APC61559.2, thiol-disulfide isomerase, Cytophaga hutchinsonii ATCC, structural genomics, PSI-2, protein structure initiative, midwest center for structural genomics, MCSG, Isomerase, unknown function
;
# 
loop_
_struct_asym.id 
_struct_asym.pdbx_blank_PDB_chainid_flag 
_struct_asym.pdbx_modified 
_struct_asym.entity_id 
_struct_asym.details 
A N N 1 ? 
B N N 2 ? 
C N N 2 ? 
D N N 2 ? 
E N N 2 ? 
F N N 2 ? 
G N N 3 ? 
H N N 4 ? 
# 
_struct_ref.id                         1 
_struct_ref.db_name                    UNP 
_struct_ref.db_code                    Q11YT9_CYTH3 
_struct_ref.pdbx_db_accession          Q11YT9 
_struct_ref.entity_id                  1 
_struct_ref.pdbx_seq_one_letter_code   
;PLLLGKKAPNLYMTDTTGTYRYLYDVQAKYTILFFWDSQCGHCQQETPKLYDWWLKNRAKGIQVYAANIERKDEEWLKFI
RSKKIGGWLNVRDSKNHTDFKITYDIYATPVLYVLDKNKVIIAKRIGYENLDDFLVQYEKSLKTK
;
_struct_ref.pdbx_align_begin           330 
_struct_ref.pdbx_db_isoform            ? 
# 
_struct_ref_seq.align_id                      1 
_struct_ref_seq.ref_id                        1 
_struct_ref_seq.pdbx_PDB_id_code              3HCZ 
_struct_ref_seq.pdbx_strand_id                A 
_struct_ref_seq.seq_align_beg                 4 
_struct_ref_seq.pdbx_seq_align_beg_ins_code   ? 
_struct_ref_seq.seq_align_end                 148 
_struct_ref_seq.pdbx_seq_align_end_ins_code   ? 
_struct_ref_seq.pdbx_db_accession             Q11YT9 
_struct_ref_seq.db_align_beg                  330 
_struct_ref_seq.pdbx_db_align_beg_ins_code    ? 
_struct_ref_seq.db_align_end                  474 
_struct_ref_seq.pdbx_db_align_end_ins_code    ? 
_struct_ref_seq.pdbx_auth_seq_align_beg       330 
_struct_ref_seq.pdbx_auth_seq_align_end       474 
# 
loop_
_struct_ref_seq_dif.align_id 
_struct_ref_seq_dif.pdbx_pdb_id_code 
_struct_ref_seq_dif.mon_id 
_struct_ref_seq_dif.pdbx_pdb_strand_id 
_struct_ref_seq_dif.seq_num 
_struct_ref_seq_dif.pdbx_pdb_ins_code 
_struct_ref_seq_dif.pdbx_seq_db_name 
_struct_ref_seq_dif.pdbx_seq_db_accession_code 
_struct_ref_seq_dif.db_mon_id 
_struct_ref_seq_dif.pdbx_seq_db_seq_num 
_struct_ref_seq_dif.details 
_struct_ref_seq_dif.pdbx_auth_seq_num 
_struct_ref_seq_dif.pdbx_ordinal 
1 3HCZ SER A 1 ? UNP Q11YT9 ? ? 'expression tag' 327 1 
1 3HCZ ASN A 2 ? UNP Q11YT9 ? ? 'expression tag' 328 2 
1 3HCZ ALA A 3 ? UNP Q11YT9 ? ? 'expression tag' 329 3 
# 
loop_
_pdbx_struct_assembly.id 
_pdbx_struct_assembly.details 
_pdbx_struct_assembly.method_details 
_pdbx_struct_assembly.oligomeric_details 
_pdbx_struct_assembly.oligomeric_count 
1 author_defined_assembly   ?    monomeric 1 
2 software_defined_assembly PISA dimeric   2 
# 
loop_
_pdbx_struct_assembly_prop.biol_id 
_pdbx_struct_assembly_prop.type 
_pdbx_struct_assembly_prop.value 
_pdbx_struct_assembly_prop.details 
2 'ABSA (A^2)' 2850  ? 
2 MORE         -134  ? 
2 'SSA (A^2)'  15720 ? 
# 
loop_
_pdbx_struct_assembly_gen.assembly_id 
_pdbx_struct_assembly_gen.oper_expression 
_pdbx_struct_assembly_gen.asym_id_list 
1 1   A,B,C,D,E,F,G,H 
2 1,2 A,B,C,D,E,F,G,H 
# 
loop_
_pdbx_struct_oper_list.id 
_pdbx_struct_oper_list.type 
_pdbx_struct_oper_list.name 
_pdbx_struct_oper_list.symmetry_operation 
_pdbx_struct_oper_list.matrix[1][1] 
_pdbx_struct_oper_list.matrix[1][2] 
_pdbx_struct_oper_list.matrix[1][3] 
_pdbx_struct_oper_list.vector[1] 
_pdbx_struct_oper_list.matrix[2][1] 
_pdbx_struct_oper_list.matrix[2][2] 
_pdbx_struct_oper_list.matrix[2][3] 
_pdbx_struct_oper_list.vector[2] 
_pdbx_struct_oper_list.matrix[3][1] 
_pdbx_struct_oper_list.matrix[3][2] 
_pdbx_struct_oper_list.matrix[3][3] 
_pdbx_struct_oper_list.vector[3] 
1 'identity operation'         1_555 x,y,z        1.0000000000  0.0000000000 0.0000000000  0.0000000000  0.0000000000 1.0000000000  0.0000000000  0.0000000000   0.0000000000  0.0000000000  1.0000000000 0.0000000000  
2 'crystal symmetry operation' 8_555 -y,-x,-z+1/2 -0.4549638797 0.0438894065 -0.8894276745 26.1657318515 0.0438894065 -0.9964657755 -0.0716217721 -17.9289235394 -0.8894276745 -0.0716217721 0.4514296552 15.1494939347 
# 
_struct_biol.id        1 
_struct_biol.details   'Experimentally unknown.  It is predicted that the domain is monomeric.' 
# 
loop_
_struct_conf.conf_type_id 
_struct_conf.id 
_struct_conf.pdbx_PDB_helix_id 
_struct_conf.beg_label_comp_id 
_struct_conf.beg_label_asym_id 
_struct_conf.beg_label_seq_id 
_struct_conf.pdbx_beg_PDB_ins_code 
_struct_conf.end_label_comp_id 
_struct_conf.end_label_asym_id 
_struct_conf.end_label_seq_id 
_struct_conf.pdbx_end_PDB_ins_code 
_struct_conf.beg_auth_comp_id 
_struct_conf.beg_auth_asym_id 
_struct_conf.beg_auth_seq_id 
_struct_conf.end_auth_comp_id 
_struct_conf.end_auth_asym_id 
_struct_conf.end_auth_seq_id 
_struct_conf.pdbx_PDB_helix_class 
_struct_conf.details 
_struct_conf.pdbx_PDB_helix_length 
HELX_P HELX_P1 1 TYR A 25  ? VAL A 29  ? TYR A 351 VAL A 355 5 ? 5  
HELX_P HELX_P2 2 ASP A 40  ? GLY A 44  ? ASP A 366 GLY A 370 5 ? 5  
HELX_P HELX_P3 3 GLN A 48  ? ARG A 61  ? GLN A 374 ARG A 387 1 ? 14 
HELX_P HELX_P4 4 ASP A 76  ? LYS A 87  ? ASP A 402 LYS A 413 1 ? 12 
HELX_P HELX_P5 5 ASP A 102 ? ASP A 108 ? ASP A 428 ASP A 434 1 ? 7  
HELX_P HELX_P6 6 GLY A 130 ? GLU A 132 ? GLY A 456 GLU A 458 5 ? 3  
HELX_P HELX_P7 7 ASN A 133 ? LYS A 148 ? ASN A 459 LYS A 474 1 ? 16 
# 
_struct_conf_type.id          HELX_P 
_struct_conf_type.criteria    ? 
_struct_conf_type.reference   ? 
# 
loop_
_struct_conn.id 
_struct_conn.conn_type_id 
_struct_conn.pdbx_leaving_atom_flag 
_struct_conn.pdbx_PDB_id 
_struct_conn.ptnr1_label_asym_id 
_struct_conn.ptnr1_label_comp_id 
_struct_conn.ptnr1_label_seq_id 
_struct_conn.ptnr1_label_atom_id 
_struct_conn.pdbx_ptnr1_label_alt_id 
_struct_conn.pdbx_ptnr1_PDB_ins_code 
_struct_conn.pdbx_ptnr1_standard_comp_id 
_struct_conn.ptnr1_symmetry 
_struct_conn.ptnr2_label_asym_id 
_struct_conn.ptnr2_label_comp_id 
_struct_conn.ptnr2_label_seq_id 
_struct_conn.ptnr2_label_atom_id 
_struct_conn.pdbx_ptnr2_label_alt_id 
_struct_conn.pdbx_ptnr2_PDB_ins_code 
_struct_conn.ptnr1_auth_asym_id 
_struct_conn.ptnr1_auth_comp_id 
_struct_conn.ptnr1_auth_seq_id 
_struct_conn.ptnr2_auth_asym_id 
_struct_conn.ptnr2_auth_comp_id 
_struct_conn.ptnr2_auth_seq_id 
_struct_conn.ptnr2_symmetry 
_struct_conn.pdbx_ptnr3_label_atom_id 
_struct_conn.pdbx_ptnr3_label_seq_id 
_struct_conn.pdbx_ptnr3_label_comp_id 
_struct_conn.pdbx_ptnr3_label_asym_id 
_struct_conn.pdbx_ptnr3_label_alt_id 
_struct_conn.pdbx_ptnr3_PDB_ins_code 
_struct_conn.details 
_struct_conn.pdbx_dist_value 
_struct_conn.pdbx_value_order 
_struct_conn.pdbx_role 
disulf1 disulf ?    ? A CYS 46 SG ? ? ? 1_555 A CYS 46 SG ? ? A CYS 372 A CYS 372 7_555 ? ? ? ? ? ? ? 2.657 ? ? 
covale1 covale both ? A TYR 15 C  ? ? ? 1_555 A MSE 16 N  ? ? A TYR 341 A MSE 342 1_555 ? ? ? ? ? ? ? 1.336 ? ? 
covale2 covale both ? A MSE 16 C  ? ? ? 1_555 A THR 17 N  ? ? A MSE 342 A THR 343 1_555 ? ? ? ? ? ? ? 1.329 ? ? 
# 
loop_
_struct_conn_type.id 
_struct_conn_type.criteria 
_struct_conn_type.reference 
disulf ? ? 
covale ? ? 
# 
loop_
_pdbx_modification_feature.ordinal 
_pdbx_modification_feature.label_comp_id 
_pdbx_modification_feature.label_asym_id 
_pdbx_modification_feature.label_seq_id 
_pdbx_modification_feature.label_alt_id 
_pdbx_modification_feature.modified_residue_label_comp_id 
_pdbx_modification_feature.modified_residue_label_asym_id 
_pdbx_modification_feature.modified_residue_label_seq_id 
_pdbx_modification_feature.modified_residue_label_alt_id 
_pdbx_modification_feature.auth_comp_id 
_pdbx_modification_feature.auth_asym_id 
_pdbx_modification_feature.auth_seq_id 
_pdbx_modification_feature.PDB_ins_code 
_pdbx_modification_feature.symmetry 
_pdbx_modification_feature.modified_residue_auth_comp_id 
_pdbx_modification_feature.modified_residue_auth_asym_id 
_pdbx_modification_feature.modified_residue_auth_seq_id 
_pdbx_modification_feature.modified_residue_PDB_ins_code 
_pdbx_modification_feature.modified_residue_symmetry 
_pdbx_modification_feature.comp_id_linking_atom 
_pdbx_modification_feature.modified_residue_id_linking_atom 
_pdbx_modification_feature.modified_residue_id 
_pdbx_modification_feature.ref_pcm_id 
_pdbx_modification_feature.ref_comp_id 
_pdbx_modification_feature.type 
_pdbx_modification_feature.category 
1 MSE A 16 ? .   . .  . MSE A 342 ? 1_555 .   . .   . .     .  .  MET 1 MSE Selenomethionine 'Named protein modification' 
2 CYS A 46 ? CYS A 46 ? CYS A 372 ? 1_555 CYS A 372 ? 7_555 SG SG .   . .   None             'Disulfide bridge'           
# 
_struct_mon_prot_cis.pdbx_id                1 
_struct_mon_prot_cis.label_comp_id          THR 
_struct_mon_prot_cis.label_seq_id           112 
_struct_mon_prot_cis.label_asym_id          A 
_struct_mon_prot_cis.label_alt_id           . 
_struct_mon_prot_cis.pdbx_PDB_ins_code      ? 
_struct_mon_prot_cis.auth_comp_id           THR 
_struct_mon_prot_cis.auth_seq_id            438 
_struct_mon_prot_cis.auth_asym_id           A 
_struct_mon_prot_cis.pdbx_label_comp_id_2   PRO 
_struct_mon_prot_cis.pdbx_label_seq_id_2    113 
_struct_mon_prot_cis.pdbx_label_asym_id_2   A 
_struct_mon_prot_cis.pdbx_PDB_ins_code_2    ? 
_struct_mon_prot_cis.pdbx_auth_comp_id_2    PRO 
_struct_mon_prot_cis.pdbx_auth_seq_id_2     439 
_struct_mon_prot_cis.pdbx_auth_asym_id_2    A 
_struct_mon_prot_cis.pdbx_PDB_model_num     1 
_struct_mon_prot_cis.pdbx_omega_angle       2.84 
# 
_struct_sheet.id               A 
_struct_sheet.type             ? 
_struct_sheet.number_strands   5 
_struct_sheet.details          ? 
# 
loop_
_struct_sheet_order.sheet_id 
_struct_sheet_order.range_id_1 
_struct_sheet_order.range_id_2 
_struct_sheet_order.offset 
_struct_sheet_order.sense 
A 1 2 ? parallel      
A 2 3 ? parallel      
A 3 4 ? anti-parallel 
A 4 5 ? anti-parallel 
# 
loop_
_struct_sheet_range.sheet_id 
_struct_sheet_range.id 
_struct_sheet_range.beg_label_comp_id 
_struct_sheet_range.beg_label_asym_id 
_struct_sheet_range.beg_label_seq_id 
_struct_sheet_range.pdbx_beg_PDB_ins_code 
_struct_sheet_range.end_label_comp_id 
_struct_sheet_range.end_label_asym_id 
_struct_sheet_range.end_label_seq_id 
_struct_sheet_range.pdbx_end_PDB_ins_code 
_struct_sheet_range.beg_auth_comp_id 
_struct_sheet_range.beg_auth_asym_id 
_struct_sheet_range.beg_auth_seq_id 
_struct_sheet_range.end_auth_comp_id 
_struct_sheet_range.end_auth_asym_id 
_struct_sheet_range.end_auth_seq_id 
A 1 LEU A 92  ? ARG A 95  ? LEU A 418 ARG A 421 
A 2 ILE A 65  ? ASN A 71  ? ILE A 391 ASN A 397 
A 3 TYR A 33  ? TRP A 39  ? TYR A 359 TRP A 365 
A 4 VAL A 114 ? LEU A 118 ? VAL A 440 LEU A 444 
A 5 ILE A 124 ? LYS A 127 ? ILE A 450 LYS A 453 
# 
loop_
_pdbx_struct_sheet_hbond.sheet_id 
_pdbx_struct_sheet_hbond.range_id_1 
_pdbx_struct_sheet_hbond.range_id_2 
_pdbx_struct_sheet_hbond.range_1_label_atom_id 
_pdbx_struct_sheet_hbond.range_1_label_comp_id 
_pdbx_struct_sheet_hbond.range_1_label_asym_id 
_pdbx_struct_sheet_hbond.range_1_label_seq_id 
_pdbx_struct_sheet_hbond.range_1_PDB_ins_code 
_pdbx_struct_sheet_hbond.range_1_auth_atom_id 
_pdbx_struct_sheet_hbond.range_1_auth_comp_id 
_pdbx_struct_sheet_hbond.range_1_auth_asym_id 
_pdbx_struct_sheet_hbond.range_1_auth_seq_id 
_pdbx_struct_sheet_hbond.range_2_label_atom_id 
_pdbx_struct_sheet_hbond.range_2_label_comp_id 
_pdbx_struct_sheet_hbond.range_2_label_asym_id 
_pdbx_struct_sheet_hbond.range_2_label_seq_id 
_pdbx_struct_sheet_hbond.range_2_PDB_ins_code 
_pdbx_struct_sheet_hbond.range_2_auth_atom_id 
_pdbx_struct_sheet_hbond.range_2_auth_comp_id 
_pdbx_struct_sheet_hbond.range_2_auth_asym_id 
_pdbx_struct_sheet_hbond.range_2_auth_seq_id 
A 1 2 O VAL A 94  ? O VAL A 420 N ASN A 71  ? N ASN A 397 
A 2 3 O GLN A 66  ? O GLN A 392 N ILE A 35  ? N ILE A 361 
A 3 4 N PHE A 38  ? N PHE A 364 O VAL A 114 ? O VAL A 440 
A 4 5 N VAL A 117 ? N VAL A 443 O ILE A 125 ? O ILE A 451 
# 
loop_
_struct_site.id 
_struct_site.pdbx_evidence_code 
_struct_site.pdbx_auth_asym_id 
_struct_site.pdbx_auth_comp_id 
_struct_site.pdbx_auth_seq_id 
_struct_site.pdbx_auth_ins_code 
_struct_site.pdbx_num_residues 
_struct_site.details 
AC1 Software A SO4 1   ? 10 'BINDING SITE FOR RESIDUE SO4 A 1'   
AC2 Software A SO4 2   ? 3  'BINDING SITE FOR RESIDUE SO4 A 2'   
AC3 Software A SO4 3   ? 5  'BINDING SITE FOR RESIDUE SO4 A 3'   
AC4 Software A SO4 4   ? 5  'BINDING SITE FOR RESIDUE SO4 A 4'   
AC5 Software A SO4 5   ? 7  'BINDING SITE FOR RESIDUE SO4 A 5'   
AC6 Software A FMT 475 ? 1  'BINDING SITE FOR RESIDUE FMT A 475' 
# 
loop_
_struct_site_gen.id 
_struct_site_gen.site_id 
_struct_site_gen.pdbx_num_res 
_struct_site_gen.label_comp_id 
_struct_site_gen.label_asym_id 
_struct_site_gen.label_seq_id 
_struct_site_gen.pdbx_auth_ins_code 
_struct_site_gen.auth_comp_id 
_struct_site_gen.auth_asym_id 
_struct_site_gen.auth_seq_id 
_struct_site_gen.label_atom_id 
_struct_site_gen.label_alt_id 
_struct_site_gen.symmetry 
_struct_site_gen.details 
1  AC1 10 HOH H .   ? HOH A 11  . ? 1_555 ? 
2  AC1 10 HOH H .   ? HOH A 44  . ? 1_555 ? 
3  AC1 10 HOH H .   ? HOH A 81  . ? 1_555 ? 
4  AC1 10 HOH H .   ? HOH A 92  . ? 1_555 ? 
5  AC1 10 HOH H .   ? HOH A 122 . ? 1_555 ? 
6  AC1 10 PRO A 12  ? PRO A 338 . ? 1_555 ? 
7  AC1 10 ASN A 13  ? ASN A 339 . ? 1_555 ? 
8  AC1 10 TYR A 23  ? TYR A 349 . ? 8_555 ? 
9  AC1 10 TYR A 27  ? TYR A 353 . ? 1_555 ? 
10 AC1 10 LYS A 98  ? LYS A 424 . ? 8_555 ? 
11 AC2 3  LYS A 75  ? LYS A 401 . ? 1_555 ? 
12 AC2 3  ASP A 76  ? ASP A 402 . ? 1_555 ? 
13 AC2 3  GLU A 77  ? GLU A 403 . ? 1_555 ? 
14 AC3 5  HOH H .   ? HOH A 69  . ? 5_555 ? 
15 AC3 5  HOH H .   ? HOH A 83  . ? 5_555 ? 
16 AC3 5  ARG A 24  ? ARG A 350 . ? 5_555 ? 
17 AC3 5  GLN A 66  ? GLN A 392 . ? 5_555 ? 
18 AC3 5  ARG A 128 ? ARG A 454 . ? 1_555 ? 
19 AC4 5  HOH H .   ? HOH A 117 . ? 1_555 ? 
20 AC4 5  ALA A 31  ? ALA A 357 . ? 1_555 ? 
21 AC4 5  LYS A 32  ? LYS A 358 . ? 1_555 ? 
22 AC4 5  GLY A 64  ? GLY A 390 . ? 1_555 ? 
23 AC4 5  TYR A 110 ? TYR A 436 . ? 5_545 ? 
24 AC5 7  HOH H .   ? HOH A 89  . ? 1_555 ? 
25 AC5 7  HOH H .   ? HOH A 108 . ? 1_555 ? 
26 AC5 7  ARG A 74  ? ARG A 400 . ? 1_555 ? 
27 AC5 7  THR A 101 ? THR A 427 . ? 1_555 ? 
28 AC5 7  ASP A 102 ? ASP A 428 . ? 1_555 ? 
29 AC5 7  PHE A 103 ? PHE A 429 . ? 1_555 ? 
30 AC5 7  LYS A 104 ? LYS A 430 . ? 1_555 ? 
31 AC6 1  HOH H .   ? HOH A 42  . ? 1_555 ? 
# 
_pdbx_entry_details.entry_id                   3HCZ 
_pdbx_entry_details.compound_details           ? 
_pdbx_entry_details.source_details             ? 
_pdbx_entry_details.nonpolymer_details         ? 
_pdbx_entry_details.sequence_details           ? 
_pdbx_entry_details.has_ligand_of_interest     ? 
_pdbx_entry_details.has_protein_modification   Y 
# 
loop_
_pdbx_validate_torsion.id 
_pdbx_validate_torsion.PDB_model_num 
_pdbx_validate_torsion.auth_comp_id 
_pdbx_validate_torsion.auth_asym_id 
_pdbx_validate_torsion.auth_seq_id 
_pdbx_validate_torsion.PDB_ins_code 
_pdbx_validate_torsion.label_alt_id 
_pdbx_validate_torsion.phi 
_pdbx_validate_torsion.psi 
1 1 TYR A 341 ? ? -106.31 55.85  
2 1 TYR A 436 ? ? -110.59 -94.28 
# 
_pdbx_SG_project.id                    1 
_pdbx_SG_project.project_name          'PSI, Protein Structure Initiative' 
_pdbx_SG_project.full_name_of_center   'Midwest Center for Structural Genomics' 
_pdbx_SG_project.initial_of_center     MCSG 
# 
_pdbx_struct_mod_residue.id               1 
_pdbx_struct_mod_residue.label_asym_id    A 
_pdbx_struct_mod_residue.label_comp_id    MSE 
_pdbx_struct_mod_residue.label_seq_id     16 
_pdbx_struct_mod_residue.auth_asym_id     A 
_pdbx_struct_mod_residue.auth_comp_id     MSE 
_pdbx_struct_mod_residue.auth_seq_id      342 
_pdbx_struct_mod_residue.PDB_ins_code     ? 
_pdbx_struct_mod_residue.parent_comp_id   MET 
_pdbx_struct_mod_residue.details          SELENOMETHIONINE 
# 
_pdbx_struct_special_symmetry.id              1 
_pdbx_struct_special_symmetry.PDB_model_num   1 
_pdbx_struct_special_symmetry.auth_asym_id    A 
_pdbx_struct_special_symmetry.auth_comp_id    HOH 
_pdbx_struct_special_symmetry.auth_seq_id     110 
_pdbx_struct_special_symmetry.PDB_ins_code    ? 
_pdbx_struct_special_symmetry.label_asym_id   H 
_pdbx_struct_special_symmetry.label_comp_id   HOH 
_pdbx_struct_special_symmetry.label_seq_id    . 
# 
_pdbx_refine_tls.id               1 
_pdbx_refine_tls.details          ? 
_pdbx_refine_tls.method           refined 
_pdbx_refine_tls.origin_x         0.0324 
_pdbx_refine_tls.origin_y         -0.8950 
_pdbx_refine_tls.origin_z         0.2354 
_pdbx_refine_tls.T[1][1]          0.1129 
_pdbx_refine_tls.T[2][2]          0.0850 
_pdbx_refine_tls.T[3][3]          0.0562 
_pdbx_refine_tls.T[1][2]          -0.0061 
_pdbx_refine_tls.T[1][3]          0.0745 
_pdbx_refine_tls.T[2][3]          -0.0148 
_pdbx_refine_tls.L[1][1]          1.9831 
_pdbx_refine_tls.L[2][2]          4.0160 
_pdbx_refine_tls.L[3][3]          1.4121 
_pdbx_refine_tls.L[1][2]          -0.1803 
_pdbx_refine_tls.L[1][3]          0.4357 
_pdbx_refine_tls.L[2][3]          0.4984 
_pdbx_refine_tls.S[1][1]          0.0055 
_pdbx_refine_tls.S[1][2]          0.0073 
_pdbx_refine_tls.S[1][3]          0.0464 
_pdbx_refine_tls.S[2][1]          0.0618 
_pdbx_refine_tls.S[2][2]          -0.0367 
_pdbx_refine_tls.S[2][3]          0.1379 
_pdbx_refine_tls.S[3][1]          -0.0729 
_pdbx_refine_tls.S[3][2]          -0.1062 
_pdbx_refine_tls.S[3][3]          0.0312 
_pdbx_refine_tls.pdbx_refine_id   'X-RAY DIFFRACTION' 
# 
_pdbx_refine_tls_group.pdbx_refine_id      'X-RAY DIFFRACTION' 
_pdbx_refine_tls_group.id                  1 
_pdbx_refine_tls_group.refine_tls_id       1 
_pdbx_refine_tls_group.beg_auth_asym_id    A 
_pdbx_refine_tls_group.beg_auth_seq_id     328 
_pdbx_refine_tls_group.end_auth_asym_id    A 
_pdbx_refine_tls_group.end_auth_seq_id     473 
_pdbx_refine_tls_group.selection_details   ? 
_pdbx_refine_tls_group.beg_label_asym_id   . 
_pdbx_refine_tls_group.beg_label_seq_id    . 
_pdbx_refine_tls_group.end_label_asym_id   . 
_pdbx_refine_tls_group.end_label_seq_id    . 
_pdbx_refine_tls_group.selection           ? 
# 
_pdbx_unobs_or_zero_occ_residues.id               1 
_pdbx_unobs_or_zero_occ_residues.PDB_model_num    1 
_pdbx_unobs_or_zero_occ_residues.polymer_flag     Y 
_pdbx_unobs_or_zero_occ_residues.occupancy_flag   1 
_pdbx_unobs_or_zero_occ_residues.auth_asym_id     A 
_pdbx_unobs_or_zero_occ_residues.auth_comp_id     SER 
_pdbx_unobs_or_zero_occ_residues.auth_seq_id      327 
_pdbx_unobs_or_zero_occ_residues.PDB_ins_code     ? 
_pdbx_unobs_or_zero_occ_residues.label_asym_id    A 
_pdbx_unobs_or_zero_occ_residues.label_comp_id    SER 
_pdbx_unobs_or_zero_occ_residues.label_seq_id     1 
# 
loop_
_chem_comp_atom.comp_id 
_chem_comp_atom.atom_id 
_chem_comp_atom.type_symbol 
_chem_comp_atom.pdbx_aromatic_flag 
_chem_comp_atom.pdbx_stereo_config 
_chem_comp_atom.pdbx_ordinal 
ALA N    N  N N 1   
ALA CA   C  N S 2   
ALA C    C  N N 3   
ALA O    O  N N 4   
ALA CB   C  N N 5   
ALA OXT  O  N N 6   
ALA H    H  N N 7   
ALA H2   H  N N 8   
ALA HA   H  N N 9   
ALA HB1  H  N N 10  
ALA HB2  H  N N 11  
ALA HB3  H  N N 12  
ALA HXT  H  N N 13  
ARG N    N  N N 14  
ARG CA   C  N S 15  
ARG C    C  N N 16  
ARG O    O  N N 17  
ARG CB   C  N N 18  
ARG CG   C  N N 19  
ARG CD   C  N N 20  
ARG NE   N  N N 21  
ARG CZ   C  N N 22  
ARG NH1  N  N N 23  
ARG NH2  N  N N 24  
ARG OXT  O  N N 25  
ARG H    H  N N 26  
ARG H2   H  N N 27  
ARG HA   H  N N 28  
ARG HB2  H  N N 29  
ARG HB3  H  N N 30  
ARG HG2  H  N N 31  
ARG HG3  H  N N 32  
ARG HD2  H  N N 33  
ARG HD3  H  N N 34  
ARG HE   H  N N 35  
ARG HH11 H  N N 36  
ARG HH12 H  N N 37  
ARG HH21 H  N N 38  
ARG HH22 H  N N 39  
ARG HXT  H  N N 40  
ASN N    N  N N 41  
ASN CA   C  N S 42  
ASN C    C  N N 43  
ASN O    O  N N 44  
ASN CB   C  N N 45  
ASN CG   C  N N 46  
ASN OD1  O  N N 47  
ASN ND2  N  N N 48  
ASN OXT  O  N N 49  
ASN H    H  N N 50  
ASN H2   H  N N 51  
ASN HA   H  N N 52  
ASN HB2  H  N N 53  
ASN HB3  H  N N 54  
ASN HD21 H  N N 55  
ASN HD22 H  N N 56  
ASN HXT  H  N N 57  
ASP N    N  N N 58  
ASP CA   C  N S 59  
ASP C    C  N N 60  
ASP O    O  N N 61  
ASP CB   C  N N 62  
ASP CG   C  N N 63  
ASP OD1  O  N N 64  
ASP OD2  O  N N 65  
ASP OXT  O  N N 66  
ASP H    H  N N 67  
ASP H2   H  N N 68  
ASP HA   H  N N 69  
ASP HB2  H  N N 70  
ASP HB3  H  N N 71  
ASP HD2  H  N N 72  
ASP HXT  H  N N 73  
CYS N    N  N N 74  
CYS CA   C  N R 75  
CYS C    C  N N 76  
CYS O    O  N N 77  
CYS CB   C  N N 78  
CYS SG   S  N N 79  
CYS OXT  O  N N 80  
CYS H    H  N N 81  
CYS H2   H  N N 82  
CYS HA   H  N N 83  
CYS HB2  H  N N 84  
CYS HB3  H  N N 85  
CYS HG   H  N N 86  
CYS HXT  H  N N 87  
FMT C    C  N N 88  
FMT O1   O  N N 89  
FMT O2   O  N N 90  
FMT H    H  N N 91  
FMT HO2  H  N N 92  
GLN N    N  N N 93  
GLN CA   C  N S 94  
GLN C    C  N N 95  
GLN O    O  N N 96  
GLN CB   C  N N 97  
GLN CG   C  N N 98  
GLN CD   C  N N 99  
GLN OE1  O  N N 100 
GLN NE2  N  N N 101 
GLN OXT  O  N N 102 
GLN H    H  N N 103 
GLN H2   H  N N 104 
GLN HA   H  N N 105 
GLN HB2  H  N N 106 
GLN HB3  H  N N 107 
GLN HG2  H  N N 108 
GLN HG3  H  N N 109 
GLN HE21 H  N N 110 
GLN HE22 H  N N 111 
GLN HXT  H  N N 112 
GLU N    N  N N 113 
GLU CA   C  N S 114 
GLU C    C  N N 115 
GLU O    O  N N 116 
GLU CB   C  N N 117 
GLU CG   C  N N 118 
GLU CD   C  N N 119 
GLU OE1  O  N N 120 
GLU OE2  O  N N 121 
GLU OXT  O  N N 122 
GLU H    H  N N 123 
GLU H2   H  N N 124 
GLU HA   H  N N 125 
GLU HB2  H  N N 126 
GLU HB3  H  N N 127 
GLU HG2  H  N N 128 
GLU HG3  H  N N 129 
GLU HE2  H  N N 130 
GLU HXT  H  N N 131 
GLY N    N  N N 132 
GLY CA   C  N N 133 
GLY C    C  N N 134 
GLY O    O  N N 135 
GLY OXT  O  N N 136 
GLY H    H  N N 137 
GLY H2   H  N N 138 
GLY HA2  H  N N 139 
GLY HA3  H  N N 140 
GLY HXT  H  N N 141 
HIS N    N  N N 142 
HIS CA   C  N S 143 
HIS C    C  N N 144 
HIS O    O  N N 145 
HIS CB   C  N N 146 
HIS CG   C  Y N 147 
HIS ND1  N  Y N 148 
HIS CD2  C  Y N 149 
HIS CE1  C  Y N 150 
HIS NE2  N  Y N 151 
HIS OXT  O  N N 152 
HIS H    H  N N 153 
HIS H2   H  N N 154 
HIS HA   H  N N 155 
HIS HB2  H  N N 156 
HIS HB3  H  N N 157 
HIS HD1  H  N N 158 
HIS HD2  H  N N 159 
HIS HE1  H  N N 160 
HIS HE2  H  N N 161 
HIS HXT  H  N N 162 
HOH O    O  N N 163 
HOH H1   H  N N 164 
HOH H2   H  N N 165 
ILE N    N  N N 166 
ILE CA   C  N S 167 
ILE C    C  N N 168 
ILE O    O  N N 169 
ILE CB   C  N S 170 
ILE CG1  C  N N 171 
ILE CG2  C  N N 172 
ILE CD1  C  N N 173 
ILE OXT  O  N N 174 
ILE H    H  N N 175 
ILE H2   H  N N 176 
ILE HA   H  N N 177 
ILE HB   H  N N 178 
ILE HG12 H  N N 179 
ILE HG13 H  N N 180 
ILE HG21 H  N N 181 
ILE HG22 H  N N 182 
ILE HG23 H  N N 183 
ILE HD11 H  N N 184 
ILE HD12 H  N N 185 
ILE HD13 H  N N 186 
ILE HXT  H  N N 187 
LEU N    N  N N 188 
LEU CA   C  N S 189 
LEU C    C  N N 190 
LEU O    O  N N 191 
LEU CB   C  N N 192 
LEU CG   C  N N 193 
LEU CD1  C  N N 194 
LEU CD2  C  N N 195 
LEU OXT  O  N N 196 
LEU H    H  N N 197 
LEU H2   H  N N 198 
LEU HA   H  N N 199 
LEU HB2  H  N N 200 
LEU HB3  H  N N 201 
LEU HG   H  N N 202 
LEU HD11 H  N N 203 
LEU HD12 H  N N 204 
LEU HD13 H  N N 205 
LEU HD21 H  N N 206 
LEU HD22 H  N N 207 
LEU HD23 H  N N 208 
LEU HXT  H  N N 209 
LYS N    N  N N 210 
LYS CA   C  N S 211 
LYS C    C  N N 212 
LYS O    O  N N 213 
LYS CB   C  N N 214 
LYS CG   C  N N 215 
LYS CD   C  N N 216 
LYS CE   C  N N 217 
LYS NZ   N  N N 218 
LYS OXT  O  N N 219 
LYS H    H  N N 220 
LYS H2   H  N N 221 
LYS HA   H  N N 222 
LYS HB2  H  N N 223 
LYS HB3  H  N N 224 
LYS HG2  H  N N 225 
LYS HG3  H  N N 226 
LYS HD2  H  N N 227 
LYS HD3  H  N N 228 
LYS HE2  H  N N 229 
LYS HE3  H  N N 230 
LYS HZ1  H  N N 231 
LYS HZ2  H  N N 232 
LYS HZ3  H  N N 233 
LYS HXT  H  N N 234 
MSE N    N  N N 235 
MSE CA   C  N S 236 
MSE C    C  N N 237 
MSE O    O  N N 238 
MSE OXT  O  N N 239 
MSE CB   C  N N 240 
MSE CG   C  N N 241 
MSE SE   SE N N 242 
MSE CE   C  N N 243 
MSE H    H  N N 244 
MSE H2   H  N N 245 
MSE HA   H  N N 246 
MSE HXT  H  N N 247 
MSE HB2  H  N N 248 
MSE HB3  H  N N 249 
MSE HG2  H  N N 250 
MSE HG3  H  N N 251 
MSE HE1  H  N N 252 
MSE HE2  H  N N 253 
MSE HE3  H  N N 254 
PHE N    N  N N 255 
PHE CA   C  N S 256 
PHE C    C  N N 257 
PHE O    O  N N 258 
PHE CB   C  N N 259 
PHE CG   C  Y N 260 
PHE CD1  C  Y N 261 
PHE CD2  C  Y N 262 
PHE CE1  C  Y N 263 
PHE CE2  C  Y N 264 
PHE CZ   C  Y N 265 
PHE OXT  O  N N 266 
PHE H    H  N N 267 
PHE H2   H  N N 268 
PHE HA   H  N N 269 
PHE HB2  H  N N 270 
PHE HB3  H  N N 271 
PHE HD1  H  N N 272 
PHE HD2  H  N N 273 
PHE HE1  H  N N 274 
PHE HE2  H  N N 275 
PHE HZ   H  N N 276 
PHE HXT  H  N N 277 
PRO N    N  N N 278 
PRO CA   C  N S 279 
PRO C    C  N N 280 
PRO O    O  N N 281 
PRO CB   C  N N 282 
PRO CG   C  N N 283 
PRO CD   C  N N 284 
PRO OXT  O  N N 285 
PRO H    H  N N 286 
PRO HA   H  N N 287 
PRO HB2  H  N N 288 
PRO HB3  H  N N 289 
PRO HG2  H  N N 290 
PRO HG3  H  N N 291 
PRO HD2  H  N N 292 
PRO HD3  H  N N 293 
PRO HXT  H  N N 294 
SER N    N  N N 295 
SER CA   C  N S 296 
SER C    C  N N 297 
SER O    O  N N 298 
SER CB   C  N N 299 
SER OG   O  N N 300 
SER OXT  O  N N 301 
SER H    H  N N 302 
SER H2   H  N N 303 
SER HA   H  N N 304 
SER HB2  H  N N 305 
SER HB3  H  N N 306 
SER HG   H  N N 307 
SER HXT  H  N N 308 
SO4 S    S  N N 309 
SO4 O1   O  N N 310 
SO4 O2   O  N N 311 
SO4 O3   O  N N 312 
SO4 O4   O  N N 313 
THR N    N  N N 314 
THR CA   C  N S 315 
THR C    C  N N 316 
THR O    O  N N 317 
THR CB   C  N R 318 
THR OG1  O  N N 319 
THR CG2  C  N N 320 
THR OXT  O  N N 321 
THR H    H  N N 322 
THR H2   H  N N 323 
THR HA   H  N N 324 
THR HB   H  N N 325 
THR HG1  H  N N 326 
THR HG21 H  N N 327 
THR HG22 H  N N 328 
THR HG23 H  N N 329 
THR HXT  H  N N 330 
TRP N    N  N N 331 
TRP CA   C  N S 332 
TRP C    C  N N 333 
TRP O    O  N N 334 
TRP CB   C  N N 335 
TRP CG   C  Y N 336 
TRP CD1  C  Y N 337 
TRP CD2  C  Y N 338 
TRP NE1  N  Y N 339 
TRP CE2  C  Y N 340 
TRP CE3  C  Y N 341 
TRP CZ2  C  Y N 342 
TRP CZ3  C  Y N 343 
TRP CH2  C  Y N 344 
TRP OXT  O  N N 345 
TRP H    H  N N 346 
TRP H2   H  N N 347 
TRP HA   H  N N 348 
TRP HB2  H  N N 349 
TRP HB3  H  N N 350 
TRP HD1  H  N N 351 
TRP HE1  H  N N 352 
TRP HE3  H  N N 353 
TRP HZ2  H  N N 354 
TRP HZ3  H  N N 355 
TRP HH2  H  N N 356 
TRP HXT  H  N N 357 
TYR N    N  N N 358 
TYR CA   C  N S 359 
TYR C    C  N N 360 
TYR O    O  N N 361 
TYR CB   C  N N 362 
TYR CG   C  Y N 363 
TYR CD1  C  Y N 364 
TYR CD2  C  Y N 365 
TYR CE1  C  Y N 366 
TYR CE2  C  Y N 367 
TYR CZ   C  Y N 368 
TYR OH   O  N N 369 
TYR OXT  O  N N 370 
TYR H    H  N N 371 
TYR H2   H  N N 372 
TYR HA   H  N N 373 
TYR HB2  H  N N 374 
TYR HB3  H  N N 375 
TYR HD1  H  N N 376 
TYR HD2  H  N N 377 
TYR HE1  H  N N 378 
TYR HE2  H  N N 379 
TYR HH   H  N N 380 
TYR HXT  H  N N 381 
VAL N    N  N N 382 
VAL CA   C  N S 383 
VAL C    C  N N 384 
VAL O    O  N N 385 
VAL CB   C  N N 386 
VAL CG1  C  N N 387 
VAL CG2  C  N N 388 
VAL OXT  O  N N 389 
VAL H    H  N N 390 
VAL H2   H  N N 391 
VAL HA   H  N N 392 
VAL HB   H  N N 393 
VAL HG11 H  N N 394 
VAL HG12 H  N N 395 
VAL HG13 H  N N 396 
VAL HG21 H  N N 397 
VAL HG22 H  N N 398 
VAL HG23 H  N N 399 
VAL HXT  H  N N 400 
# 
loop_
_chem_comp_bond.comp_id 
_chem_comp_bond.atom_id_1 
_chem_comp_bond.atom_id_2 
_chem_comp_bond.value_order 
_chem_comp_bond.pdbx_aromatic_flag 
_chem_comp_bond.pdbx_stereo_config 
_chem_comp_bond.pdbx_ordinal 
ALA N   CA   sing N N 1   
ALA N   H    sing N N 2   
ALA N   H2   sing N N 3   
ALA CA  C    sing N N 4   
ALA CA  CB   sing N N 5   
ALA CA  HA   sing N N 6   
ALA C   O    doub N N 7   
ALA C   OXT  sing N N 8   
ALA CB  HB1  sing N N 9   
ALA CB  HB2  sing N N 10  
ALA CB  HB3  sing N N 11  
ALA OXT HXT  sing N N 12  
ARG N   CA   sing N N 13  
ARG N   H    sing N N 14  
ARG N   H2   sing N N 15  
ARG CA  C    sing N N 16  
ARG CA  CB   sing N N 17  
ARG CA  HA   sing N N 18  
ARG C   O    doub N N 19  
ARG C   OXT  sing N N 20  
ARG CB  CG   sing N N 21  
ARG CB  HB2  sing N N 22  
ARG CB  HB3  sing N N 23  
ARG CG  CD   sing N N 24  
ARG CG  HG2  sing N N 25  
ARG CG  HG3  sing N N 26  
ARG CD  NE   sing N N 27  
ARG CD  HD2  sing N N 28  
ARG CD  HD3  sing N N 29  
ARG NE  CZ   sing N N 30  
ARG NE  HE   sing N N 31  
ARG CZ  NH1  sing N N 32  
ARG CZ  NH2  doub N N 33  
ARG NH1 HH11 sing N N 34  
ARG NH1 HH12 sing N N 35  
ARG NH2 HH21 sing N N 36  
ARG NH2 HH22 sing N N 37  
ARG OXT HXT  sing N N 38  
ASN N   CA   sing N N 39  
ASN N   H    sing N N 40  
ASN N   H2   sing N N 41  
ASN CA  C    sing N N 42  
ASN CA  CB   sing N N 43  
ASN CA  HA   sing N N 44  
ASN C   O    doub N N 45  
ASN C   OXT  sing N N 46  
ASN CB  CG   sing N N 47  
ASN CB  HB2  sing N N 48  
ASN CB  HB3  sing N N 49  
ASN CG  OD1  doub N N 50  
ASN CG  ND2  sing N N 51  
ASN ND2 HD21 sing N N 52  
ASN ND2 HD22 sing N N 53  
ASN OXT HXT  sing N N 54  
ASP N   CA   sing N N 55  
ASP N   H    sing N N 56  
ASP N   H2   sing N N 57  
ASP CA  C    sing N N 58  
ASP CA  CB   sing N N 59  
ASP CA  HA   sing N N 60  
ASP C   O    doub N N 61  
ASP C   OXT  sing N N 62  
ASP CB  CG   sing N N 63  
ASP CB  HB2  sing N N 64  
ASP CB  HB3  sing N N 65  
ASP CG  OD1  doub N N 66  
ASP CG  OD2  sing N N 67  
ASP OD2 HD2  sing N N 68  
ASP OXT HXT  sing N N 69  
CYS N   CA   sing N N 70  
CYS N   H    sing N N 71  
CYS N   H2   sing N N 72  
CYS CA  C    sing N N 73  
CYS CA  CB   sing N N 74  
CYS CA  HA   sing N N 75  
CYS C   O    doub N N 76  
CYS C   OXT  sing N N 77  
CYS CB  SG   sing N N 78  
CYS CB  HB2  sing N N 79  
CYS CB  HB3  sing N N 80  
CYS SG  HG   sing N N 81  
CYS OXT HXT  sing N N 82  
FMT C   O1   doub N N 83  
FMT C   O2   sing N N 84  
FMT C   H    sing N N 85  
FMT O2  HO2  sing N N 86  
GLN N   CA   sing N N 87  
GLN N   H    sing N N 88  
GLN N   H2   sing N N 89  
GLN CA  C    sing N N 90  
GLN CA  CB   sing N N 91  
GLN CA  HA   sing N N 92  
GLN C   O    doub N N 93  
GLN C   OXT  sing N N 94  
GLN CB  CG   sing N N 95  
GLN CB  HB2  sing N N 96  
GLN CB  HB3  sing N N 97  
GLN CG  CD   sing N N 98  
GLN CG  HG2  sing N N 99  
GLN CG  HG3  sing N N 100 
GLN CD  OE1  doub N N 101 
GLN CD  NE2  sing N N 102 
GLN NE2 HE21 sing N N 103 
GLN NE2 HE22 sing N N 104 
GLN OXT HXT  sing N N 105 
GLU N   CA   sing N N 106 
GLU N   H    sing N N 107 
GLU N   H2   sing N N 108 
GLU CA  C    sing N N 109 
GLU CA  CB   sing N N 110 
GLU CA  HA   sing N N 111 
GLU C   O    doub N N 112 
GLU C   OXT  sing N N 113 
GLU CB  CG   sing N N 114 
GLU CB  HB2  sing N N 115 
GLU CB  HB3  sing N N 116 
GLU CG  CD   sing N N 117 
GLU CG  HG2  sing N N 118 
GLU CG  HG3  sing N N 119 
GLU CD  OE1  doub N N 120 
GLU CD  OE2  sing N N 121 
GLU OE2 HE2  sing N N 122 
GLU OXT HXT  sing N N 123 
GLY N   CA   sing N N 124 
GLY N   H    sing N N 125 
GLY N   H2   sing N N 126 
GLY CA  C    sing N N 127 
GLY CA  HA2  sing N N 128 
GLY CA  HA3  sing N N 129 
GLY C   O    doub N N 130 
GLY C   OXT  sing N N 131 
GLY OXT HXT  sing N N 132 
HIS N   CA   sing N N 133 
HIS N   H    sing N N 134 
HIS N   H2   sing N N 135 
HIS CA  C    sing N N 136 
HIS CA  CB   sing N N 137 
HIS CA  HA   sing N N 138 
HIS C   O    doub N N 139 
HIS C   OXT  sing N N 140 
HIS CB  CG   sing N N 141 
HIS CB  HB2  sing N N 142 
HIS CB  HB3  sing N N 143 
HIS CG  ND1  sing Y N 144 
HIS CG  CD2  doub Y N 145 
HIS ND1 CE1  doub Y N 146 
HIS ND1 HD1  sing N N 147 
HIS CD2 NE2  sing Y N 148 
HIS CD2 HD2  sing N N 149 
HIS CE1 NE2  sing Y N 150 
HIS CE1 HE1  sing N N 151 
HIS NE2 HE2  sing N N 152 
HIS OXT HXT  sing N N 153 
HOH O   H1   sing N N 154 
HOH O   H2   sing N N 155 
ILE N   CA   sing N N 156 
ILE N   H    sing N N 157 
ILE N   H2   sing N N 158 
ILE CA  C    sing N N 159 
ILE CA  CB   sing N N 160 
ILE CA  HA   sing N N 161 
ILE C   O    doub N N 162 
ILE C   OXT  sing N N 163 
ILE CB  CG1  sing N N 164 
ILE CB  CG2  sing N N 165 
ILE CB  HB   sing N N 166 
ILE CG1 CD1  sing N N 167 
ILE CG1 HG12 sing N N 168 
ILE CG1 HG13 sing N N 169 
ILE CG2 HG21 sing N N 170 
ILE CG2 HG22 sing N N 171 
ILE CG2 HG23 sing N N 172 
ILE CD1 HD11 sing N N 173 
ILE CD1 HD12 sing N N 174 
ILE CD1 HD13 sing N N 175 
ILE OXT HXT  sing N N 176 
LEU N   CA   sing N N 177 
LEU N   H    sing N N 178 
LEU N   H2   sing N N 179 
LEU CA  C    sing N N 180 
LEU CA  CB   sing N N 181 
LEU CA  HA   sing N N 182 
LEU C   O    doub N N 183 
LEU C   OXT  sing N N 184 
LEU CB  CG   sing N N 185 
LEU CB  HB2  sing N N 186 
LEU CB  HB3  sing N N 187 
LEU CG  CD1  sing N N 188 
LEU CG  CD2  sing N N 189 
LEU CG  HG   sing N N 190 
LEU CD1 HD11 sing N N 191 
LEU CD1 HD12 sing N N 192 
LEU CD1 HD13 sing N N 193 
LEU CD2 HD21 sing N N 194 
LEU CD2 HD22 sing N N 195 
LEU CD2 HD23 sing N N 196 
LEU OXT HXT  sing N N 197 
LYS N   CA   sing N N 198 
LYS N   H    sing N N 199 
LYS N   H2   sing N N 200 
LYS CA  C    sing N N 201 
LYS CA  CB   sing N N 202 
LYS CA  HA   sing N N 203 
LYS C   O    doub N N 204 
LYS C   OXT  sing N N 205 
LYS CB  CG   sing N N 206 
LYS CB  HB2  sing N N 207 
LYS CB  HB3  sing N N 208 
LYS CG  CD   sing N N 209 
LYS CG  HG2  sing N N 210 
LYS CG  HG3  sing N N 211 
LYS CD  CE   sing N N 212 
LYS CD  HD2  sing N N 213 
LYS CD  HD3  sing N N 214 
LYS CE  NZ   sing N N 215 
LYS CE  HE2  sing N N 216 
LYS CE  HE3  sing N N 217 
LYS NZ  HZ1  sing N N 218 
LYS NZ  HZ2  sing N N 219 
LYS NZ  HZ3  sing N N 220 
LYS OXT HXT  sing N N 221 
MSE N   CA   sing N N 222 
MSE N   H    sing N N 223 
MSE N   H2   sing N N 224 
MSE CA  C    sing N N 225 
MSE CA  CB   sing N N 226 
MSE CA  HA   sing N N 227 
MSE C   O    doub N N 228 
MSE C   OXT  sing N N 229 
MSE OXT HXT  sing N N 230 
MSE CB  CG   sing N N 231 
MSE CB  HB2  sing N N 232 
MSE CB  HB3  sing N N 233 
MSE CG  SE   sing N N 234 
MSE CG  HG2  sing N N 235 
MSE CG  HG3  sing N N 236 
MSE SE  CE   sing N N 237 
MSE CE  HE1  sing N N 238 
MSE CE  HE2  sing N N 239 
MSE CE  HE3  sing N N 240 
PHE N   CA   sing N N 241 
PHE N   H    sing N N 242 
PHE N   H2   sing N N 243 
PHE CA  C    sing N N 244 
PHE CA  CB   sing N N 245 
PHE CA  HA   sing N N 246 
PHE C   O    doub N N 247 
PHE C   OXT  sing N N 248 
PHE CB  CG   sing N N 249 
PHE CB  HB2  sing N N 250 
PHE CB  HB3  sing N N 251 
PHE CG  CD1  doub Y N 252 
PHE CG  CD2  sing Y N 253 
PHE CD1 CE1  sing Y N 254 
PHE CD1 HD1  sing N N 255 
PHE CD2 CE2  doub Y N 256 
PHE CD2 HD2  sing N N 257 
PHE CE1 CZ   doub Y N 258 
PHE CE1 HE1  sing N N 259 
PHE CE2 CZ   sing Y N 260 
PHE CE2 HE2  sing N N 261 
PHE CZ  HZ   sing N N 262 
PHE OXT HXT  sing N N 263 
PRO N   CA   sing N N 264 
PRO N   CD   sing N N 265 
PRO N   H    sing N N 266 
PRO CA  C    sing N N 267 
PRO CA  CB   sing N N 268 
PRO CA  HA   sing N N 269 
PRO C   O    doub N N 270 
PRO C   OXT  sing N N 271 
PRO CB  CG   sing N N 272 
PRO CB  HB2  sing N N 273 
PRO CB  HB3  sing N N 274 
PRO CG  CD   sing N N 275 
PRO CG  HG2  sing N N 276 
PRO CG  HG3  sing N N 277 
PRO CD  HD2  sing N N 278 
PRO CD  HD3  sing N N 279 
PRO OXT HXT  sing N N 280 
SER N   CA   sing N N 281 
SER N   H    sing N N 282 
SER N   H2   sing N N 283 
SER CA  C    sing N N 284 
SER CA  CB   sing N N 285 
SER CA  HA   sing N N 286 
SER C   O    doub N N 287 
SER C   OXT  sing N N 288 
SER CB  OG   sing N N 289 
SER CB  HB2  sing N N 290 
SER CB  HB3  sing N N 291 
SER OG  HG   sing N N 292 
SER OXT HXT  sing N N 293 
SO4 S   O1   doub N N 294 
SO4 S   O2   doub N N 295 
SO4 S   O3   sing N N 296 
SO4 S   O4   sing N N 297 
THR N   CA   sing N N 298 
THR N   H    sing N N 299 
THR N   H2   sing N N 300 
THR CA  C    sing N N 301 
THR CA  CB   sing N N 302 
THR CA  HA   sing N N 303 
THR C   O    doub N N 304 
THR C   OXT  sing N N 305 
THR CB  OG1  sing N N 306 
THR CB  CG2  sing N N 307 
THR CB  HB   sing N N 308 
THR OG1 HG1  sing N N 309 
THR CG2 HG21 sing N N 310 
THR CG2 HG22 sing N N 311 
THR CG2 HG23 sing N N 312 
THR OXT HXT  sing N N 313 
TRP N   CA   sing N N 314 
TRP N   H    sing N N 315 
TRP N   H2   sing N N 316 
TRP CA  C    sing N N 317 
TRP CA  CB   sing N N 318 
TRP CA  HA   sing N N 319 
TRP C   O    doub N N 320 
TRP C   OXT  sing N N 321 
TRP CB  CG   sing N N 322 
TRP CB  HB2  sing N N 323 
TRP CB  HB3  sing N N 324 
TRP CG  CD1  doub Y N 325 
TRP CG  CD2  sing Y N 326 
TRP CD1 NE1  sing Y N 327 
TRP CD1 HD1  sing N N 328 
TRP CD2 CE2  doub Y N 329 
TRP CD2 CE3  sing Y N 330 
TRP NE1 CE2  sing Y N 331 
TRP NE1 HE1  sing N N 332 
TRP CE2 CZ2  sing Y N 333 
TRP CE3 CZ3  doub Y N 334 
TRP CE3 HE3  sing N N 335 
TRP CZ2 CH2  doub Y N 336 
TRP CZ2 HZ2  sing N N 337 
TRP CZ3 CH2  sing Y N 338 
TRP CZ3 HZ3  sing N N 339 
TRP CH2 HH2  sing N N 340 
TRP OXT HXT  sing N N 341 
TYR N   CA   sing N N 342 
TYR N   H    sing N N 343 
TYR N   H2   sing N N 344 
TYR CA  C    sing N N 345 
TYR CA  CB   sing N N 346 
TYR CA  HA   sing N N 347 
TYR C   O    doub N N 348 
TYR C   OXT  sing N N 349 
TYR CB  CG   sing N N 350 
TYR CB  HB2  sing N N 351 
TYR CB  HB3  sing N N 352 
TYR CG  CD1  doub Y N 353 
TYR CG  CD2  sing Y N 354 
TYR CD1 CE1  sing Y N 355 
TYR CD1 HD1  sing N N 356 
TYR CD2 CE2  doub Y N 357 
TYR CD2 HD2  sing N N 358 
TYR CE1 CZ   doub Y N 359 
TYR CE1 HE1  sing N N 360 
TYR CE2 CZ   sing Y N 361 
TYR CE2 HE2  sing N N 362 
TYR CZ  OH   sing N N 363 
TYR OH  HH   sing N N 364 
TYR OXT HXT  sing N N 365 
VAL N   CA   sing N N 366 
VAL N   H    sing N N 367 
VAL N   H2   sing N N 368 
VAL CA  C    sing N N 369 
VAL CA  CB   sing N N 370 
VAL CA  HA   sing N N 371 
VAL C   O    doub N N 372 
VAL C   OXT  sing N N 373 
VAL CB  CG1  sing N N 374 
VAL CB  CG2  sing N N 375 
VAL CB  HB   sing N N 376 
VAL CG1 HG11 sing N N 377 
VAL CG1 HG12 sing N N 378 
VAL CG1 HG13 sing N N 379 
VAL CG2 HG21 sing N N 380 
VAL CG2 HG22 sing N N 381 
VAL CG2 HG23 sing N N 382 
VAL OXT HXT  sing N N 383 
# 
_atom_sites.entry_id                    3HCZ 
_atom_sites.fract_transf_matrix[1][1]   0.00868268 
_atom_sites.fract_transf_matrix[1][2]   0.01310948 
_atom_sites.fract_transf_matrix[1][3]   -0.00912098 
_atom_sites.fract_transf_matrix[2][1]   -0.00473751 
_atom_sites.fract_transf_matrix[2][2]   0.01202881 
_atom_sites.fract_transf_matrix[2][3]   0.01277902 
_atom_sites.fract_transf_matrix[3][1]   0.00665500 
_atom_sites.fract_transf_matrix[3][2]   -0.00162619 
_atom_sites.fract_transf_matrix[3][3]   0.00399790 
_atom_sites.fract_transf_vector[1]      0.226790 
_atom_sites.fract_transf_vector[2]      -0.080762 
_atom_sites.fract_transf_vector[3]      0.118073 
# 
loop_
_atom_type.symbol 
C  
N  
O  
S  
SE 
# 
loop_
_atom_site.group_PDB 
_atom_site.id 
_atom_site.type_symbol 
_atom_site.label_atom_id 
_atom_site.label_alt_id 
_atom_site.label_comp_id 
_atom_site.label_asym_id 
_atom_site.label_entity_id 
_atom_site.label_seq_id 
_atom_site.pdbx_PDB_ins_code 
_atom_site.Cartn_x 
_atom_site.Cartn_y 
_atom_site.Cartn_z 
_atom_site.occupancy 
_atom_site.B_iso_or_equiv 
_atom_site.pdbx_formal_charge 
_atom_site.auth_seq_id 
_atom_site.auth_comp_id 
_atom_site.auth_asym_id 
_atom_site.auth_atom_id 
_atom_site.pdbx_PDB_model_num 
ATOM   1    N  N   . ASN A 1 2   ? 11.153  3.631   18.033  1.00 34.92 ? 328 ASN A N   1 
ATOM   2    C  CA  . ASN A 1 2   ? 10.728  4.087   16.673  1.00 34.18 ? 328 ASN A CA  1 
ATOM   3    C  C   . ASN A 1 2   ? 10.260  5.555   16.704  1.00 33.10 ? 328 ASN A C   1 
ATOM   4    O  O   . ASN A 1 2   ? 9.326   5.934   17.427  1.00 33.69 ? 328 ASN A O   1 
ATOM   5    C  CB  . ASN A 1 2   ? 9.623   3.187   16.119  1.00 34.56 ? 328 ASN A CB  1 
ATOM   6    C  CG  . ASN A 1 2   ? 8.483   3.000   17.122  1.00 35.82 ? 328 ASN A CG  1 
ATOM   7    O  OD1 . ASN A 1 2   ? 8.729   2.773   18.317  1.00 40.03 ? 328 ASN A OD1 1 
ATOM   8    N  ND2 . ASN A 1 2   ? 7.245   3.112   16.658  1.00 34.95 ? 328 ASN A ND2 1 
ATOM   9    N  N   . ALA A 1 3   ? 10.954  6.386   15.933  1.00 31.02 ? 329 ALA A N   1 
ATOM   10   C  CA  . ALA A 1 3   ? 10.461  7.697   15.592  1.00 28.30 ? 329 ALA A CA  1 
ATOM   11   C  C   . ALA A 1 3   ? 9.291   7.466   14.596  1.00 25.94 ? 329 ALA A C   1 
ATOM   12   O  O   . ALA A 1 3   ? 9.304   6.485   13.816  1.00 26.17 ? 329 ALA A O   1 
ATOM   13   C  CB  . ALA A 1 3   ? 11.581  8.528   14.970  1.00 28.57 ? 329 ALA A CB  1 
ATOM   14   N  N   . PRO A 1 4   ? 8.254   8.336   14.650  1.00 23.04 ? 330 PRO A N   1 
ATOM   15   C  CA  . PRO A 1 4   ? 7.177   8.335   13.644  1.00 21.21 ? 330 PRO A CA  1 
ATOM   16   C  C   . PRO A 1 4   ? 7.740   8.627   12.242  1.00 19.62 ? 330 PRO A C   1 
ATOM   17   O  O   . PRO A 1 4   ? 8.769   9.272   12.128  1.00 20.61 ? 330 PRO A O   1 
ATOM   18   C  CB  . PRO A 1 4   ? 6.298   9.506   14.094  1.00 20.05 ? 330 PRO A CB  1 
ATOM   19   C  CG  . PRO A 1 4   ? 7.203   10.367  14.892  1.00 21.36 ? 330 PRO A CG  1 
ATOM   20   C  CD  . PRO A 1 4   ? 8.097   9.435   15.615  1.00 22.69 ? 330 PRO A CD  1 
ATOM   21   N  N   . LEU A 1 5   ? 7.060   8.180   11.195  1.00 18.22 ? 331 LEU A N   1 
ATOM   22   C  CA  . LEU A 1 5   ? 7.526   8.362   9.814   1.00 17.34 ? 331 LEU A CA  1 
ATOM   23   C  C   . LEU A 1 5   ? 7.366   9.800   9.338   1.00 16.86 ? 331 LEU A C   1 
ATOM   24   O  O   . LEU A 1 5   ? 6.483   10.546  9.805   1.00 16.83 ? 331 LEU A O   1 
ATOM   25   C  CB  . LEU A 1 5   ? 6.816   7.399   8.875   1.00 16.85 ? 331 LEU A CB  1 
ATOM   26   C  CG  . LEU A 1 5   ? 6.923   5.933   9.252   1.00 17.68 ? 331 LEU A CG  1 
ATOM   27   C  CD1 . LEU A 1 5   ? 6.256   5.113   8.172   1.00 19.02 ? 331 LEU A CD1 1 
ATOM   28   C  CD2 . LEU A 1 5   ? 8.373   5.524   9.402   1.00 16.58 ? 331 LEU A CD2 1 
ATOM   29   N  N   . LEU A 1 6   ? 8.273   10.222  8.466   1.00 15.27 ? 332 LEU A N   1 
ATOM   30   C  CA  . LEU A 1 6   ? 8.306   11.615  8.011   1.00 14.46 ? 332 LEU A CA  1 
ATOM   31   C  C   . LEU A 1 6   ? 8.237   11.694  6.471   1.00 15.08 ? 332 LEU A C   1 
ATOM   32   O  O   . LEU A 1 6   ? 8.787   10.827  5.783   1.00 15.30 ? 332 LEU A O   1 
ATOM   33   C  CB  . LEU A 1 6   ? 9.582   12.299  8.496   1.00 13.19 ? 332 LEU A CB  1 
ATOM   34   C  CG  . LEU A 1 6   ? 9.816   12.370  10.011  1.00 15.55 ? 332 LEU A CG  1 
ATOM   35   C  CD1 . LEU A 1 6   ? 11.180  13.007  10.385  1.00 15.01 ? 332 LEU A CD1 1 
ATOM   36   C  CD2 . LEU A 1 6   ? 8.718   13.216  10.613  1.00 13.10 ? 332 LEU A CD2 1 
ATOM   37   N  N   . LEU A 1 7   ? 7.591   12.734  5.930   1.00 16.44 ? 333 LEU A N   1 
ATOM   38   C  CA  . LEU A 1 7   ? 7.753   13.071  4.491   1.00 17.49 ? 333 LEU A CA  1 
ATOM   39   C  C   . LEU A 1 7   ? 9.203   13.186  4.070   1.00 18.14 ? 333 LEU A C   1 
ATOM   40   O  O   . LEU A 1 7   ? 10.048  13.696  4.806   1.00 17.33 ? 333 LEU A O   1 
ATOM   41   C  CB  . LEU A 1 7   ? 7.089   14.418  4.167   1.00 17.13 ? 333 LEU A CB  1 
ATOM   42   C  CG  . LEU A 1 7   ? 5.563   14.468  4.184   1.00 19.93 ? 333 LEU A CG  1 
ATOM   43   C  CD1 . LEU A 1 7   ? 5.118   15.893  3.738   1.00 19.11 ? 333 LEU A CD1 1 
ATOM   44   C  CD2 . LEU A 1 7   ? 4.915   13.403  3.312   1.00 17.33 ? 333 LEU A CD2 1 
ATOM   45   N  N   . GLY A 1 8   ? 9.506   12.721  2.877   1.00 18.41 ? 334 GLY A N   1 
ATOM   46   C  CA  . GLY A 1 8   ? 10.852  12.918  2.371   1.00 19.41 ? 334 GLY A CA  1 
ATOM   47   C  C   . GLY A 1 8   ? 11.897  11.939  2.867   1.00 19.34 ? 334 GLY A C   1 
ATOM   48   O  O   . GLY A 1 8   ? 13.056  12.059  2.495   1.00 20.62 ? 334 GLY A O   1 
ATOM   49   N  N   . LYS A 1 9   ? 11.487  10.970  3.682   1.00 19.00 ? 335 LYS A N   1 
ATOM   50   C  CA  . LYS A 1 9   ? 12.351  9.866   4.125   1.00 18.85 ? 335 LYS A CA  1 
ATOM   51   C  C   . LYS A 1 9   ? 11.912  8.620   3.393   1.00 19.05 ? 335 LYS A C   1 
ATOM   52   O  O   . LYS A 1 9   ? 10.729  8.522   3.015   1.00 19.19 ? 335 LYS A O   1 
ATOM   53   C  CB  . LYS A 1 9   ? 12.211  9.648   5.625   1.00 18.52 ? 335 LYS A CB  1 
ATOM   54   C  CG  . LYS A 1 9   ? 12.493  10.908  6.435   1.00 20.23 ? 335 LYS A CG  1 
ATOM   55   C  CD  . LYS A 1 9   ? 13.989  11.075  6.617   1.00 24.07 ? 335 LYS A CD  1 
ATOM   56   C  CE  . LYS A 1 9   ? 14.364  12.149  7.607   1.00 25.94 ? 335 LYS A CE  1 
ATOM   57   N  NZ  . LYS A 1 9   ? 14.859  13.299  6.820   1.00 29.96 ? 335 LYS A NZ  1 
ATOM   58   N  N   . LYS A 1 10  ? 12.844  7.689   3.164   1.00 18.89 ? 336 LYS A N   1 
ATOM   59   C  CA  . LYS A 1 10  ? 12.499  6.402   2.514   1.00 19.44 ? 336 LYS A CA  1 
ATOM   60   C  C   . LYS A 1 10  ? 11.627  5.603   3.487   1.00 19.92 ? 336 LYS A C   1 
ATOM   61   O  O   . LYS A 1 10  ? 11.930  5.548   4.696   1.00 19.65 ? 336 LYS A O   1 
ATOM   62   C  CB  . LYS A 1 10  ? 13.772  5.643   2.084   1.00 20.38 ? 336 LYS A CB  1 
ATOM   63   C  CG  . LYS A 1 10  ? 13.550  4.642   0.939   1.00 22.14 ? 336 LYS A CG  1 
ATOM   64   C  CD  . LYS A 1 10  ? 14.889  4.196   0.297   1.00 25.37 ? 336 LYS A CD  1 
ATOM   65   C  CE  . LYS A 1 10  ? 14.763  2.940   -0.598  1.00 27.50 ? 336 LYS A CE  1 
ATOM   66   N  NZ  . LYS A 1 10  ? 16.120  2.518   -1.209  1.00 28.55 ? 336 LYS A NZ  1 
ATOM   67   N  N   . ALA A 1 11  ? 10.515  5.047   2.996   1.00 18.62 ? 337 ALA A N   1 
ATOM   68   C  CA  . ALA A 1 11  ? 9.634   4.232   3.831   1.00 18.24 ? 337 ALA A CA  1 
ATOM   69   C  C   . ALA A 1 11  ? 10.459  3.018   4.275   1.00 17.20 ? 337 ALA A C   1 
ATOM   70   O  O   . ALA A 1 11  ? 11.308  2.548   3.503   1.00 19.06 ? 337 ALA A O   1 
ATOM   71   C  CB  . ALA A 1 11  ? 8.401   3.771   3.047   1.00 17.70 ? 337 ALA A CB  1 
ATOM   72   N  N   . PRO A 1 12  ? 10.249  2.524   5.518   1.00 16.33 ? 338 PRO A N   1 
ATOM   73   C  CA  . PRO A 1 12  ? 10.966  1.296   5.914   1.00 15.94 ? 338 PRO A CA  1 
ATOM   74   C  C   . PRO A 1 12  ? 10.710  0.142   4.937   1.00 16.02 ? 338 PRO A C   1 
ATOM   75   O  O   . PRO A 1 12  ? 9.562   -0.054  4.495   1.00 15.43 ? 338 PRO A O   1 
ATOM   76   C  CB  . PRO A 1 12  ? 10.340  0.948   7.266   1.00 16.39 ? 338 PRO A CB  1 
ATOM   77   C  CG  . PRO A 1 12  ? 9.925   2.312   7.850   1.00 15.78 ? 338 PRO A CG  1 
ATOM   78   C  CD  . PRO A 1 12  ? 9.531   3.150   6.653   1.00 15.81 ? 338 PRO A CD  1 
ATOM   79   N  N   . ASN A 1 13  ? 11.742  -0.639  4.629   1.00 15.90 ? 339 ASN A N   1 
ATOM   80   C  CA  . ASN A 1 13  ? 11.559  -1.769  3.691   1.00 16.36 ? 339 ASN A CA  1 
ATOM   81   C  C   . ASN A 1 13  ? 10.637  -2.797  4.375   1.00 15.55 ? 339 ASN A C   1 
ATOM   82   O  O   . ASN A 1 13  ? 10.532  -2.846  5.601   1.00 15.19 ? 339 ASN A O   1 
ATOM   83   C  CB  . ASN A 1 13  ? 12.921  -2.397  3.302   1.00 16.88 ? 339 ASN A CB  1 
ATOM   84   C  CG  . ASN A 1 13  ? 12.864  -3.258  2.026   1.00 17.60 ? 339 ASN A CG  1 
ATOM   85   O  OD1 . ASN A 1 13  ? 11.810  -3.435  1.379   1.00 19.00 ? 339 ASN A OD1 1 
ATOM   86   N  ND2 . ASN A 1 13  ? 14.019  -3.807  1.658   1.00 18.13 ? 339 ASN A ND2 1 
ATOM   87   N  N   . LEU A 1 14  ? 9.947   -3.586  3.560   1.00 14.98 ? 340 LEU A N   1 
ATOM   88   C  CA  . LEU A 1 14  ? 9.055   -4.666  4.039   1.00 13.91 ? 340 LEU A CA  1 
ATOM   89   C  C   . LEU A 1 14  ? 9.480   -5.947  3.323   1.00 14.05 ? 340 LEU A C   1 
ATOM   90   O  O   . LEU A 1 14  ? 9.615   -5.969  2.099   1.00 13.94 ? 340 LEU A O   1 
ATOM   91   C  CB  . LEU A 1 14  ? 7.593   -4.346  3.702   1.00 14.43 ? 340 LEU A CB  1 
ATOM   92   C  CG  . LEU A 1 14  ? 7.063   -3.150  4.515   1.00 14.31 ? 340 LEU A CG  1 
ATOM   93   C  CD1 . LEU A 1 14  ? 5.755   -2.639  3.890   1.00 15.65 ? 340 LEU A CD1 1 
ATOM   94   C  CD2 . LEU A 1 14  ? 6.765   -3.635  5.903   1.00 14.29 ? 340 LEU A CD2 1 
ATOM   95   N  N   . TYR A 1 15  ? 9.686   -7.007  4.093   1.00 14.27 ? 341 TYR A N   1 
ATOM   96   C  CA  . TYR A 1 15  ? 10.171  -8.277  3.538   1.00 15.06 ? 341 TYR A CA  1 
ATOM   97   C  C   . TYR A 1 15  ? 9.009   -9.258  3.521   1.00 15.28 ? 341 TYR A C   1 
ATOM   98   O  O   . TYR A 1 15  ? 9.093   -10.370 4.069   1.00 15.51 ? 341 TYR A O   1 
ATOM   99   C  CB  . TYR A 1 15  ? 11.355  -8.793  4.386   1.00 15.61 ? 341 TYR A CB  1 
ATOM   100  C  CG  . TYR A 1 15  ? 12.543  -7.863  4.425   1.00 17.45 ? 341 TYR A CG  1 
ATOM   101  C  CD1 . TYR A 1 15  ? 13.573  -7.982  3.490   1.00 22.58 ? 341 TYR A CD1 1 
ATOM   102  C  CD2 . TYR A 1 15  ? 12.656  -6.872  5.401   1.00 21.84 ? 341 TYR A CD2 1 
ATOM   103  C  CE1 . TYR A 1 15  ? 14.688  -7.126  3.504   1.00 21.57 ? 341 TYR A CE1 1 
ATOM   104  C  CE2 . TYR A 1 15  ? 13.757  -5.988  5.413   1.00 21.13 ? 341 TYR A CE2 1 
ATOM   105  C  CZ  . TYR A 1 15  ? 14.772  -6.140  4.483   1.00 20.87 ? 341 TYR A CZ  1 
ATOM   106  O  OH  . TYR A 1 15  ? 15.870  -5.316  4.516   1.00 22.54 ? 341 TYR A OH  1 
HETATM 107  N  N   . MSE A 1 16  ? 7.917   -8.856  2.866   1.00 14.99 ? 342 MSE A N   1 
HETATM 108  C  CA  . MSE A 1 16  ? 6.673   -9.632  2.903   1.00 15.37 ? 342 MSE A CA  1 
HETATM 109  C  C   . MSE A 1 16  ? 6.572   -10.561 1.694   1.00 15.30 ? 342 MSE A C   1 
HETATM 110  O  O   . MSE A 1 16  ? 7.428   -10.518 0.787   1.00 15.97 ? 342 MSE A O   1 
HETATM 111  C  CB  . MSE A 1 16  ? 5.453   -8.695  3.052   1.00 14.98 ? 342 MSE A CB  1 
HETATM 112  C  CG  . MSE A 1 16  ? 5.552   -7.909  4.376   1.00 16.37 ? 342 MSE A CG  1 
HETATM 113  SE SE  . MSE A 1 16  ? 4.212   -6.507  4.540   0.60 16.01 ? 342 MSE A SE  1 
HETATM 114  C  CE  . MSE A 1 16  ? 2.606   -7.669  4.690   1.00 13.53 ? 342 MSE A CE  1 
ATOM   115  N  N   . THR A 1 17  ? 5.558   -11.420 1.708   1.00 14.17 ? 343 THR A N   1 
ATOM   116  C  CA  . THR A 1 17  ? 5.470   -12.465 0.700   1.00 14.76 ? 343 THR A CA  1 
ATOM   117  C  C   . THR A 1 17  ? 4.140   -12.371 -0.037  1.00 14.66 ? 343 THR A C   1 
ATOM   118  O  O   . THR A 1 17  ? 3.129   -11.985 0.553   1.00 14.79 ? 343 THR A O   1 
ATOM   119  C  CB  . THR A 1 17  ? 5.615   -13.871 1.314   1.00 15.11 ? 343 THR A CB  1 
ATOM   120  O  OG1 . THR A 1 17  ? 4.687   -14.029 2.396   1.00 15.58 ? 343 THR A OG1 1 
ATOM   121  C  CG2 . THR A 1 17  ? 7.038   -14.078 1.874   1.00 14.20 ? 343 THR A CG2 1 
ATOM   122  N  N   . ASP A 1 18  ? 4.136   -12.765 -1.315  1.00 14.60 ? 344 ASP A N   1 
ATOM   123  C  CA  . ASP A 1 18  ? 2.920   -12.672 -2.143  1.00 14.01 ? 344 ASP A CA  1 
ATOM   124  C  C   . ASP A 1 18  ? 1.972   -13.863 -1.866  1.00 13.85 ? 344 ASP A C   1 
ATOM   125  O  O   . ASP A 1 18  ? 2.202   -14.629 -0.921  1.00 13.45 ? 344 ASP A O   1 
ATOM   126  C  CB  . ASP A 1 18  ? 3.282   -12.493 -3.636  1.00 14.45 ? 344 ASP A CB  1 
ATOM   127  C  CG  . ASP A 1 18  ? 3.939   -13.731 -4.249  1.00 14.59 ? 344 ASP A CG  1 
ATOM   128  O  OD1 . ASP A 1 18  ? 3.833   -14.850 -3.669  1.00 15.35 ? 344 ASP A OD1 1 
ATOM   129  O  OD2 . ASP A 1 18  ? 4.561   -13.603 -5.357  1.00 15.66 ? 344 ASP A OD2 1 
ATOM   130  N  N   . THR A 1 19  ? 0.907   -13.995 -2.653  1.00 13.86 ? 345 THR A N   1 
ATOM   131  C  CA  . THR A 1 19  ? -0.127  -15.021 -2.414  1.00 13.44 ? 345 THR A CA  1 
ATOM   132  C  C   . THR A 1 19  ? 0.394   -16.437 -2.660  1.00 13.90 ? 345 THR A C   1 
ATOM   133  O  O   . THR A 1 19  ? -0.274  -17.415 -2.311  1.00 13.69 ? 345 THR A O   1 
ATOM   134  C  CB  . THR A 1 19  ? -1.399  -14.767 -3.254  1.00 14.81 ? 345 THR A CB  1 
ATOM   135  O  OG1 . THR A 1 19  ? -1.052  -14.646 -4.646  1.00 16.27 ? 345 THR A OG1 1 
ATOM   136  C  CG2 . THR A 1 19  ? -2.078  -13.473 -2.808  1.00 12.38 ? 345 THR A CG2 1 
ATOM   137  N  N   . THR A 1 20  ? 1.590   -16.568 -3.220  1.00 13.19 ? 346 THR A N   1 
ATOM   138  C  CA  . THR A 1 20  ? 2.215   -17.898 -3.309  1.00 13.70 ? 346 THR A CA  1 
ATOM   139  C  C   . THR A 1 20  ? 3.215   -18.112 -2.197  1.00 13.63 ? 346 THR A C   1 
ATOM   140  O  O   . THR A 1 20  ? 3.859   -19.140 -2.160  1.00 14.56 ? 346 THR A O   1 
ATOM   141  C  CB  . THR A 1 20  ? 2.939   -18.164 -4.655  1.00 14.23 ? 346 THR A CB  1 
ATOM   142  O  OG1 . THR A 1 20  ? 4.049   -17.259 -4.770  1.00 15.47 ? 346 THR A OG1 1 
ATOM   143  C  CG2 . THR A 1 20  ? 1.972   -17.985 -5.818  1.00 14.23 ? 346 THR A CG2 1 
ATOM   144  N  N   . GLY A 1 21  ? 3.347   -17.148 -1.282  1.00 13.83 ? 347 GLY A N   1 
ATOM   145  C  CA  . GLY A 1 21  ? 4.365   -17.296 -0.244  1.00 14.06 ? 347 GLY A CA  1 
ATOM   146  C  C   . GLY A 1 21  ? 5.755   -16.914 -0.672  1.00 13.48 ? 347 GLY A C   1 
ATOM   147  O  O   . GLY A 1 21  ? 6.731   -17.158 0.069   1.00 13.03 ? 347 GLY A O   1 
ATOM   148  N  N   . THR A 1 22  ? 5.868   -16.260 -1.838  1.00 12.91 ? 348 THR A N   1 
ATOM   149  C  CA  . THR A 1 22  ? 7.169   -15.911 -2.348  1.00 13.11 ? 348 THR A CA  1 
ATOM   150  C  C   . THR A 1 22  ? 7.534   -14.469 -1.995  1.00 13.44 ? 348 THR A C   1 
ATOM   151  O  O   . THR A 1 22  ? 6.677   -13.563 -2.092  1.00 13.85 ? 348 THR A O   1 
ATOM   152  C  CB  . THR A 1 22  ? 7.191   -16.072 -3.875  1.00 12.32 ? 348 THR A CB  1 
ATOM   153  O  OG1 . THR A 1 22  ? 6.767   -17.400 -4.179  1.00 15.15 ? 348 THR A OG1 1 
ATOM   154  C  CG2 . THR A 1 22  ? 8.577   -15.883 -4.382  1.00 14.11 ? 348 THR A CG2 1 
ATOM   155  N  N   . TYR A 1 23  ? 8.790   -14.239 -1.596  1.00 13.69 ? 349 TYR A N   1 
ATOM   156  C  CA  . TYR A 1 23  ? 9.208   -12.883 -1.194  1.00 13.14 ? 349 TYR A CA  1 
ATOM   157  C  C   . TYR A 1 23  ? 8.981   -11.873 -2.303  1.00 14.21 ? 349 TYR A C   1 
ATOM   158  O  O   . TYR A 1 23  ? 9.350   -12.140 -3.459  1.00 13.70 ? 349 TYR A O   1 
ATOM   159  C  CB  . TYR A 1 23  ? 10.690  -12.828 -0.804  1.00 12.40 ? 349 TYR A CB  1 
ATOM   160  C  CG  . TYR A 1 23  ? 10.982  -13.327 0.585   1.00 13.74 ? 349 TYR A CG  1 
ATOM   161  C  CD1 . TYR A 1 23  ? 10.397  -12.701 1.718   1.00 15.17 ? 349 TYR A CD1 1 
ATOM   162  C  CD2 . TYR A 1 23  ? 11.861  -14.415 0.793   1.00 15.84 ? 349 TYR A CD2 1 
ATOM   163  C  CE1 . TYR A 1 23  ? 10.685  -13.148 3.022   1.00 17.70 ? 349 TYR A CE1 1 
ATOM   164  C  CE2 . TYR A 1 23  ? 12.156  -14.868 2.096   1.00 17.59 ? 349 TYR A CE2 1 
ATOM   165  C  CZ  . TYR A 1 23  ? 11.564  -14.225 3.195   1.00 15.69 ? 349 TYR A CZ  1 
ATOM   166  O  OH  . TYR A 1 23  ? 11.867  -14.660 4.456   1.00 17.24 ? 349 TYR A OH  1 
ATOM   167  N  N   . ARG A 1 24  ? 8.367   -10.741 -1.948  1.00 13.62 ? 350 ARG A N   1 
ATOM   168  C  CA  . ARG A 1 24  ? 8.307   -9.562  -2.809  1.00 15.55 ? 350 ARG A CA  1 
ATOM   169  C  C   . ARG A 1 24  ? 8.635   -8.350  -1.959  1.00 14.92 ? 350 ARG A C   1 
ATOM   170  O  O   . ARG A 1 24  ? 7.740   -7.738  -1.361  1.00 16.40 ? 350 ARG A O   1 
ATOM   171  C  CB  . ARG A 1 24  ? 6.920   -9.429  -3.467  1.00 15.22 ? 350 ARG A CB  1 
ATOM   172  C  CG  . ARG A 1 24  ? 6.518   -10.578 -4.423  1.00 15.33 ? 350 ARG A CG  1 
ATOM   173  C  CD  . ARG A 1 24  ? 7.421   -10.708 -5.706  1.00 16.18 ? 350 ARG A CD  1 
ATOM   174  N  NE  . ARG A 1 24  ? 7.768   -9.381  -6.259  1.00 18.65 ? 350 ARG A NE  1 
ATOM   175  C  CZ  . ARG A 1 24  ? 6.943   -8.595  -6.960  1.00 19.41 ? 350 ARG A CZ  1 
ATOM   176  N  NH1 . ARG A 1 24  ? 7.366   -7.414  -7.353  1.00 22.70 ? 350 ARG A NH1 1 
ATOM   177  N  NH2 . ARG A 1 24  ? 5.704   -8.965  -7.284  1.00 15.57 ? 350 ARG A NH2 1 
ATOM   178  N  N   . TYR A 1 25  ? 9.921   -8.036  -1.832  1.00 14.94 ? 351 TYR A N   1 
ATOM   179  C  CA  . TYR A 1 25  ? 10.316  -6.898  -0.986  1.00 14.75 ? 351 TYR A CA  1 
ATOM   180  C  C   . TYR A 1 25  ? 9.799   -5.584  -1.524  1.00 15.38 ? 351 TYR A C   1 
ATOM   181  O  O   . TYR A 1 25  ? 9.802   -5.347  -2.751  1.00 16.38 ? 351 TYR A O   1 
ATOM   182  C  CB  . TYR A 1 25  ? 11.841  -6.732  -0.825  1.00 15.28 ? 351 TYR A CB  1 
ATOM   183  C  CG  . TYR A 1 25  ? 12.637  -7.930  -0.334  1.00 16.57 ? 351 TYR A CG  1 
ATOM   184  C  CD1 . TYR A 1 25  ? 12.005  -9.075  0.246   1.00 16.27 ? 351 TYR A CD1 1 
ATOM   185  C  CD2 . TYR A 1 25  ? 14.037  -7.900  -0.427  1.00 15.91 ? 351 TYR A CD2 1 
ATOM   186  C  CE1 . TYR A 1 25  ? 12.796  -10.203 0.689   1.00 14.46 ? 351 TYR A CE1 1 
ATOM   187  C  CE2 . TYR A 1 25  ? 14.827  -8.977  0.023   1.00 17.59 ? 351 TYR A CE2 1 
ATOM   188  C  CZ  . TYR A 1 25  ? 14.187  -10.115 0.570   1.00 15.58 ? 351 TYR A CZ  1 
ATOM   189  O  OH  . TYR A 1 25  ? 14.982  -11.124 0.989   1.00 16.40 ? 351 TYR A OH  1 
ATOM   190  N  N   . LEU A 1 26  ? 9.394   -4.708  -0.602  1.00 15.66 ? 352 LEU A N   1 
ATOM   191  C  CA  . LEU A 1 26  ? 8.911   -3.382  -1.007  1.00 15.88 ? 352 LEU A CA  1 
ATOM   192  C  C   . LEU A 1 26  ? 9.911   -2.649  -1.907  1.00 16.11 ? 352 LEU A C   1 
ATOM   193  O  O   . LEU A 1 26  ? 9.531   -2.078  -2.966  1.00 16.87 ? 352 LEU A O   1 
ATOM   194  C  CB  . LEU A 1 26  ? 8.550   -2.530  0.231   1.00 13.98 ? 352 LEU A CB  1 
ATOM   195  C  CG  . LEU A 1 26  ? 8.212   -1.070  -0.102  1.00 16.24 ? 352 LEU A CG  1 
ATOM   196  C  CD1 . LEU A 1 26  ? 6.920   -1.007  -0.945  1.00 16.09 ? 352 LEU A CD1 1 
ATOM   197  C  CD2 . LEU A 1 26  ? 8.059   -0.268  1.224   1.00 14.12 ? 352 LEU A CD2 1 
ATOM   198  N  N   . TYR A 1 27  ? 11.185  -2.672  -1.519  1.00 15.55 ? 353 TYR A N   1 
ATOM   199  C  CA  . TYR A 1 27  ? 12.184  -1.926  -2.234  1.00 16.60 ? 353 TYR A CA  1 
ATOM   200  C  C   . TYR A 1 27  ? 12.444  -2.467  -3.648  1.00 17.30 ? 353 TYR A C   1 
ATOM   201  O  O   . TYR A 1 27  ? 13.009  -1.761  -4.510  1.00 17.70 ? 353 TYR A O   1 
ATOM   202  C  CB  . TYR A 1 27  ? 13.497  -1.922  -1.431  1.00 17.66 ? 353 TYR A CB  1 
ATOM   203  C  CG  . TYR A 1 27  ? 13.529  -0.893  -0.290  1.00 17.72 ? 353 TYR A CG  1 
ATOM   204  C  CD1 . TYR A 1 27  ? 12.366  -0.296  0.184   1.00 22.05 ? 353 TYR A CD1 1 
ATOM   205  C  CD2 . TYR A 1 27  ? 14.719  -0.596  0.352   1.00 18.92 ? 353 TYR A CD2 1 
ATOM   206  C  CE1 . TYR A 1 27  ? 12.393  0.629   1.234   1.00 18.09 ? 353 TYR A CE1 1 
ATOM   207  C  CE2 . TYR A 1 27  ? 14.776  0.311   1.403   1.00 19.13 ? 353 TYR A CE2 1 
ATOM   208  C  CZ  . TYR A 1 27  ? 13.610  0.918   1.837   1.00 20.83 ? 353 TYR A CZ  1 
ATOM   209  O  OH  . TYR A 1 27  ? 13.696  1.807   2.872   1.00 21.30 ? 353 TYR A OH  1 
ATOM   210  N  N   . ASP A 1 28  ? 12.022  -3.690  -3.897  1.00 16.87 ? 354 ASP A N   1 
ATOM   211  C  CA  . ASP A 1 28  ? 12.210  -4.309  -5.210  1.00 18.43 ? 354 ASP A CA  1 
ATOM   212  C  C   . ASP A 1 28  ? 11.081  -4.020  -6.203  1.00 17.65 ? 354 ASP A C   1 
ATOM   213  O  O   . ASP A 1 28  ? 11.197  -4.366  -7.399  1.00 17.59 ? 354 ASP A O   1 
ATOM   214  C  CB  . ASP A 1 28  ? 12.414  -5.827  -5.064  1.00 18.74 ? 354 ASP A CB  1 
ATOM   215  C  CG  . ASP A 1 28  ? 13.742  -6.160  -4.426  1.00 22.15 ? 354 ASP A CG  1 
ATOM   216  O  OD1 . ASP A 1 28  ? 14.689  -5.385  -4.648  1.00 24.36 ? 354 ASP A OD1 1 
ATOM   217  O  OD2 . ASP A 1 28  ? 13.851  -7.169  -3.692  1.00 23.77 ? 354 ASP A OD2 1 
ATOM   218  N  N   . VAL A 1 29  ? 10.037  -3.360  -5.740  1.00 15.79 ? 355 VAL A N   1 
ATOM   219  C  CA  . VAL A 1 29  ? 8.937   -2.949  -6.587  1.00 16.91 ? 355 VAL A CA  1 
ATOM   220  C  C   . VAL A 1 29  ? 9.436   -1.838  -7.504  1.00 17.29 ? 355 VAL A C   1 
ATOM   221  O  O   . VAL A 1 29  ? 10.079  -0.904  -7.026  1.00 18.11 ? 355 VAL A O   1 
ATOM   222  C  CB  . VAL A 1 29  ? 7.733   -2.487  -5.769  1.00 17.71 ? 355 VAL A CB  1 
ATOM   223  C  CG1 . VAL A 1 29  ? 6.636   -1.944  -6.712  1.00 18.68 ? 355 VAL A CG1 1 
ATOM   224  C  CG2 . VAL A 1 29  ? 7.198   -3.720  -4.954  1.00 18.12 ? 355 VAL A CG2 1 
ATOM   225  N  N   . GLN A 1 30  ? 9.161   -1.977  -8.789  1.00 16.47 ? 356 GLN A N   1 
ATOM   226  C  CA  A GLN A 1 30  ? 9.430   -0.964  -9.782  0.50 17.59 ? 356 GLN A CA  1 
ATOM   227  C  CA  B GLN A 1 30  ? 9.520   -0.954  -9.763  0.50 17.12 ? 356 GLN A CA  1 
ATOM   228  C  C   . GLN A 1 30  ? 8.206   -0.281  -10.209 1.00 17.33 ? 356 GLN A C   1 
ATOM   229  O  O   . GLN A 1 30  ? 7.439   -0.840  -10.923 1.00 18.06 ? 356 GLN A O   1 
ATOM   230  C  CB  A GLN A 1 30  ? 9.934   -1.570  -11.064 0.50 18.42 ? 356 GLN A CB  1 
ATOM   231  C  CB  B GLN A 1 30  ? 10.271  -1.542  -10.951 0.50 17.77 ? 356 GLN A CB  1 
ATOM   232  C  CG  A GLN A 1 30  ? 10.865  -2.590  -10.896 0.50 20.41 ? 356 GLN A CG  1 
ATOM   233  C  CG  B GLN A 1 30  ? 11.760  -1.445  -10.827 0.50 17.47 ? 356 GLN A CG  1 
ATOM   234  C  CD  A GLN A 1 30  ? 12.193  -2.045  -10.997 0.50 23.75 ? 356 GLN A CD  1 
ATOM   235  C  CD  B GLN A 1 30  ? 12.459  -1.927  -12.080 0.50 18.30 ? 356 GLN A CD  1 
ATOM   236  O  OE1 A GLN A 1 30  ? 12.675  -1.494  -10.047 0.50 25.90 ? 356 GLN A OE1 1 
ATOM   237  O  OE1 B GLN A 1 30  ? 12.544  -3.137  -12.332 0.50 17.54 ? 356 GLN A OE1 1 
ATOM   238  N  NE2 A GLN A 1 30  ? 12.811  -2.159  -12.163 0.50 24.57 ? 356 GLN A NE2 1 
ATOM   239  N  NE2 B GLN A 1 30  ? 12.947  -0.985  -12.877 0.50 15.46 ? 356 GLN A NE2 1 
ATOM   240  N  N   . ALA A 1 31  ? 8.071   0.959   -9.836  1.00 16.53 ? 357 ALA A N   1 
ATOM   241  C  CA  . ALA A 1 31  ? 6.878   1.712   -10.218 1.00 15.85 ? 357 ALA A CA  1 
ATOM   242  C  C   . ALA A 1 31  ? 7.134   3.208   -10.007 1.00 15.71 ? 357 ALA A C   1 
ATOM   243  O  O   . ALA A 1 31  ? 7.837   3.600   -9.067  1.00 15.89 ? 357 ALA A O   1 
ATOM   244  C  CB  . ALA A 1 31  ? 5.656   1.261   -9.319  1.00 15.92 ? 357 ALA A CB  1 
ATOM   245  N  N   . LYS A 1 32  ? 6.538   4.038   -10.857 1.00 15.31 ? 358 LYS A N   1 
ATOM   246  C  CA  . LYS A 1 32  ? 6.660   5.474   -10.721 1.00 15.01 ? 358 LYS A CA  1 
ATOM   247  C  C   . LYS A 1 32  ? 6.127   5.922   -9.336  1.00 15.27 ? 358 LYS A C   1 
ATOM   248  O  O   . LYS A 1 32  ? 6.725   6.813   -8.677  1.00 15.28 ? 358 LYS A O   1 
ATOM   249  C  CB  . LYS A 1 32  ? 5.911   6.188   -11.853 1.00 15.03 ? 358 LYS A CB  1 
ATOM   250  C  CG  . LYS A 1 32  ? 5.907   7.692   -11.698 1.00 16.37 ? 358 LYS A CG  1 
ATOM   251  C  CD  . LYS A 1 32  ? 5.260   8.351   -12.895 1.00 18.72 ? 358 LYS A CD  1 
ATOM   252  C  CE  . LYS A 1 32  ? 5.468   9.824   -12.800 1.00 22.32 ? 358 LYS A CE  1 
ATOM   253  N  NZ  . LYS A 1 32  ? 4.663   10.556  -13.808 1.00 26.12 ? 358 LYS A NZ  1 
ATOM   254  N  N   . TYR A 1 33  ? 5.003   5.326   -8.891  1.00 13.81 ? 359 TYR A N   1 
ATOM   255  C  CA  . TYR A 1 33  ? 4.476   5.592   -7.531  1.00 13.77 ? 359 TYR A CA  1 
ATOM   256  C  C   . TYR A 1 33  ? 4.080   4.253   -6.979  1.00 14.10 ? 359 TYR A C   1 
ATOM   257  O  O   . TYR A 1 33  ? 3.545   3.425   -7.734  1.00 13.37 ? 359 TYR A O   1 
ATOM   258  C  CB  . TYR A 1 33  ? 3.184   6.415   -7.507  1.00 13.79 ? 359 TYR A CB  1 
ATOM   259  C  CG  . TYR A 1 33  ? 3.387   7.784   -8.037  1.00 15.44 ? 359 TYR A CG  1 
ATOM   260  C  CD1 . TYR A 1 33  ? 4.095   8.741   -7.300  1.00 14.60 ? 359 TYR A CD1 1 
ATOM   261  C  CD2 . TYR A 1 33  ? 2.901   8.127   -9.294  1.00 16.97 ? 359 TYR A CD2 1 
ATOM   262  C  CE1 . TYR A 1 33  ? 4.320   10.055  -7.852  1.00 15.01 ? 359 TYR A CE1 1 
ATOM   263  C  CE2 . TYR A 1 33  ? 3.117   9.417   -9.833  1.00 16.42 ? 359 TYR A CE2 1 
ATOM   264  C  CZ  . TYR A 1 33  ? 3.817   10.364  -9.089  1.00 17.10 ? 359 TYR A CZ  1 
ATOM   265  O  OH  . TYR A 1 33  ? 4.024   11.633  -9.632  1.00 15.73 ? 359 TYR A OH  1 
ATOM   266  N  N   . THR A 1 34  ? 4.367   4.040   -5.697  1.00 14.10 ? 360 THR A N   1 
ATOM   267  C  CA  A THR A 1 34  ? 3.865   2.870   -4.974  0.70 14.18 ? 360 THR A CA  1 
ATOM   268  C  CA  B THR A 1 34  ? 3.854   2.885   -4.988  0.30 14.85 ? 360 THR A CA  1 
ATOM   269  C  C   . THR A 1 34  ? 2.924   3.340   -3.879  1.00 15.54 ? 360 THR A C   1 
ATOM   270  O  O   . THR A 1 34  ? 3.298   4.181   -3.042  1.00 15.52 ? 360 THR A O   1 
ATOM   271  C  CB  A THR A 1 34  ? 4.985   2.012   -4.313  0.70 14.11 ? 360 THR A CB  1 
ATOM   272  C  CB  B THR A 1 34  ? 4.975   2.036   -4.374  0.30 14.87 ? 360 THR A CB  1 
ATOM   273  O  OG1 A THR A 1 34  ? 5.912   1.607   -5.312  0.70 14.87 ? 360 THR A OG1 1 
ATOM   274  O  OG1 B THR A 1 34  ? 6.084   2.876   -4.053  0.30 15.33 ? 360 THR A OG1 1 
ATOM   275  C  CG2 A THR A 1 34  ? 4.382   0.734   -3.570  0.70 10.88 ? 360 THR A CG2 1 
ATOM   276  C  CG2 B THR A 1 34  ? 5.415   0.994   -5.339  0.30 15.07 ? 360 THR A CG2 1 
ATOM   277  N  N   . ILE A 1 35  ? 1.704   2.801   -3.883  1.00 14.89 ? 361 ILE A N   1 
ATOM   278  C  CA  A ILE A 1 35  ? 0.757   3.035   -2.817  0.50 14.74 ? 361 ILE A CA  1 
ATOM   279  C  CA  B ILE A 1 35  ? 0.805   3.046   -2.782  0.50 15.39 ? 361 ILE A CA  1 
ATOM   280  C  C   . ILE A 1 35  ? 0.986   1.925   -1.776  1.00 15.84 ? 361 ILE A C   1 
ATOM   281  O  O   . ILE A 1 35  ? 0.776   0.742   -2.071  1.00 16.84 ? 361 ILE A O   1 
ATOM   282  C  CB  A ILE A 1 35  ? -0.705  3.005   -3.347  0.50 13.63 ? 361 ILE A CB  1 
ATOM   283  C  CB  B ILE A 1 35  ? -0.645  3.173   -3.234  0.50 14.78 ? 361 ILE A CB  1 
ATOM   284  C  CG1 A ILE A 1 35  ? -0.870  3.867   -4.613  0.50 12.75 ? 361 ILE A CG1 1 
ATOM   285  C  CG1 B ILE A 1 35  ? -0.836  4.537   -3.893  0.50 16.82 ? 361 ILE A CG1 1 
ATOM   286  C  CG2 A ILE A 1 35  ? -1.701  3.414   -2.247  0.50 14.93 ? 361 ILE A CG2 1 
ATOM   287  C  CG2 B ILE A 1 35  ? -1.603  3.032   -2.023  0.50 15.55 ? 361 ILE A CG2 1 
ATOM   288  C  CD1 A ILE A 1 35  ? -0.364  5.297   -4.470  0.50 9.50  ? 361 ILE A CD1 1 
ATOM   289  C  CD1 B ILE A 1 35  ? -1.705  4.486   -5.058  0.50 16.97 ? 361 ILE A CD1 1 
ATOM   290  N  N   . LEU A 1 36  ? 1.432   2.306   -0.596  1.00 14.46 ? 362 LEU A N   1 
ATOM   291  C  CA  . LEU A 1 36  ? 1.623   1.365   0.433   1.00 16.10 ? 362 LEU A CA  1 
ATOM   292  C  C   . LEU A 1 36  ? 0.298   1.298   1.203   1.00 15.92 ? 362 LEU A C   1 
ATOM   293  O  O   . LEU A 1 36  ? -0.124  2.286   1.807   1.00 17.04 ? 362 LEU A O   1 
ATOM   294  C  CB  . LEU A 1 36  ? 2.833   1.777   1.287   1.00 16.99 ? 362 LEU A CB  1 
ATOM   295  C  CG  . LEU A 1 36  ? 3.122   0.950   2.520   1.00 17.71 ? 362 LEU A CG  1 
ATOM   296  C  CD1 . LEU A 1 36  ? 3.194   -0.604  2.214   1.00 20.77 ? 362 LEU A CD1 1 
ATOM   297  C  CD2 . LEU A 1 36  ? 4.473   1.485   3.044   1.00 17.54 ? 362 LEU A CD2 1 
ATOM   298  N  N   . PHE A 1 37  ? -0.352  0.135   1.195   1.00 15.16 ? 363 PHE A N   1 
ATOM   299  C  CA  . PHE A 1 37  ? -1.715  0.032   1.791   1.00 15.14 ? 363 PHE A CA  1 
ATOM   300  C  C   . PHE A 1 37  ? -1.857  -1.090  2.818   1.00 14.97 ? 363 PHE A C   1 
ATOM   301  O  O   . PHE A 1 37  ? -1.899  -2.264  2.460   1.00 14.83 ? 363 PHE A O   1 
ATOM   302  C  CB  . PHE A 1 37  ? -2.739  -0.114  0.641   1.00 15.34 ? 363 PHE A CB  1 
ATOM   303  C  CG  . PHE A 1 37  ? -4.155  -0.100  1.067   1.00 16.63 ? 363 PHE A CG  1 
ATOM   304  C  CD1 . PHE A 1 37  ? -4.755  1.075   1.557   1.00 17.10 ? 363 PHE A CD1 1 
ATOM   305  C  CD2 . PHE A 1 37  ? -4.918  -1.266  0.991   1.00 20.15 ? 363 PHE A CD2 1 
ATOM   306  C  CE1 . PHE A 1 37  ? -6.128  1.073   1.947   1.00 20.00 ? 363 PHE A CE1 1 
ATOM   307  C  CE2 . PHE A 1 37  ? -6.269  -1.270  1.382   1.00 19.49 ? 363 PHE A CE2 1 
ATOM   308  C  CZ  . PHE A 1 37  ? -6.866  -0.094  1.853   1.00 20.04 ? 363 PHE A CZ  1 
ATOM   309  N  N   . PHE A 1 38  ? -1.995  -0.726  4.097   1.00 14.36 ? 364 PHE A N   1 
ATOM   310  C  CA  . PHE A 1 38  ? -2.088  -1.727  5.156   1.00 14.82 ? 364 PHE A CA  1 
ATOM   311  C  C   . PHE A 1 38  ? -3.556  -1.963  5.467   1.00 15.31 ? 364 PHE A C   1 
ATOM   312  O  O   . PHE A 1 38  ? -4.310  -1.003  5.692   1.00 14.48 ? 364 PHE A O   1 
ATOM   313  C  CB  . PHE A 1 38  ? -1.349  -1.294  6.436   1.00 14.01 ? 364 PHE A CB  1 
ATOM   314  C  CG  . PHE A 1 38  ? 0.122   -1.048  6.251   1.00 16.33 ? 364 PHE A CG  1 
ATOM   315  C  CD1 . PHE A 1 38  ? 1.060   -2.092  6.451   1.00 14.47 ? 364 PHE A CD1 1 
ATOM   316  C  CD2 . PHE A 1 38  ? 0.595   0.242   5.923   1.00 18.44 ? 364 PHE A CD2 1 
ATOM   317  C  CE1 . PHE A 1 38  ? 2.453   -1.885  6.259   1.00 19.25 ? 364 PHE A CE1 1 
ATOM   318  C  CE2 . PHE A 1 38  ? 2.001   0.479   5.753   1.00 20.76 ? 364 PHE A CE2 1 
ATOM   319  C  CZ  . PHE A 1 38  ? 2.931   -0.583  5.908   1.00 18.22 ? 364 PHE A CZ  1 
ATOM   320  N  N   . TRP A 1 39  ? -3.960  -3.231  5.490   1.00 15.21 ? 365 TRP A N   1 
ATOM   321  C  CA  . TRP A 1 39  ? -5.375  -3.572  5.624   1.00 15.70 ? 365 TRP A CA  1 
ATOM   322  C  C   . TRP A 1 39  ? -5.526  -4.927  6.289   1.00 15.23 ? 365 TRP A C   1 
ATOM   323  O  O   . TRP A 1 39  ? -4.542  -5.672  6.487   1.00 14.94 ? 365 TRP A O   1 
ATOM   324  C  CB  . TRP A 1 39  ? -6.082  -3.538  4.249   1.00 15.60 ? 365 TRP A CB  1 
ATOM   325  C  CG  . TRP A 1 39  ? -5.711  -4.673  3.354   1.00 15.61 ? 365 TRP A CG  1 
ATOM   326  C  CD1 . TRP A 1 39  ? -4.517  -4.845  2.647   1.00 15.03 ? 365 TRP A CD1 1 
ATOM   327  C  CD2 . TRP A 1 39  ? -6.512  -5.821  3.085   1.00 15.36 ? 365 TRP A CD2 1 
ATOM   328  N  NE1 . TRP A 1 39  ? -4.574  -6.029  1.930   1.00 13.89 ? 365 TRP A NE1 1 
ATOM   329  C  CE2 . TRP A 1 39  ? -5.779  -6.644  2.198   1.00 16.69 ? 365 TRP A CE2 1 
ATOM   330  C  CE3 . TRP A 1 39  ? -7.794  -6.231  3.503   1.00 15.16 ? 365 TRP A CE3 1 
ATOM   331  C  CZ2 . TRP A 1 39  ? -6.285  -7.865  1.730   1.00 13.73 ? 365 TRP A CZ2 1 
ATOM   332  C  CZ3 . TRP A 1 39  ? -8.300  -7.438  3.035   1.00 17.98 ? 365 TRP A CZ3 1 
ATOM   333  C  CH2 . TRP A 1 39  ? -7.549  -8.236  2.151   1.00 16.66 ? 365 TRP A CH2 1 
ATOM   334  N  N   . ASP A 1 40  ? -6.771  -5.231  6.684   1.00 14.84 ? 366 ASP A N   1 
ATOM   335  C  CA  . ASP A 1 40  ? -7.076  -6.427  7.468   1.00 14.15 ? 366 ASP A CA  1 
ATOM   336  C  C   . ASP A 1 40  ? -8.441  -6.924  6.999   1.00 14.84 ? 366 ASP A C   1 
ATOM   337  O  O   . ASP A 1 40  ? -9.424  -6.175  7.025   1.00 14.34 ? 366 ASP A O   1 
ATOM   338  C  CB  . ASP A 1 40  ? -7.094  -6.043  8.960   1.00 14.19 ? 366 ASP A CB  1 
ATOM   339  C  CG  . ASP A 1 40  ? -7.321  -7.212  9.892   1.00 16.14 ? 366 ASP A CG  1 
ATOM   340  O  OD1 . ASP A 1 40  ? -7.685  -8.335  9.479   1.00 15.58 ? 366 ASP A OD1 1 
ATOM   341  O  OD2 . ASP A 1 40  ? -7.178  -6.968  11.109  1.00 19.53 ? 366 ASP A OD2 1 
ATOM   342  N  N   . SER A 1 41  ? -8.506  -8.176  6.558   1.00 15.18 ? 367 SER A N   1 
ATOM   343  C  CA  . SER A 1 41  ? -9.795  -8.730  6.104   1.00 15.97 ? 367 SER A CA  1 
ATOM   344  C  C   . SER A 1 41  ? -10.797 -8.807  7.251   1.00 16.48 ? 367 SER A C   1 
ATOM   345  O  O   . SER A 1 41  ? -12.016 -8.740  7.042   1.00 16.94 ? 367 SER A O   1 
ATOM   346  C  CB  . SER A 1 41  ? -9.597  -10.108 5.455   1.00 15.62 ? 367 SER A CB  1 
ATOM   347  O  OG  . SER A 1 41  ? -9.428  -11.109 6.460   1.00 17.24 ? 367 SER A OG  1 
ATOM   348  N  N   . GLN A 1 42  ? -10.292 -8.899  8.474   1.00 17.25 ? 368 GLN A N   1 
ATOM   349  C  CA  . GLN A 1 42  ? -11.188 -8.986  9.627   1.00 17.61 ? 368 GLN A CA  1 
ATOM   350  C  C   . GLN A 1 42  ? -11.899 -7.692  9.953   1.00 18.46 ? 368 GLN A C   1 
ATOM   351  O  O   . GLN A 1 42  ? -12.695 -7.643  10.873  1.00 18.92 ? 368 GLN A O   1 
ATOM   352  C  CB  . GLN A 1 42  ? -10.453 -9.541  10.835  1.00 17.66 ? 368 GLN A CB  1 
ATOM   353  C  CG  . GLN A 1 42  ? -9.889  -10.934 10.535  1.00 17.58 ? 368 GLN A CG  1 
ATOM   354  C  CD  . GLN A 1 42  ? -10.951 -11.861 9.964   1.00 19.98 ? 368 GLN A CD  1 
ATOM   355  O  OE1 . GLN A 1 42  ? -11.751 -12.396 10.712  1.00 20.83 ? 368 GLN A OE1 1 
ATOM   356  N  NE2 . GLN A 1 42  ? -10.962 -12.059 8.640   1.00 17.13 ? 368 GLN A NE2 1 
ATOM   357  N  N   . CYS A 1 43  ? -11.646 -6.645  9.180   1.00 19.22 ? 369 CYS A N   1 
ATOM   358  C  CA  . CYS A 1 43  ? -12.426 -5.412  9.309   1.00 20.21 ? 369 CYS A CA  1 
ATOM   359  C  C   . CYS A 1 43  ? -13.787 -5.557  8.697   1.00 19.53 ? 369 CYS A C   1 
ATOM   360  O  O   . CYS A 1 43  ? -14.638 -4.701  8.904   1.00 21.23 ? 369 CYS A O   1 
ATOM   361  C  CB  . CYS A 1 43  ? -11.729 -4.250  8.617   1.00 19.86 ? 369 CYS A CB  1 
ATOM   362  S  SG  . CYS A 1 43  ? -10.329 -3.681  9.512   1.00 26.25 ? 369 CYS A SG  1 
ATOM   363  N  N   . GLY A 1 44  ? -13.990 -6.620  7.935   1.00 18.76 ? 370 GLY A N   1 
ATOM   364  C  CA  . GLY A 1 44  ? -15.324 -7.017  7.460   1.00 18.99 ? 370 GLY A CA  1 
ATOM   365  C  C   . GLY A 1 44  ? -15.278 -7.310  5.970   1.00 18.27 ? 370 GLY A C   1 
ATOM   366  O  O   . GLY A 1 44  ? -14.494 -6.704  5.232   1.00 18.48 ? 370 GLY A O   1 
ATOM   367  N  N   . HIS A 1 45  ? -16.133 -8.233  5.540   1.00 18.31 ? 371 HIS A N   1 
ATOM   368  C  CA  . HIS A 1 45  ? -16.265 -8.612  4.133   1.00 19.02 ? 371 HIS A CA  1 
ATOM   369  C  C   . HIS A 1 45  ? -16.662 -7.408  3.238   1.00 17.85 ? 371 HIS A C   1 
ATOM   370  O  O   . HIS A 1 45  ? -16.243 -7.317  2.088   1.00 16.91 ? 371 HIS A O   1 
ATOM   371  C  CB  . HIS A 1 45  ? -17.246 -9.790  4.014   1.00 20.51 ? 371 HIS A CB  1 
ATOM   372  C  CG  . HIS A 1 45  ? -17.578 -10.168 2.602   1.00 26.73 ? 371 HIS A CG  1 
ATOM   373  N  ND1 . HIS A 1 45  ? -16.655 -10.741 1.742   1.00 32.45 ? 371 HIS A ND1 1 
ATOM   374  C  CD2 . HIS A 1 45  ? -18.733 -10.059 1.897   1.00 31.59 ? 371 HIS A CD2 1 
ATOM   375  C  CE1 . HIS A 1 45  ? -17.228 -10.966 0.569   1.00 33.52 ? 371 HIS A CE1 1 
ATOM   376  N  NE2 . HIS A 1 45  ? -18.486 -10.557 0.637   1.00 35.69 ? 371 HIS A NE2 1 
ATOM   377  N  N   . CYS A 1 46  ? -17.416 -6.462  3.797   1.00 17.14 ? 372 CYS A N   1 
ATOM   378  C  CA  . CYS A 1 46  ? -17.898 -5.302  3.034   1.00 16.71 ? 372 CYS A CA  1 
ATOM   379  C  C   . CYS A 1 46  ? -17.109 -4.020  3.233   1.00 16.07 ? 372 CYS A C   1 
ATOM   380  O  O   . CYS A 1 46  ? -17.586 -2.941  2.878   1.00 14.99 ? 372 CYS A O   1 
ATOM   381  C  CB  . CYS A 1 46  ? -19.362 -5.029  3.365   1.00 17.18 ? 372 CYS A CB  1 
ATOM   382  S  SG  . CYS A 1 46  ? -20.327 -6.368  2.715   1.00 21.43 ? 372 CYS A SG  1 
ATOM   383  N  N   . GLN A 1 47  ? -15.925 -4.125  3.817   1.00 15.36 ? 373 GLN A N   1 
ATOM   384  C  CA  . GLN A 1 47  ? -15.151 -2.920  4.103   1.00 16.25 ? 373 GLN A CA  1 
ATOM   385  C  C   . GLN A 1 47  ? -14.971 -2.156  2.789   1.00 16.24 ? 373 GLN A C   1 
ATOM   386  O  O   . GLN A 1 47  ? -14.823 -2.789  1.726   1.00 15.10 ? 373 GLN A O   1 
ATOM   387  C  CB  . GLN A 1 47  ? -13.797 -3.283  4.700   1.00 15.99 ? 373 GLN A CB  1 
ATOM   388  C  CG  . GLN A 1 47  ? -12.903 -4.171  3.786   1.00 16.63 ? 373 GLN A CG  1 
ATOM   389  C  CD  . GLN A 1 47  ? -11.658 -4.572  4.513   1.00 15.63 ? 373 GLN A CD  1 
ATOM   390  O  OE1 . GLN A 1 47  ? -10.688 -3.855  4.486   1.00 18.25 ? 373 GLN A OE1 1 
ATOM   391  N  NE2 . GLN A 1 47  ? -11.725 -5.662  5.273   1.00 17.17 ? 373 GLN A NE2 1 
ATOM   392  N  N   . GLN A 1 48  ? -14.945 -0.826  2.857   1.00 16.09 ? 374 GLN A N   1 
ATOM   393  C  CA  . GLN A 1 48  ? -15.029 -0.032  1.627   1.00 17.35 ? 374 GLN A CA  1 
ATOM   394  C  C   . GLN A 1 48  ? -13.748 0.431   0.964   1.00 17.00 ? 374 GLN A C   1 
ATOM   395  O  O   . GLN A 1 48  ? -13.674 0.441   -0.261  1.00 17.68 ? 374 GLN A O   1 
ATOM   396  C  CB  . GLN A 1 48  ? -15.937 1.168   1.841   1.00 17.84 ? 374 GLN A CB  1 
ATOM   397  C  CG  . GLN A 1 48  ? -17.352 0.711   2.088   1.00 21.28 ? 374 GLN A CG  1 
ATOM   398  C  CD  . GLN A 1 48  ? -18.013 0.189   0.826   1.00 25.48 ? 374 GLN A CD  1 
ATOM   399  O  OE1 . GLN A 1 48  ? -18.243 -1.019  0.666   1.00 28.28 ? 374 GLN A OE1 1 
ATOM   400  N  NE2 . GLN A 1 48  ? -18.323 1.100   -0.081  1.00 26.63 ? 374 GLN A NE2 1 
ATOM   401  N  N   . GLU A 1 49  ? -12.753 0.809   1.762   1.00 16.32 ? 375 GLU A N   1 
ATOM   402  C  CA  A GLU A 1 49  ? -11.540 1.415   1.241   0.50 16.57 ? 375 GLU A CA  1 
ATOM   403  C  CA  B GLU A 1 49  ? -11.559 1.439   1.221   0.50 16.91 ? 375 GLU A CA  1 
ATOM   404  C  C   . GLU A 1 49  ? -10.815 0.454   0.312   1.00 16.94 ? 375 GLU A C   1 
ATOM   405  O  O   . GLU A 1 49  ? -10.328 0.849   -0.765  1.00 17.20 ? 375 GLU A O   1 
ATOM   406  C  CB  A GLU A 1 49  ? -10.612 1.795   2.379   0.50 16.63 ? 375 GLU A CB  1 
ATOM   407  C  CB  B GLU A 1 49  ? -10.646 1.937   2.341   0.50 17.26 ? 375 GLU A CB  1 
ATOM   408  C  CG  A GLU A 1 49  ? -11.155 2.909   3.246   0.50 16.64 ? 375 GLU A CG  1 
ATOM   409  C  CG  B GLU A 1 49  ? -9.439  2.758   1.871   0.50 18.77 ? 375 GLU A CG  1 
ATOM   410  C  CD  A GLU A 1 49  ? -11.855 2.414   4.491   0.50 18.27 ? 375 GLU A CD  1 
ATOM   411  C  CD  B GLU A 1 49  ? -9.547  4.254   2.122   0.50 22.17 ? 375 GLU A CD  1 
ATOM   412  O  OE1 A GLU A 1 49  ? -12.257 1.221   4.537   0.50 17.57 ? 375 GLU A OE1 1 
ATOM   413  O  OE1 B GLU A 1 49  ? -8.495  4.943   2.133   0.50 19.19 ? 375 GLU A OE1 1 
ATOM   414  O  OE2 A GLU A 1 49  ? -12.001 3.232   5.424   0.50 16.73 ? 375 GLU A OE2 1 
ATOM   415  O  OE2 B GLU A 1 49  ? -10.685 4.759   2.296   0.50 25.82 ? 375 GLU A OE2 1 
ATOM   416  N  N   . THR A 1 50  ? -10.752 -0.822  0.718   1.00 15.65 ? 376 THR A N   1 
ATOM   417  C  CA  . THR A 1 50  ? -9.969  -1.799  -0.056  1.00 16.41 ? 376 THR A CA  1 
ATOM   418  C  C   . THR A 1 50  ? -10.475 -1.951  -1.522  1.00 16.00 ? 376 THR A C   1 
ATOM   419  O  O   . THR A 1 50  ? -9.688  -1.740  -2.475  1.00 16.86 ? 376 THR A O   1 
ATOM   420  C  CB  . THR A 1 50  ? -9.793  -3.147  0.714   1.00 16.20 ? 376 THR A CB  1 
ATOM   421  O  OG1 . THR A 1 50  ? -9.166  -2.874  1.977   1.00 16.56 ? 376 THR A OG1 1 
ATOM   422  C  CG2 . THR A 1 50  ? -8.895  -4.141  -0.080  1.00 16.48 ? 376 THR A CG2 1 
ATOM   423  N  N   . PRO A 1 51  ? -11.770 -2.292  -1.723  1.00 16.01 ? 377 PRO A N   1 
ATOM   424  C  CA  . PRO A 1 51  ? -12.200 -2.487  -3.101  1.00 16.01 ? 377 PRO A CA  1 
ATOM   425  C  C   . PRO A 1 51  ? -12.264 -1.175  -3.883  1.00 15.95 ? 377 PRO A C   1 
ATOM   426  O  O   . PRO A 1 51  ? -12.075 -1.183  -5.104  1.00 16.18 ? 377 PRO A O   1 
ATOM   427  C  CB  . PRO A 1 51  ? -13.607 -3.097  -2.949  1.00 15.10 ? 377 PRO A CB  1 
ATOM   428  C  CG  . PRO A 1 51  ? -14.059 -2.656  -1.563  1.00 16.54 ? 377 PRO A CG  1 
ATOM   429  C  CD  . PRO A 1 51  ? -12.796 -2.755  -0.769  1.00 16.54 ? 377 PRO A CD  1 
ATOM   430  N  N   . LYS A 1 52  ? -12.556 -0.068  -3.212  1.00 15.65 ? 378 LYS A N   1 
ATOM   431  C  CA  . LYS A 1 52  ? -12.574 1.204   -3.894  1.00 16.48 ? 378 LYS A CA  1 
ATOM   432  C  C   . LYS A 1 52  ? -11.181 1.634   -4.363  1.00 15.76 ? 378 LYS A C   1 
ATOM   433  O  O   . LYS A 1 52  ? -11.043 2.227   -5.427  1.00 16.09 ? 378 LYS A O   1 
ATOM   434  C  CB  . LYS A 1 52  ? -13.199 2.286   -3.018  1.00 16.84 ? 378 LYS A CB  1 
ATOM   435  C  CG  . LYS A 1 52  ? -14.728 2.176   -2.990  1.00 20.97 ? 378 LYS A CG  1 
ATOM   436  C  CD  . LYS A 1 52  ? -15.343 3.233   -2.090  1.00 26.18 ? 378 LYS A CD  1 
ATOM   437  C  CE  . LYS A 1 52  ? -16.861 3.285   -2.208  1.00 28.10 ? 378 LYS A CE  1 
ATOM   438  N  NZ  . LYS A 1 52  ? -17.297 3.899   -3.501  1.00 32.34 ? 378 LYS A NZ  1 
ATOM   439  N  N   . LEU A 1 53  ? -10.161 1.370   -3.544  1.00 15.56 ? 379 LEU A N   1 
ATOM   440  C  CA  . LEU A 1 53  ? -8.777  1.620   -3.947  1.00 15.19 ? 379 LEU A CA  1 
ATOM   441  C  C   . LEU A 1 53  ? -8.461  0.714   -5.139  1.00 15.36 ? 379 LEU A C   1 
ATOM   442  O  O   . LEU A 1 53  ? -7.749  1.113   -6.059  1.00 14.73 ? 379 LEU A O   1 
ATOM   443  C  CB  . LEU A 1 53  ? -7.795  1.336   -2.795  1.00 14.52 ? 379 LEU A CB  1 
ATOM   444  C  CG  . LEU A 1 53  ? -6.321  1.626   -3.141  1.00 15.30 ? 379 LEU A CG  1 
ATOM   445  C  CD1 . LEU A 1 53  ? -6.094  3.110   -3.547  1.00 16.28 ? 379 LEU A CD1 1 
ATOM   446  C  CD2 . LEU A 1 53  ? -5.378  1.205   -2.002  1.00 17.70 ? 379 LEU A CD2 1 
ATOM   447  N  N   . TYR A 1 54  ? -8.991  -0.507  -5.117  1.00 14.75 ? 380 TYR A N   1 
ATOM   448  C  CA  . TYR A 1 54  ? -8.729  -1.441  -6.233  1.00 15.22 ? 380 TYR A CA  1 
ATOM   449  C  C   . TYR A 1 54  ? -9.327  -0.887  -7.519  1.00 16.12 ? 380 TYR A C   1 
ATOM   450  O  O   . TYR A 1 54  ? -8.656  -0.879  -8.545  1.00 16.39 ? 380 TYR A O   1 
ATOM   451  C  CB  . TYR A 1 54  ? -9.219  -2.857  -5.935  1.00 14.92 ? 380 TYR A CB  1 
ATOM   452  C  CG  . TYR A 1 54  ? -8.712  -3.881  -6.946  1.00 14.92 ? 380 TYR A CG  1 
ATOM   453  C  CD1 . TYR A 1 54  ? -7.452  -4.471  -6.786  1.00 15.35 ? 380 TYR A CD1 1 
ATOM   454  C  CD2 . TYR A 1 54  ? -9.476  -4.220  -8.056  1.00 14.64 ? 380 TYR A CD2 1 
ATOM   455  C  CE1 . TYR A 1 54  ? -6.970  -5.417  -7.734  1.00 16.03 ? 380 TYR A CE1 1 
ATOM   456  C  CE2 . TYR A 1 54  ? -9.025  -5.150  -8.983  1.00 14.92 ? 380 TYR A CE2 1 
ATOM   457  C  CZ  . TYR A 1 54  ? -7.748  -5.744  -8.802  1.00 14.96 ? 380 TYR A CZ  1 
ATOM   458  O  OH  . TYR A 1 54  ? -7.292  -6.666  -9.708  1.00 14.87 ? 380 TYR A OH  1 
ATOM   459  N  N   . ASP A 1 55  ? -10.569 -0.394  -7.452  1.00 16.87 ? 381 ASP A N   1 
ATOM   460  C  CA  . ASP A 1 55  ? -11.211 0.214   -8.598  1.00 17.85 ? 381 ASP A CA  1 
ATOM   461  C  C   . ASP A 1 55  ? -10.409 1.401   -9.095  1.00 17.49 ? 381 ASP A C   1 
ATOM   462  O  O   . ASP A 1 55  ? -10.225 1.548   -10.295 1.00 17.84 ? 381 ASP A O   1 
ATOM   463  C  CB  . ASP A 1 55  ? -12.611 0.707   -8.257  1.00 18.81 ? 381 ASP A CB  1 
ATOM   464  C  CG  . ASP A 1 55  ? -13.570 -0.408  -7.956  1.00 22.55 ? 381 ASP A CG  1 
ATOM   465  O  OD1 . ASP A 1 55  ? -13.379 -1.565  -8.409  1.00 25.17 ? 381 ASP A OD1 1 
ATOM   466  O  OD2 . ASP A 1 55  ? -14.562 -0.097  -7.266  1.00 29.31 ? 381 ASP A OD2 1 
ATOM   467  N  N   . TRP A 1 56  ? -9.962  2.247   -8.165  1.00 17.43 ? 382 TRP A N   1 
ATOM   468  C  CA  . TRP A 1 56  ? -9.105  3.401   -8.498  1.00 17.46 ? 382 TRP A CA  1 
ATOM   469  C  C   . TRP A 1 56  ? -7.807  2.941   -9.202  1.00 17.31 ? 382 TRP A C   1 
ATOM   470  O  O   . TRP A 1 56  ? -7.396  3.528   -10.194 1.00 16.08 ? 382 TRP A O   1 
ATOM   471  C  CB  . TRP A 1 56  ? -8.802  4.241   -7.242  1.00 17.79 ? 382 TRP A CB  1 
ATOM   472  C  CG  . TRP A 1 56  ? -7.823  5.367   -7.519  1.00 19.69 ? 382 TRP A CG  1 
ATOM   473  C  CD1 . TRP A 1 56  ? -8.125  6.671   -7.856  1.00 21.83 ? 382 TRP A CD1 1 
ATOM   474  C  CD2 . TRP A 1 56  ? -6.386  5.281   -7.511  1.00 21.26 ? 382 TRP A CD2 1 
ATOM   475  N  NE1 . TRP A 1 56  ? -6.965  7.391   -8.057  1.00 21.71 ? 382 TRP A NE1 1 
ATOM   476  C  CE2 . TRP A 1 56  ? -5.888  6.565   -7.864  1.00 21.09 ? 382 TRP A CE2 1 
ATOM   477  C  CE3 . TRP A 1 56  ? -5.471  4.236   -7.259  1.00 18.99 ? 382 TRP A CE3 1 
ATOM   478  C  CZ2 . TRP A 1 56  ? -4.517  6.842   -7.943  1.00 22.72 ? 382 TRP A CZ2 1 
ATOM   479  C  CZ3 . TRP A 1 56  ? -4.099  4.510   -7.349  1.00 20.62 ? 382 TRP A CZ3 1 
ATOM   480  C  CH2 . TRP A 1 56  ? -3.641  5.807   -7.698  1.00 21.50 ? 382 TRP A CH2 1 
ATOM   481  N  N   . TRP A 1 57  ? -7.172  1.901   -8.649  1.00 16.38 ? 383 TRP A N   1 
ATOM   482  C  CA  . TRP A 1 57  ? -5.940  1.352   -9.174  1.00 16.27 ? 383 TRP A CA  1 
ATOM   483  C  C   . TRP A 1 57  ? -6.130  0.818   -10.599 1.00 16.46 ? 383 TRP A C   1 
ATOM   484  O  O   . TRP A 1 57  ? -5.288  1.056   -11.487 1.00 16.21 ? 383 TRP A O   1 
ATOM   485  C  CB  . TRP A 1 57  ? -5.401  0.258   -8.248  1.00 15.73 ? 383 TRP A CB  1 
ATOM   486  C  CG  . TRP A 1 57  ? -4.188  -0.419  -8.807  1.00 15.82 ? 383 TRP A CG  1 
ATOM   487  C  CD1 . TRP A 1 57  ? -2.919  0.099   -8.903  1.00 16.05 ? 383 TRP A CD1 1 
ATOM   488  C  CD2 . TRP A 1 57  ? -4.123  -1.748  -9.336  1.00 13.42 ? 383 TRP A CD2 1 
ATOM   489  N  NE1 . TRP A 1 57  ? -2.071  -0.831  -9.514  1.00 16.03 ? 383 TRP A NE1 1 
ATOM   490  C  CE2 . TRP A 1 57  ? -2.783  -1.972  -9.760  1.00 15.64 ? 383 TRP A CE2 1 
ATOM   491  C  CE3 . TRP A 1 57  ? -5.059  -2.777  -9.483  1.00 12.81 ? 383 TRP A CE3 1 
ATOM   492  C  CZ2 . TRP A 1 57  ? -2.370  -3.181  -10.323 1.00 14.92 ? 383 TRP A CZ2 1 
ATOM   493  C  CZ3 . TRP A 1 57  ? -4.658  -3.966  -10.094 1.00 14.43 ? 383 TRP A CZ3 1 
ATOM   494  C  CH2 . TRP A 1 57  ? -3.321  -4.161  -10.494 1.00 14.57 ? 383 TRP A CH2 1 
ATOM   495  N  N   . LEU A 1 58  ? -7.227  0.098   -10.832 1.00 16.45 ? 384 LEU A N   1 
ATOM   496  C  CA  . LEU A 1 58  ? -7.499  -0.387  -12.171 1.00 17.30 ? 384 LEU A CA  1 
ATOM   497  C  C   . LEU A 1 58  ? -7.505  0.775   -13.171 1.00 18.48 ? 384 LEU A C   1 
ATOM   498  O  O   . LEU A 1 58  ? -7.009  0.619   -14.285 1.00 18.81 ? 384 LEU A O   1 
ATOM   499  C  CB  . LEU A 1 58  ? -8.835  -1.122  -12.234 1.00 17.54 ? 384 LEU A CB  1 
ATOM   500  C  CG  . LEU A 1 58  ? -8.901  -2.479  -11.571 1.00 16.90 ? 384 LEU A CG  1 
ATOM   501  C  CD1 . LEU A 1 58  ? -10.335 -3.002  -11.632 1.00 18.78 ? 384 LEU A CD1 1 
ATOM   502  C  CD2 . LEU A 1 58  ? -7.956  -3.488  -12.273 1.00 17.37 ? 384 LEU A CD2 1 
ATOM   503  N  N   . LYS A 1 59  ? -8.046  1.931   -12.766 1.00 19.22 ? 385 LYS A N   1 
ATOM   504  C  CA  . LYS A 1 59  ? -8.169  3.103   -13.650 1.00 21.08 ? 385 LYS A CA  1 
ATOM   505  C  C   . LYS A 1 59  ? -6.873  3.901   -13.816 1.00 21.48 ? 385 LYS A C   1 
ATOM   506  O  O   . LYS A 1 59  ? -6.705  4.640   -14.795 1.00 21.06 ? 385 LYS A O   1 
ATOM   507  C  CB  . LYS A 1 59  ? -9.253  4.059   -13.140 1.00 21.03 ? 385 LYS A CB  1 
ATOM   508  C  CG  . LYS A 1 59  ? -10.639 3.570   -13.415 1.00 25.58 ? 385 LYS A CG  1 
ATOM   509  C  CD  . LYS A 1 59  ? -11.642 4.272   -12.511 1.00 31.19 ? 385 LYS A CD  1 
ATOM   510  C  CE  . LYS A 1 59  ? -13.027 3.635   -12.671 1.00 35.10 ? 385 LYS A CE  1 
ATOM   511  N  NZ  . LYS A 1 59  ? -13.628 3.311   -11.323 1.00 37.13 ? 385 LYS A NZ  1 
ATOM   512  N  N   . ASN A 1 60  ? -5.965  3.758   -12.860 1.00 21.64 ? 386 ASN A N   1 
ATOM   513  C  CA  . ASN A 1 60  ? -4.790  4.613   -12.808 1.00 22.40 ? 386 ASN A CA  1 
ATOM   514  C  C   . ASN A 1 60  ? -3.468  3.865   -12.956 1.00 23.08 ? 386 ASN A C   1 
ATOM   515  O  O   . ASN A 1 60  ? -2.410  4.495   -13.051 1.00 23.92 ? 386 ASN A O   1 
ATOM   516  C  CB  . ASN A 1 60  ? -4.811  5.442   -11.518 1.00 22.46 ? 386 ASN A CB  1 
ATOM   517  C  CG  . ASN A 1 60  ? -5.906  6.482   -11.518 1.00 22.94 ? 386 ASN A CG  1 
ATOM   518  O  OD1 . ASN A 1 60  ? -5.715  7.592   -11.999 1.00 27.97 ? 386 ASN A OD1 1 
ATOM   519  N  ND2 . ASN A 1 60  ? -7.057  6.138   -10.983 1.00 23.56 ? 386 ASN A ND2 1 
ATOM   520  N  N   . ARG A 1 61  ? -3.500  2.538   -12.993 1.00 22.51 ? 387 ARG A N   1 
ATOM   521  C  CA  . ARG A 1 61  ? -2.262  1.804   -12.875 1.00 22.38 ? 387 ARG A CA  1 
ATOM   522  C  C   . ARG A 1 61  ? -1.381  1.982   -14.086 1.00 23.01 ? 387 ARG A C   1 
ATOM   523  O  O   . ARG A 1 61  ? -0.165  1.839   -13.986 1.00 22.04 ? 387 ARG A O   1 
ATOM   524  C  CB  . ARG A 1 61  ? -2.474  0.320   -12.609 1.00 21.67 ? 387 ARG A CB  1 
ATOM   525  C  CG  . ARG A 1 61  ? -3.221  -0.412  -13.695 1.00 21.89 ? 387 ARG A CG  1 
ATOM   526  C  CD  . ARG A 1 61  ? -3.468  -1.843  -13.304 1.00 24.22 ? 387 ARG A CD  1 
ATOM   527  N  NE  . ARG A 1 61  ? -4.104  -2.556  -14.385 1.00 26.48 ? 387 ARG A NE  1 
ATOM   528  C  CZ  . ARG A 1 61  ? -3.497  -3.447  -15.147 1.00 28.41 ? 387 ARG A CZ  1 
ATOM   529  N  NH1 . ARG A 1 61  ? -4.162  -4.042  -16.117 1.00 27.94 ? 387 ARG A NH1 1 
ATOM   530  N  NH2 . ARG A 1 61  ? -2.230  -3.759  -14.914 1.00 30.78 ? 387 ARG A NH2 1 
ATOM   531  N  N   . ALA A 1 62  ? -1.981  2.279   -15.231 1.00 24.06 ? 388 ALA A N   1 
ATOM   532  C  CA  . ALA A 1 62  ? -1.180  2.423   -16.447 1.00 25.05 ? 388 ALA A CA  1 
ATOM   533  C  C   . ALA A 1 62  ? -0.321  3.723   -16.419 1.00 25.84 ? 388 ALA A C   1 
ATOM   534  O  O   . ALA A 1 62  ? 0.639   3.853   -17.202 1.00 26.91 ? 388 ALA A O   1 
ATOM   535  C  CB  . ALA A 1 62  ? -2.069  2.322   -17.701 1.00 25.19 ? 388 ALA A CB  1 
ATOM   536  N  N   . LYS A 1 63  ? -0.680  4.655   -15.523 1.00 26.17 ? 389 LYS A N   1 
ATOM   537  C  CA  . LYS A 1 63  ? 0.141   5.822   -15.121 1.00 26.56 ? 389 LYS A CA  1 
ATOM   538  C  C   . LYS A 1 63  ? 1.485   5.431   -14.455 1.00 26.81 ? 389 LYS A C   1 
ATOM   539  O  O   . LYS A 1 63  ? 2.284   6.323   -14.122 1.00 27.88 ? 389 LYS A O   1 
ATOM   540  C  CB  . LYS A 1 63  ? -0.594  6.659   -14.075 1.00 27.02 ? 389 LYS A CB  1 
ATOM   541  C  CG  . LYS A 1 63  ? -1.657  7.645   -14.535 1.00 28.49 ? 389 LYS A CG  1 
ATOM   542  C  CD  . LYS A 1 63  ? -2.223  8.353   -13.273 1.00 29.98 ? 389 LYS A CD  1 
ATOM   543  C  CE  . LYS A 1 63  ? -3.335  9.347   -13.583 1.00 31.74 ? 389 LYS A CE  1 
ATOM   544  N  NZ  . LYS A 1 63  ? -4.353  8.761   -14.509 1.00 33.14 ? 389 LYS A NZ  1 
ATOM   545  N  N   . GLY A 1 64  ? 1.726   4.135   -14.220 1.00 25.47 ? 390 GLY A N   1 
ATOM   546  C  CA  . GLY A 1 64  ? 2.926   3.676   -13.525 1.00 23.34 ? 390 GLY A CA  1 
ATOM   547  C  C   . GLY A 1 64  ? 2.767   3.542   -12.011 1.00 22.69 ? 390 GLY A C   1 
ATOM   548  O  O   . GLY A 1 64  ? 3.666   3.934   -11.262 1.00 22.74 ? 390 GLY A O   1 
ATOM   549  N  N   . ILE A 1 65  ? 1.649   2.962   -11.551 1.00 20.23 ? 391 ILE A N   1 
ATOM   550  C  CA  . ILE A 1 65  ? 1.339   2.922   -10.098 1.00 18.57 ? 391 ILE A CA  1 
ATOM   551  C  C   . ILE A 1 65  ? 1.089   1.499   -9.670  1.00 17.40 ? 391 ILE A C   1 
ATOM   552  O  O   . ILE A 1 65  ? 0.278   0.810   -10.284 1.00 17.33 ? 391 ILE A O   1 
ATOM   553  C  CB  . ILE A 1 65  ? 0.107   3.787   -9.790  1.00 18.83 ? 391 ILE A CB  1 
ATOM   554  C  CG1 . ILE A 1 65  ? 0.378   5.212   -10.248 1.00 17.82 ? 391 ILE A CG1 1 
ATOM   555  C  CG2 . ILE A 1 65  ? -0.233  3.721   -8.317  1.00 16.88 ? 391 ILE A CG2 1 
ATOM   556  C  CD1 . ILE A 1 65  ? -0.847  6.086   -10.341 1.00 19.12 ? 391 ILE A CD1 1 
ATOM   557  N  N   . GLN A 1 66  ? 1.837   1.029   -8.678  1.00 15.54 ? 392 GLN A N   1 
ATOM   558  C  CA  . GLN A 1 66  ? 1.551   -0.268  -8.062  1.00 15.63 ? 392 GLN A CA  1 
ATOM   559  C  C   . GLN A 1 66  ? 0.961   -0.040  -6.658  1.00 15.20 ? 392 GLN A C   1 
ATOM   560  O  O   . GLN A 1 66  ? 1.309   0.958   -5.987  1.00 15.13 ? 392 GLN A O   1 
ATOM   561  C  CB  . GLN A 1 66  ? 2.821   -1.161  -8.022  1.00 15.97 ? 392 GLN A CB  1 
ATOM   562  C  CG  . GLN A 1 66  ? 2.623   -2.563  -7.347  1.00 15.36 ? 392 GLN A CG  1 
ATOM   563  C  CD  . GLN A 1 66  ? 1.580   -3.378  -8.060  1.00 19.60 ? 392 GLN A CD  1 
ATOM   564  O  OE1 . GLN A 1 66  ? 0.382   -3.205  -7.828  1.00 19.90 ? 392 GLN A OE1 1 
ATOM   565  N  NE2 . GLN A 1 66  ? 2.018   -4.256  -8.976  1.00 19.65 ? 392 GLN A NE2 1 
ATOM   566  N  N   . VAL A 1 67  ? 0.101   -0.954  -6.202  1.00 14.31 ? 393 VAL A N   1 
ATOM   567  C  CA  . VAL A 1 67  ? -0.304  -0.975  -4.785  1.00 14.28 ? 393 VAL A CA  1 
ATOM   568  C  C   . VAL A 1 67  ? 0.376   -2.186  -4.117  1.00 15.35 ? 393 VAL A C   1 
ATOM   569  O  O   . VAL A 1 67  ? 0.243   -3.332  -4.580  1.00 15.59 ? 393 VAL A O   1 
ATOM   570  C  CB  . VAL A 1 67  ? -1.830  -1.090  -4.589  1.00 14.19 ? 393 VAL A CB  1 
ATOM   571  C  CG1 . VAL A 1 67  ? -2.189  -1.186  -3.072  1.00 14.62 ? 393 VAL A CG1 1 
ATOM   572  C  CG2 . VAL A 1 67  ? -2.583  0.097   -5.264  1.00 13.86 ? 393 VAL A CG2 1 
ATOM   573  N  N   . TYR A 1 68  ? 1.145   -1.878  -3.072  1.00 14.85 ? 394 TYR A N   1 
ATOM   574  C  CA  . TYR A 1 68  ? 1.772   -2.885  -2.228  1.00 14.05 ? 394 TYR A CA  1 
ATOM   575  C  C   . TYR A 1 68  ? 0.736   -3.064  -1.139  1.00 14.77 ? 394 TYR A C   1 
ATOM   576  O  O   . TYR A 1 68  ? 0.702   -2.279  -0.145  1.00 14.18 ? 394 TYR A O   1 
ATOM   577  C  CB  . TYR A 1 68  ? 3.117   -2.348  -1.705  1.00 13.97 ? 394 TYR A CB  1 
ATOM   578  C  CG  . TYR A 1 68  ? 4.017   -3.427  -1.110  1.00 14.65 ? 394 TYR A CG  1 
ATOM   579  C  CD1 . TYR A 1 68  ? 4.858   -4.182  -1.937  1.00 15.29 ? 394 TYR A CD1 1 
ATOM   580  C  CD2 . TYR A 1 68  ? 4.067   -3.628  0.263   1.00 13.59 ? 394 TYR A CD2 1 
ATOM   581  C  CE1 . TYR A 1 68  ? 5.701   -5.170  -1.397  1.00 16.44 ? 394 TYR A CE1 1 
ATOM   582  C  CE2 . TYR A 1 68  ? 4.930   -4.612  0.826   1.00 16.01 ? 394 TYR A CE2 1 
ATOM   583  C  CZ  . TYR A 1 68  ? 5.725   -5.371  -0.017  1.00 14.60 ? 394 TYR A CZ  1 
ATOM   584  O  OH  . TYR A 1 68  ? 6.550   -6.338  0.550   1.00 13.74 ? 394 TYR A OH  1 
ATOM   585  N  N   . ALA A 1 69  ? -0.173  -4.042  -1.350  1.00 15.19 ? 395 ALA A N   1 
ATOM   586  C  CA  . ALA A 1 69  ? -1.326  -4.186  -0.488  1.00 16.35 ? 395 ALA A CA  1 
ATOM   587  C  C   . ALA A 1 69  ? -0.892  -5.118  0.654   1.00 17.42 ? 395 ALA A C   1 
ATOM   588  O  O   . ALA A 1 69  ? -0.860  -6.350  0.494   1.00 17.90 ? 395 ALA A O   1 
ATOM   589  C  CB  . ALA A 1 69  ? -2.559  -4.729  -1.230  1.00 16.40 ? 395 ALA A CB  1 
ATOM   590  N  N   . ALA A 1 70  ? -0.484  -4.499  1.754   1.00 16.92 ? 396 ALA A N   1 
ATOM   591  C  CA  . ALA A 1 70  ? 0.174   -5.203  2.884   1.00 15.50 ? 396 ALA A CA  1 
ATOM   592  C  C   . ALA A 1 70  ? -0.905  -5.640  3.891   1.00 15.81 ? 396 ALA A C   1 
ATOM   593  O  O   . ALA A 1 70  ? -1.338  -4.866  4.749   1.00 15.10 ? 396 ALA A O   1 
ATOM   594  C  CB  . ALA A 1 70  ? 1.205   -4.271  3.538   1.00 15.38 ? 396 ALA A CB  1 
ATOM   595  N  N   . ASN A 1 71  ? -1.351  -6.887  3.763   1.00 14.72 ? 397 ASN A N   1 
ATOM   596  C  CA  . ASN A 1 71  ? -2.292  -7.404  4.704   1.00 15.36 ? 397 ASN A CA  1 
ATOM   597  C  C   . ASN A 1 71  ? -1.560  -7.706  6.030   1.00 15.00 ? 397 ASN A C   1 
ATOM   598  O  O   . ASN A 1 71  ? -0.473  -8.288  6.009   1.00 15.91 ? 397 ASN A O   1 
ATOM   599  C  CB  . ASN A 1 71  ? -2.972  -8.630  4.117   1.00 15.13 ? 397 ASN A CB  1 
ATOM   600  C  CG  . ASN A 1 71  ? -3.873  -9.286  5.097   1.00 16.25 ? 397 ASN A CG  1 
ATOM   601  O  OD1 . ASN A 1 71  ? -3.429  -10.092 5.928   1.00 16.78 ? 397 ASN A OD1 1 
ATOM   602  N  ND2 . ASN A 1 71  ? -5.174  -8.976  5.010   1.00 15.39 ? 397 ASN A ND2 1 
ATOM   603  N  N   . ILE A 1 72  ? -2.125  -7.247  7.158   1.00 14.22 ? 398 ILE A N   1 
ATOM   604  C  CA  . ILE A 1 72  ? -1.444  -7.335  8.457   1.00 12.93 ? 398 ILE A CA  1 
ATOM   605  C  C   . ILE A 1 72  ? -1.714  -8.619  9.247   1.00 12.47 ? 398 ILE A C   1 
ATOM   606  O  O   . ILE A 1 72  ? -1.319  -8.721  10.420  1.00 13.02 ? 398 ILE A O   1 
ATOM   607  C  CB  . ILE A 1 72  ? -1.716  -6.076  9.318   1.00 12.27 ? 398 ILE A CB  1 
ATOM   608  C  CG1 . ILE A 1 72  ? -3.219  -5.964  9.697   1.00 15.27 ? 398 ILE A CG1 1 
ATOM   609  C  CG2 . ILE A 1 72  ? -1.253  -4.846  8.559   1.00 10.92 ? 398 ILE A CG2 1 
ATOM   610  C  CD1 . ILE A 1 72  ? -3.486  -5.094  10.910  1.00 17.29 ? 398 ILE A CD1 1 
ATOM   611  N  N   . GLU A 1 73  ? -2.355  -9.621  8.637   1.00 12.84 ? 399 GLU A N   1 
ATOM   612  C  CA  . GLU A 1 73  ? -2.871  -10.761 9.430   1.00 13.27 ? 399 GLU A CA  1 
ATOM   613  C  C   . GLU A 1 73  ? -1.796  -11.802 9.598   1.00 13.65 ? 399 GLU A C   1 
ATOM   614  O  O   . GLU A 1 73  ? -0.839  -11.813 8.830   1.00 13.33 ? 399 GLU A O   1 
ATOM   615  C  CB  . GLU A 1 73  ? -4.078  -11.398 8.728   1.00 13.59 ? 399 GLU A CB  1 
ATOM   616  C  CG  . GLU A 1 73  ? -5.283  -10.440 8.623   1.00 14.68 ? 399 GLU A CG  1 
ATOM   617  C  CD  . GLU A 1 73  ? -6.455  -11.066 7.901   1.00 16.98 ? 399 GLU A CD  1 
ATOM   618  O  OE1 . GLU A 1 73  ? -6.990  -12.109 8.378   1.00 14.80 ? 399 GLU A OE1 1 
ATOM   619  O  OE2 . GLU A 1 73  ? -6.843  -10.539 6.848   1.00 15.23 ? 399 GLU A OE2 1 
ATOM   620  N  N   . ARG A 1 74  ? -1.963  -12.697 10.570  1.00 13.08 ? 400 ARG A N   1 
ATOM   621  C  CA  . ARG A 1 74  ? -0.934  -13.690 10.871  1.00 13.71 ? 400 ARG A CA  1 
ATOM   622  C  C   . ARG A 1 74  ? -1.269  -15.091 10.386  1.00 14.54 ? 400 ARG A C   1 
ATOM   623  O  O   . ARG A 1 74  ? -0.595  -16.055 10.773  1.00 13.49 ? 400 ARG A O   1 
ATOM   624  C  CB  . ARG A 1 74  ? -0.613  -13.672 12.385  1.00 14.02 ? 400 ARG A CB  1 
ATOM   625  C  CG  . ARG A 1 74  ? -0.066  -12.319 12.872  1.00 15.77 ? 400 ARG A CG  1 
ATOM   626  C  CD  . ARG A 1 74  ? 1.318   -12.047 12.194  1.00 12.75 ? 400 ARG A CD  1 
ATOM   627  N  NE  . ARG A 1 74  ? 1.879   -10.741 12.548  1.00 17.59 ? 400 ARG A NE  1 
ATOM   628  C  CZ  . ARG A 1 74  ? 2.984   -10.252 11.971  1.00 18.51 ? 400 ARG A CZ  1 
ATOM   629  N  NH1 . ARG A 1 74  ? 3.658   -11.006 11.094  1.00 15.61 ? 400 ARG A NH1 1 
ATOM   630  N  NH2 . ARG A 1 74  ? 3.448   -9.054  12.310  1.00 18.60 ? 400 ARG A NH2 1 
ATOM   631  N  N   . LYS A 1 75  ? -2.341  -15.207 9.598   1.00 14.81 ? 401 LYS A N   1 
ATOM   632  C  CA  . LYS A 1 75  ? -2.741  -16.457 8.932   1.00 16.17 ? 401 LYS A CA  1 
ATOM   633  C  C   . LYS A 1 75  ? -3.138  -16.141 7.487   1.00 16.40 ? 401 LYS A C   1 
ATOM   634  O  O   . LYS A 1 75  ? -3.514  -15.008 7.171   1.00 16.65 ? 401 LYS A O   1 
ATOM   635  C  CB  . LYS A 1 75  ? -3.931  -17.106 9.624   1.00 15.56 ? 401 LYS A CB  1 
ATOM   636  C  CG  . LYS A 1 75  ? -3.703  -17.465 11.065  1.00 21.32 ? 401 LYS A CG  1 
ATOM   637  C  CD  . LYS A 1 75  ? -4.950  -18.045 11.709  1.00 23.81 ? 401 LYS A CD  1 
ATOM   638  C  CE  . LYS A 1 75  ? -4.725  -18.242 13.211  1.00 26.66 ? 401 LYS A CE  1 
ATOM   639  N  NZ  . LYS A 1 75  ? -5.600  -19.324 13.778  1.00 29.71 ? 401 LYS A NZ  1 
ATOM   640  N  N   . ASP A 1 76  ? -3.030  -17.128 6.606   1.00 16.87 ? 402 ASP A N   1 
ATOM   641  C  CA  . ASP A 1 76  ? -3.390  -16.944 5.198   1.00 16.71 ? 402 ASP A CA  1 
ATOM   642  C  C   . ASP A 1 76  ? -4.900  -16.993 4.886   1.00 16.96 ? 402 ASP A C   1 
ATOM   643  O  O   . ASP A 1 76  ? -5.362  -16.361 3.942   1.00 16.09 ? 402 ASP A O   1 
ATOM   644  C  CB  . ASP A 1 76  ? -2.747  -18.059 4.358   1.00 18.06 ? 402 ASP A CB  1 
ATOM   645  C  CG  . ASP A 1 76  ? -1.257  -17.952 4.291   1.00 20.10 ? 402 ASP A CG  1 
ATOM   646  O  OD1 . ASP A 1 76  ? -0.731  -16.853 4.079   1.00 19.14 ? 402 ASP A OD1 1 
ATOM   647  O  OD2 . ASP A 1 76  ? -0.604  -19.001 4.469   1.00 26.29 ? 402 ASP A OD2 1 
ATOM   648  N  N   . GLU A 1 77  ? -5.662  -17.796 5.629   1.00 15.86 ? 403 GLU A N   1 
ATOM   649  C  CA  . GLU A 1 77  ? -6.950  -18.231 5.136   1.00 16.76 ? 403 GLU A CA  1 
ATOM   650  C  C   . GLU A 1 77  ? -7.922  -17.124 4.746   1.00 16.00 ? 403 GLU A C   1 
ATOM   651  O  O   . GLU A 1 77  ? -8.474  -17.147 3.624   1.00 14.37 ? 403 GLU A O   1 
ATOM   652  C  CB  . GLU A 1 77  ? -7.611  -19.190 6.119   1.00 17.32 ? 403 GLU A CB  1 
ATOM   653  C  CG  . GLU A 1 77  ? -8.842  -19.858 5.542   1.00 23.52 ? 403 GLU A CG  1 
ATOM   654  C  CD  . GLU A 1 77  ? -9.421  -20.897 6.482   1.00 32.39 ? 403 GLU A CD  1 
ATOM   655  O  OE1 . GLU A 1 77  ? -10.635 -20.808 6.815   1.00 35.38 ? 403 GLU A OE1 1 
ATOM   656  O  OE2 . GLU A 1 77  ? -8.655  -21.807 6.900   1.00 36.09 ? 403 GLU A OE2 1 
ATOM   657  N  N   . GLU A 1 78  ? -8.165  -16.200 5.686   1.00 14.48 ? 404 GLU A N   1 
ATOM   658  C  CA  . GLU A 1 78  ? -9.150  -15.136 5.481   1.00 15.51 ? 404 GLU A CA  1 
ATOM   659  C  C   . GLU A 1 78  ? -8.668  -14.094 4.461   1.00 15.02 ? 404 GLU A C   1 
ATOM   660  O  O   . GLU A 1 78  ? -9.467  -13.537 3.688   1.00 14.98 ? 404 GLU A O   1 
ATOM   661  C  CB  . GLU A 1 78  ? -9.494  -14.438 6.797   1.00 15.74 ? 404 GLU A CB  1 
ATOM   662  C  CG  . GLU A 1 78  ? -10.258 -15.378 7.762   1.00 18.66 ? 404 GLU A CG  1 
ATOM   663  C  CD  . GLU A 1 78  ? -11.478 -16.034 7.086   1.00 27.21 ? 404 GLU A CD  1 
ATOM   664  O  OE1 . GLU A 1 78  ? -12.374 -15.302 6.569   1.00 30.80 ? 404 GLU A OE1 1 
ATOM   665  O  OE2 . GLU A 1 78  ? -11.550 -17.289 7.080   1.00 30.80 ? 404 GLU A OE2 1 
ATOM   666  N  N   . TRP A 1 79  ? -7.362  -13.837 4.488   1.00 14.39 ? 405 TRP A N   1 
ATOM   667  C  CA  . TRP A 1 79  ? -6.733  -12.963 3.517   1.00 14.45 ? 405 TRP A CA  1 
ATOM   668  C  C   . TRP A 1 79  ? -7.002  -13.471 2.085   1.00 14.85 ? 405 TRP A C   1 
ATOM   669  O  O   . TRP A 1 79  ? -7.466  -12.716 1.215   1.00 14.79 ? 405 TRP A O   1 
ATOM   670  C  CB  . TRP A 1 79  ? -5.241  -12.943 3.832   1.00 15.45 ? 405 TRP A CB  1 
ATOM   671  C  CG  . TRP A 1 79  ? -4.353  -12.257 2.858   1.00 13.48 ? 405 TRP A CG  1 
ATOM   672  C  CD1 . TRP A 1 79  ? -4.499  -10.968 2.362   1.00 15.18 ? 405 TRP A CD1 1 
ATOM   673  C  CD2 . TRP A 1 79  ? -3.136  -12.772 2.295   1.00 15.01 ? 405 TRP A CD2 1 
ATOM   674  N  NE1 . TRP A 1 79  ? -3.434  -10.672 1.516   1.00 16.40 ? 405 TRP A NE1 1 
ATOM   675  C  CE2 . TRP A 1 79  ? -2.604  -11.765 1.443   1.00 14.39 ? 405 TRP A CE2 1 
ATOM   676  C  CE3 . TRP A 1 79  ? -2.444  -13.981 2.417   1.00 13.66 ? 405 TRP A CE3 1 
ATOM   677  C  CZ2 . TRP A 1 79  ? -1.390  -11.931 0.732   1.00 15.28 ? 405 TRP A CZ2 1 
ATOM   678  C  CZ3 . TRP A 1 79  ? -1.238  -14.162 1.693   1.00 15.76 ? 405 TRP A CZ3 1 
ATOM   679  C  CH2 . TRP A 1 79  ? -0.725  -13.135 0.863   1.00 16.11 ? 405 TRP A CH2 1 
ATOM   680  N  N   . LEU A 1 80  ? -6.723  -14.749 1.848   1.00 15.78 ? 406 LEU A N   1 
ATOM   681  C  CA  . LEU A 1 80  ? -6.892  -15.308 0.504   1.00 16.07 ? 406 LEU A CA  1 
ATOM   682  C  C   . LEU A 1 80  ? -8.372  -15.351 0.105   1.00 16.60 ? 406 LEU A C   1 
ATOM   683  O  O   . LEU A 1 80  ? -8.714  -15.041 -1.060  1.00 16.63 ? 406 LEU A O   1 
ATOM   684  C  CB  . LEU A 1 80  ? -6.220  -16.692 0.371   1.00 15.50 ? 406 LEU A CB  1 
ATOM   685  C  CG  . LEU A 1 80  ? -4.695  -16.673 0.602   1.00 14.94 ? 406 LEU A CG  1 
ATOM   686  C  CD1 . LEU A 1 80  ? -4.032  -18.045 0.596   1.00 16.88 ? 406 LEU A CD1 1 
ATOM   687  C  CD2 . LEU A 1 80  ? -4.052  -15.768 -0.460  1.00 15.31 ? 406 LEU A CD2 1 
ATOM   688  N  N   . LYS A 1 81  ? -9.233  -15.720 1.058   1.00 15.65 ? 407 LYS A N   1 
ATOM   689  C  CA  . LYS A 1 81  ? -10.677 -15.721 0.822   1.00 17.15 ? 407 LYS A CA  1 
ATOM   690  C  C   . LYS A 1 81  ? -11.189 -14.337 0.407   1.00 16.55 ? 407 LYS A C   1 
ATOM   691  O  O   . LYS A 1 81  ? -12.015 -14.196 -0.504  1.00 16.37 ? 407 LYS A O   1 
ATOM   692  C  CB  . LYS A 1 81  ? -11.433 -16.205 2.070   1.00 16.65 ? 407 LYS A CB  1 
ATOM   693  C  CG  . LYS A 1 81  ? -12.951 -16.236 1.866   1.00 20.89 ? 407 LYS A CG  1 
ATOM   694  C  CD  . LYS A 1 81  ? -13.749 -16.709 3.111   1.00 26.28 ? 407 LYS A CD  1 
ATOM   695  C  CE  . LYS A 1 81  ? -13.089 -17.893 3.847   1.00 28.34 ? 407 LYS A CE  1 
ATOM   696  N  NZ  . LYS A 1 81  ? -13.743 -18.122 5.195   1.00 27.54 ? 407 LYS A NZ  1 
ATOM   697  N  N   . PHE A 1 82  ? -10.706 -13.313 1.080   1.00 16.18 ? 408 PHE A N   1 
ATOM   698  C  CA  . PHE A 1 82  ? -11.089 -11.963 0.711   1.00 15.94 ? 408 PHE A CA  1 
ATOM   699  C  C   . PHE A 1 82  ? -10.590 -11.633 -0.703  1.00 15.32 ? 408 PHE A C   1 
ATOM   700  O  O   . PHE A 1 82  ? -11.356 -11.099 -1.512  1.00 15.09 ? 408 PHE A O   1 
ATOM   701  C  CB  . PHE A 1 82  ? -10.503 -10.975 1.705   1.00 15.39 ? 408 PHE A CB  1 
ATOM   702  C  CG  . PHE A 1 82  ? -11.007 -9.581  1.545   1.00 15.40 ? 408 PHE A CG  1 
ATOM   703  C  CD1 . PHE A 1 82  ? -11.997 -9.083  2.395   1.00 17.15 ? 408 PHE A CD1 1 
ATOM   704  C  CD2 . PHE A 1 82  ? -10.451 -8.746  0.586   1.00 17.31 ? 408 PHE A CD2 1 
ATOM   705  C  CE1 . PHE A 1 82  ? -12.464 -7.779  2.269   1.00 17.40 ? 408 PHE A CE1 1 
ATOM   706  C  CE2 . PHE A 1 82  ? -10.893 -7.432  0.448   1.00 17.19 ? 408 PHE A CE2 1 
ATOM   707  C  CZ  . PHE A 1 82  ? -11.896 -6.933  1.295   1.00 15.93 ? 408 PHE A CZ  1 
ATOM   708  N  N   . ILE A 1 83  ? -9.315  -11.916 -0.984  1.00 13.94 ? 409 ILE A N   1 
ATOM   709  C  CA  . ILE A 1 83  ? -8.765  -11.602 -2.330  1.00 15.01 ? 409 ILE A CA  1 
ATOM   710  C  C   . ILE A 1 83  ? -9.607  -12.223 -3.445  1.00 15.64 ? 409 ILE A C   1 
ATOM   711  O  O   . ILE A 1 83  ? -9.996  -11.525 -4.397  1.00 15.93 ? 409 ILE A O   1 
ATOM   712  C  CB  . ILE A 1 83  ? -7.285  -11.981 -2.462  1.00 14.04 ? 409 ILE A CB  1 
ATOM   713  C  CG1 . ILE A 1 83  ? -6.480  -11.077 -1.538  1.00 13.86 ? 409 ILE A CG1 1 
ATOM   714  C  CG2 . ILE A 1 83  ? -6.823  -11.938 -3.973  1.00 14.81 ? 409 ILE A CG2 1 
ATOM   715  C  CD1 . ILE A 1 83  ? -5.063  -11.568 -1.265  1.00 15.35 ? 409 ILE A CD1 1 
ATOM   716  N  N   . ARG A 1 84  ? -9.926  -13.505 -3.291  1.00 16.73 ? 410 ARG A N   1 
ATOM   717  C  CA  . ARG A 1 84  ? -10.732 -14.241 -4.251  1.00 18.55 ? 410 ARG A CA  1 
ATOM   718  C  C   . ARG A 1 84  ? -12.169 -13.699 -4.419  1.00 19.25 ? 410 ARG A C   1 
ATOM   719  O  O   . ARG A 1 84  ? -12.652 -13.480 -5.562  1.00 19.62 ? 410 ARG A O   1 
ATOM   720  C  CB  . ARG A 1 84  ? -10.764 -15.730 -3.864  1.00 19.31 ? 410 ARG A CB  1 
ATOM   721  C  CG  . ARG A 1 84  ? -11.569 -16.642 -4.805  1.00 23.81 ? 410 ARG A CG  1 
ATOM   722  C  CD  . ARG A 1 84  ? -11.456 -18.112 -4.332  1.00 31.18 ? 410 ARG A CD  1 
ATOM   723  N  NE  . ARG A 1 84  ? -11.944 -19.074 -5.327  1.00 39.42 ? 410 ARG A NE  1 
ATOM   724  C  CZ  . ARG A 1 84  ? -13.002 -19.877 -5.166  1.00 42.84 ? 410 ARG A CZ  1 
ATOM   725  N  NH1 . ARG A 1 84  ? -13.707 -19.859 -4.033  1.00 44.54 ? 410 ARG A NH1 1 
ATOM   726  N  NH2 . ARG A 1 84  ? -13.361 -20.716 -6.142  1.00 45.50 ? 410 ARG A NH2 1 
ATOM   727  N  N   . SER A 1 85  ? -12.852 -13.489 -3.300  1.00 18.98 ? 411 SER A N   1 
ATOM   728  C  CA  . SER A 1 85  ? -14.256 -13.135 -3.361  1.00 18.23 ? 411 SER A CA  1 
ATOM   729  C  C   . SER A 1 85  ? -14.473 -11.687 -3.783  1.00 17.69 ? 411 SER A C   1 
ATOM   730  O  O   . SER A 1 85  ? -15.393 -11.392 -4.537  1.00 16.11 ? 411 SER A O   1 
ATOM   731  C  CB  . SER A 1 85  ? -14.970 -13.468 -2.058  1.00 19.30 ? 411 SER A CB  1 
ATOM   732  O  OG  . SER A 1 85  ? -14.603 -12.563 -1.046  1.00 23.00 ? 411 SER A OG  1 
ATOM   733  N  N   . LYS A 1 86  ? -13.618 -10.786 -3.316  1.00 16.39 ? 412 LYS A N   1 
ATOM   734  C  CA  . LYS A 1 86  ? -13.709 -9.407  -3.739  1.00 16.72 ? 412 LYS A CA  1 
ATOM   735  C  C   . LYS A 1 86  ? -12.973 -9.158  -5.062  1.00 16.60 ? 412 LYS A C   1 
ATOM   736  O  O   . LYS A 1 86  ? -13.061 -8.063  -5.613  1.00 16.06 ? 412 LYS A O   1 
ATOM   737  C  CB  . LYS A 1 86  ? -13.164 -8.496  -2.644  1.00 16.88 ? 412 LYS A CB  1 
ATOM   738  C  CG  . LYS A 1 86  ? -13.810 -8.761  -1.278  1.00 19.68 ? 412 LYS A CG  1 
ATOM   739  C  CD  . LYS A 1 86  ? -15.255 -8.349  -1.259  1.00 20.92 ? 412 LYS A CD  1 
ATOM   740  C  CE  . LYS A 1 86  ? -15.406 -6.827  -1.328  1.00 24.38 ? 412 LYS A CE  1 
ATOM   741  N  NZ  . LYS A 1 86  ? -16.839 -6.411  -1.081  1.00 26.81 ? 412 LYS A NZ  1 
ATOM   742  N  N   . LYS A 1 87  ? -12.237 -10.156 -5.562  1.00 16.13 ? 413 LYS A N   1 
ATOM   743  C  CA  . LYS A 1 87  ? -11.580 -10.060 -6.882  1.00 15.76 ? 413 LYS A CA  1 
ATOM   744  C  C   . LYS A 1 87  ? -10.581 -8.920  -6.939  1.00 16.05 ? 413 LYS A C   1 
ATOM   745  O  O   . LYS A 1 87  ? -10.640 -8.023  -7.805  1.00 16.32 ? 413 LYS A O   1 
ATOM   746  C  CB  . LYS A 1 87  ? -12.639 -9.951  -7.982  1.00 16.57 ? 413 LYS A CB  1 
ATOM   747  C  CG  . LYS A 1 87  ? -13.461 -11.228 -8.156  1.00 18.61 ? 413 LYS A CG  1 
ATOM   748  C  CD  . LYS A 1 87  ? -14.806 -10.834 -8.667  1.00 24.04 ? 413 LYS A CD  1 
ATOM   749  C  CE  . LYS A 1 87  ? -15.102 -11.522 -9.956  1.00 28.55 ? 413 LYS A CE  1 
ATOM   750  N  NZ  . LYS A 1 87  ? -15.235 -12.981 -9.738  1.00 31.38 ? 413 LYS A NZ  1 
ATOM   751  N  N   . ILE A 1 88  ? -9.658  -8.930  -5.977  1.00 15.14 ? 414 ILE A N   1 
ATOM   752  C  CA  . ILE A 1 88  ? -8.604  -7.902  -5.916  1.00 14.90 ? 414 ILE A CA  1 
ATOM   753  C  C   . ILE A 1 88  ? -7.233  -8.546  -6.083  1.00 14.05 ? 414 ILE A C   1 
ATOM   754  O  O   . ILE A 1 88  ? -6.240  -8.082  -5.539  1.00 15.00 ? 414 ILE A O   1 
ATOM   755  C  CB  . ILE A 1 88  ? -8.667  -7.070  -4.600  1.00 14.35 ? 414 ILE A CB  1 
ATOM   756  C  CG1 . ILE A 1 88  ? -8.560  -8.005  -3.358  1.00 15.59 ? 414 ILE A CG1 1 
ATOM   757  C  CG2 . ILE A 1 88  ? -9.986  -6.214  -4.572  1.00 15.04 ? 414 ILE A CG2 1 
ATOM   758  C  CD1 . ILE A 1 88  ? -8.083  -7.284  -2.083  1.00 15.84 ? 414 ILE A CD1 1 
ATOM   759  N  N   . GLY A 1 89  ? -7.185  -9.628  -6.857  1.00 14.88 ? 415 GLY A N   1 
ATOM   760  C  CA  . GLY A 1 89  ? -5.911  -10.335 -7.021  1.00 14.47 ? 415 GLY A CA  1 
ATOM   761  C  C   . GLY A 1 89  ? -4.880  -9.674  -7.945  1.00 15.76 ? 415 GLY A C   1 
ATOM   762  O  O   . GLY A 1 89  ? -3.719  -10.135 -7.981  1.00 15.09 ? 415 GLY A O   1 
ATOM   763  N  N   . GLY A 1 90  ? -5.269  -8.617  -8.678  1.00 14.15 ? 416 GLY A N   1 
ATOM   764  C  CA  . GLY A 1 90  ? -4.394  -8.101  -9.742  1.00 14.39 ? 416 GLY A CA  1 
ATOM   765  C  C   . GLY A 1 90  ? -3.186  -7.310  -9.249  1.00 14.76 ? 416 GLY A C   1 
ATOM   766  O  O   . GLY A 1 90  ? -2.114  -7.301  -9.913  1.00 13.83 ? 416 GLY A O   1 
ATOM   767  N  N   . TRP A 1 91  ? -3.329  -6.635  -8.107  1.00 13.46 ? 417 TRP A N   1 
ATOM   768  C  CA  . TRP A 1 91  ? -2.224  -5.823  -7.599  1.00 13.79 ? 417 TRP A CA  1 
ATOM   769  C  C   . TRP A 1 91  ? -1.278  -6.635  -6.729  1.00 14.09 ? 417 TRP A C   1 
ATOM   770  O  O   . TRP A 1 91  ? -1.441  -7.853  -6.624  1.00 14.86 ? 417 TRP A O   1 
ATOM   771  C  CB  . TRP A 1 91  ? -2.737  -4.588  -6.853  1.00 13.31 ? 417 TRP A CB  1 
ATOM   772  C  CG  . TRP A 1 91  ? -3.600  -4.818  -5.625  1.00 12.97 ? 417 TRP A CG  1 
ATOM   773  C  CD1 . TRP A 1 91  ? -3.662  -5.923  -4.798  1.00 12.68 ? 417 TRP A CD1 1 
ATOM   774  C  CD2 . TRP A 1 91  ? -4.464  -3.838  -5.039  1.00 14.43 ? 417 TRP A CD2 1 
ATOM   775  N  NE1 . TRP A 1 91  ? -4.555  -5.683  -3.745  1.00 14.00 ? 417 TRP A NE1 1 
ATOM   776  C  CE2 . TRP A 1 91  ? -5.048  -4.408  -3.883  1.00 14.95 ? 417 TRP A CE2 1 
ATOM   777  C  CE3 . TRP A 1 91  ? -4.832  -2.534  -5.410  1.00 14.80 ? 417 TRP A CE3 1 
ATOM   778  C  CZ2 . TRP A 1 91  ? -5.977  -3.703  -3.085  1.00 16.63 ? 417 TRP A CZ2 1 
ATOM   779  C  CZ3 . TRP A 1 91  ? -5.729  -1.830  -4.611  1.00 12.22 ? 417 TRP A CZ3 1 
ATOM   780  C  CH2 . TRP A 1 91  ? -6.300  -2.419  -3.464  1.00 14.05 ? 417 TRP A CH2 1 
ATOM   781  N  N   . LEU A 1 92  ? -0.316  -5.979  -6.078  1.00 13.49 ? 418 LEU A N   1 
ATOM   782  C  CA  . LEU A 1 92  ? 0.661   -6.729  -5.243  1.00 14.09 ? 418 LEU A CA  1 
ATOM   783  C  C   . LEU A 1 92  ? 0.170   -7.029  -3.818  1.00 14.23 ? 418 LEU A C   1 
ATOM   784  O  O   . LEU A 1 92  ? 0.540   -6.338  -2.850  1.00 14.54 ? 418 LEU A O   1 
ATOM   785  C  CB  . LEU A 1 92  ? 2.048   -6.087  -5.263  1.00 12.64 ? 418 LEU A CB  1 
ATOM   786  C  CG  . LEU A 1 92  ? 3.172   -6.824  -4.528  1.00 13.29 ? 418 LEU A CG  1 
ATOM   787  C  CD1 . LEU A 1 92  ? 3.163   -8.351  -4.846  1.00 14.16 ? 418 LEU A CD1 1 
ATOM   788  C  CD2 . LEU A 1 92  ? 4.523   -6.191  -4.949  1.00 14.54 ? 418 LEU A CD2 1 
ATOM   789  N  N   . ASN A 1 93  ? -0.687  -8.052  -3.699  1.00 15.00 ? 419 ASN A N   1 
ATOM   790  C  CA  . ASN A 1 93  ? -1.077  -8.540  -2.376  1.00 14.27 ? 419 ASN A CA  1 
ATOM   791  C  C   . ASN A 1 93  ? 0.070   -9.262  -1.684  1.00 13.99 ? 419 ASN A C   1 
ATOM   792  O  O   . ASN A 1 93  ? 0.630   -10.226 -2.245  1.00 13.30 ? 419 ASN A O   1 
ATOM   793  C  CB  . ASN A 1 93  ? -2.243  -9.518  -2.498  1.00 13.84 ? 419 ASN A CB  1 
ATOM   794  C  CG  . ASN A 1 93  ? -3.522  -8.827  -2.919  1.00 14.64 ? 419 ASN A CG  1 
ATOM   795  O  OD1 . ASN A 1 93  ? -4.044  -7.983  -2.180  1.00 15.34 ? 419 ASN A OD1 1 
ATOM   796  N  ND2 . ASN A 1 93  ? -4.050  -9.189  -4.104  1.00 12.89 ? 419 ASN A ND2 1 
ATOM   797  N  N   . VAL A 1 94  ? 0.417   -8.792  -0.500  1.00 13.17 ? 420 VAL A N   1 
ATOM   798  C  CA  . VAL A 1 94  ? 1.416   -9.448  0.325   1.00 13.35 ? 420 VAL A CA  1 
ATOM   799  C  C   . VAL A 1 94  ? 0.933   -9.612  1.772   1.00 13.87 ? 420 VAL A C   1 
ATOM   800  O  O   . VAL A 1 94  ? -0.022  -8.934  2.207   1.00 13.12 ? 420 VAL A O   1 
ATOM   801  C  CB  . VAL A 1 94  ? 2.808   -8.714  0.319   1.00 12.90 ? 420 VAL A CB  1 
ATOM   802  C  CG1 . VAL A 1 94  ? 3.451   -8.759  -1.077  1.00 12.32 ? 420 VAL A CG1 1 
ATOM   803  C  CG2 . VAL A 1 94  ? 2.702   -7.236  0.802   1.00 12.49 ? 420 VAL A CG2 1 
ATOM   804  N  N   . ARG A 1 95  ? 1.594   -10.527 2.487   1.00 13.54 ? 421 ARG A N   1 
ATOM   805  C  CA  . ARG A 1 95  ? 1.329   -10.731 3.908   1.00 13.33 ? 421 ARG A CA  1 
ATOM   806  C  C   . ARG A 1 95  ? 2.687   -11.025 4.540   1.00 14.00 ? 421 ARG A C   1 
ATOM   807  O  O   . ARG A 1 95  ? 3.611   -11.466 3.834   1.00 15.45 ? 421 ARG A O   1 
ATOM   808  C  CB  . ARG A 1 95  ? 0.340   -11.912 4.121   1.00 12.40 ? 421 ARG A CB  1 
ATOM   809  C  CG  . ARG A 1 95  ? -0.325  -11.902 5.498   1.00 11.41 ? 421 ARG A CG  1 
ATOM   810  C  CD  . ARG A 1 95  ? -1.275  -13.119 5.736   1.00 12.21 ? 421 ARG A CD  1 
ATOM   811  N  NE  . ARG A 1 95  ? -0.612  -14.444 5.702   1.00 12.51 ? 421 ARG A NE  1 
ATOM   812  C  CZ  . ARG A 1 95  ? 0.172   -14.922 6.672   1.00 12.86 ? 421 ARG A CZ  1 
ATOM   813  N  NH1 . ARG A 1 95  ? 0.733   -16.099 6.540   1.00 12.46 ? 421 ARG A NH1 1 
ATOM   814  N  NH2 . ARG A 1 95  ? 0.458   -14.197 7.752   1.00 13.52 ? 421 ARG A NH2 1 
ATOM   815  N  N   . ASP A 1 96  ? 2.811   -10.844 5.856   1.00 14.08 ? 422 ASP A N   1 
ATOM   816  C  CA  . ASP A 1 96  ? 4.061   -11.140 6.561   1.00 12.96 ? 422 ASP A CA  1 
ATOM   817  C  C   . ASP A 1 96  ? 4.228   -12.589 6.994   1.00 13.90 ? 422 ASP A C   1 
ATOM   818  O  O   . ASP A 1 96  ? 4.428   -12.891 8.180   1.00 14.89 ? 422 ASP A O   1 
ATOM   819  C  CB  . ASP A 1 96  ? 4.213   -10.136 7.720   1.00 13.41 ? 422 ASP A CB  1 
ATOM   820  C  CG  . ASP A 1 96  ? 5.609   -10.170 8.347   1.00 13.90 ? 422 ASP A CG  1 
ATOM   821  O  OD1 . ASP A 1 96  ? 6.624   -10.367 7.622   1.00 14.07 ? 422 ASP A OD1 1 
ATOM   822  O  OD2 . ASP A 1 96  ? 5.695   -10.046 9.573   1.00 16.70 ? 422 ASP A OD2 1 
ATOM   823  N  N   . SER A 1 97  ? 4.209   -13.500 6.018   1.00 14.80 ? 423 SER A N   1 
ATOM   824  C  CA  . SER A 1 97  ? 4.162   -14.917 6.310   1.00 15.79 ? 423 SER A CA  1 
ATOM   825  C  C   . SER A 1 97  ? 5.491   -15.412 6.876   1.00 16.86 ? 423 SER A C   1 
ATOM   826  O  O   . SER A 1 97  ? 5.545   -16.478 7.494   1.00 15.97 ? 423 SER A O   1 
ATOM   827  C  CB  . SER A 1 97  ? 3.805   -15.757 5.052   1.00 15.93 ? 423 SER A CB  1 
ATOM   828  O  OG  . SER A 1 97  ? 4.884   -15.852 4.143   1.00 17.88 ? 423 SER A OG  1 
ATOM   829  N  N   . LYS A 1 98  ? 6.567   -14.667 6.638   1.00 17.40 ? 424 LYS A N   1 
ATOM   830  C  CA  . LYS A 1 98  ? 7.858   -15.076 7.197   1.00 18.56 ? 424 LYS A CA  1 
ATOM   831  C  C   . LYS A 1 98  ? 8.291   -14.244 8.394   1.00 19.24 ? 424 LYS A C   1 
ATOM   832  O  O   . LYS A 1 98  ? 9.478   -14.275 8.780   1.00 19.12 ? 424 LYS A O   1 
ATOM   833  C  CB  . LYS A 1 98  ? 8.920   -15.041 6.118   1.00 19.15 ? 424 LYS A CB  1 
ATOM   834  C  CG  . LYS A 1 98  ? 8.628   -15.988 4.997   1.00 20.63 ? 424 LYS A CG  1 
ATOM   835  C  CD  . LYS A 1 98  ? 9.333   -17.274 5.216   1.00 27.67 ? 424 LYS A CD  1 
ATOM   836  C  CE  . LYS A 1 98  ? 9.142   -18.159 3.992   1.00 31.16 ? 424 LYS A CE  1 
ATOM   837  N  NZ  . LYS A 1 98  ? 10.366  -18.913 3.664   1.00 31.59 ? 424 LYS A NZ  1 
ATOM   838  N  N   . ASN A 1 99  ? 7.343   -13.519 8.981   1.00 18.71 ? 425 ASN A N   1 
ATOM   839  C  CA  . ASN A 1 99  ? 7.559   -12.850 10.249  1.00 20.49 ? 425 ASN A CA  1 
ATOM   840  C  C   . ASN A 1 99  ? 8.747   -11.885 10.300  1.00 19.92 ? 425 ASN A C   1 
ATOM   841  O  O   . ASN A 1 99  ? 9.678   -12.064 11.117  1.00 19.46 ? 425 ASN A O   1 
ATOM   842  C  CB  . ASN A 1 99  ? 7.766   -13.915 11.327  1.00 21.83 ? 425 ASN A CB  1 
ATOM   843  C  CG  . ASN A 1 99  ? 6.659   -14.880 11.338  1.00 24.98 ? 425 ASN A CG  1 
ATOM   844  O  OD1 . ASN A 1 99  ? 6.794   -16.001 10.814  1.00 28.11 ? 425 ASN A OD1 1 
ATOM   845  N  ND2 . ASN A 1 99  ? 5.506   -14.438 11.844  1.00 24.98 ? 425 ASN A ND2 1 
ATOM   846  N  N   . HIS A 1 100 ? 8.732   -10.883 9.432   1.00 17.99 ? 426 HIS A N   1 
ATOM   847  C  CA  . HIS A 1 100 ? 9.810   -9.913  9.415   1.00 17.28 ? 426 HIS A CA  1 
ATOM   848  C  C   . HIS A 1 100 ? 9.299   -8.539  9.782   1.00 18.45 ? 426 HIS A C   1 
ATOM   849  O  O   . HIS A 1 100 ? 10.070  -7.589  9.823   1.00 17.54 ? 426 HIS A O   1 
ATOM   850  C  CB  . HIS A 1 100 ? 10.467  -9.878  8.043   1.00 17.20 ? 426 HIS A CB  1 
ATOM   851  C  CG  . HIS A 1 100 ? 11.119  -11.170 7.667   1.00 16.59 ? 426 HIS A CG  1 
ATOM   852  N  ND1 . HIS A 1 100 ? 12.033  -11.806 8.481   1.00 14.21 ? 426 HIS A ND1 1 
ATOM   853  C  CD2 . HIS A 1 100 ? 10.954  -11.971 6.592   1.00 16.16 ? 426 HIS A CD2 1 
ATOM   854  C  CE1 . HIS A 1 100 ? 12.417  -12.939 7.914   1.00 16.53 ? 426 HIS A CE1 1 
ATOM   855  N  NE2 . HIS A 1 100 ? 11.788  -13.053 6.753   1.00 16.47 ? 426 HIS A NE2 1 
ATOM   856  N  N   . THR A 1 101 ? 7.999   -8.416  10.018  1.00 18.14 ? 427 THR A N   1 
ATOM   857  C  CA  . THR A 1 101 ? 7.453   -7.072  10.135  1.00 20.78 ? 427 THR A CA  1 
ATOM   858  C  C   . THR A 1 101 ? 6.709   -6.856  11.412  1.00 19.45 ? 427 THR A C   1 
ATOM   859  O  O   . THR A 1 101 ? 5.772   -7.576  11.776  1.00 18.54 ? 427 THR A O   1 
ATOM   860  C  CB  . THR A 1 101 ? 6.491   -6.690  8.982   1.00 21.11 ? 427 THR A CB  1 
ATOM   861  O  OG1 . THR A 1 101 ? 6.992   -7.166  7.712   1.00 26.93 ? 427 THR A OG1 1 
ATOM   862  C  CG2 . THR A 1 101 ? 6.240   -5.180  8.991   1.00 20.27 ? 427 THR A CG2 1 
ATOM   863  N  N   . ASP A 1 102 ? 7.128   -5.838  12.105  1.00 20.36 ? 428 ASP A N   1 
ATOM   864  C  CA  . ASP A 1 102 ? 6.470   -5.459  13.309  1.00 19.72 ? 428 ASP A CA  1 
ATOM   865  C  C   . ASP A 1 102 ? 5.582   -4.258  12.965  1.00 19.28 ? 428 ASP A C   1 
ATOM   866  O  O   . ASP A 1 102 ? 6.125   -3.161  12.851  1.00 17.46 ? 428 ASP A O   1 
ATOM   867  C  CB  . ASP A 1 102 ? 7.568   -5.026  14.264  1.00 21.77 ? 428 ASP A CB  1 
ATOM   868  C  CG  . ASP A 1 102 ? 7.063   -4.868  15.659  1.00 24.16 ? 428 ASP A CG  1 
ATOM   869  O  OD1 . ASP A 1 102 ? 7.873   -5.103  16.605  1.00 30.05 ? 428 ASP A OD1 1 
ATOM   870  O  OD2 . ASP A 1 102 ? 5.862   -4.518  15.812  1.00 27.37 ? 428 ASP A OD2 1 
ATOM   871  N  N   . PHE A 1 103 ? 4.266   -4.438  12.740  1.00 18.19 ? 429 PHE A N   1 
ATOM   872  C  CA  . PHE A 1 103 ? 3.471   -3.337  12.129  1.00 18.81 ? 429 PHE A CA  1 
ATOM   873  C  C   . PHE A 1 103 ? 3.308   -2.142  13.066  1.00 19.80 ? 429 PHE A C   1 
ATOM   874  O  O   . PHE A 1 103 ? 3.233   -0.983  12.626  1.00 20.17 ? 429 PHE A O   1 
ATOM   875  C  CB  . PHE A 1 103 ? 2.124   -3.805  11.592  1.00 18.18 ? 429 PHE A CB  1 
ATOM   876  C  CG  . PHE A 1 103 ? 2.237   -4.779  10.453  1.00 18.98 ? 429 PHE A CG  1 
ATOM   877  C  CD1 . PHE A 1 103 ? 2.524   -4.341  9.190   1.00 15.80 ? 429 PHE A CD1 1 
ATOM   878  C  CD2 . PHE A 1 103 ? 2.022   -6.130  10.667  1.00 20.39 ? 429 PHE A CD2 1 
ATOM   879  C  CE1 . PHE A 1 103 ? 2.653   -5.219  8.104   1.00 17.32 ? 429 PHE A CE1 1 
ATOM   880  C  CE2 . PHE A 1 103 ? 2.139   -7.026  9.605   1.00 19.20 ? 429 PHE A CE2 1 
ATOM   881  C  CZ  . PHE A 1 103 ? 2.434   -6.583  8.326   1.00 18.90 ? 429 PHE A CZ  1 
ATOM   882  N  N   . LYS A 1 104 ? 3.276   -2.435  14.351  1.00 20.96 ? 430 LYS A N   1 
ATOM   883  C  CA  . LYS A 1 104 ? 3.225   -1.389  15.362  1.00 23.20 ? 430 LYS A CA  1 
ATOM   884  C  C   . LYS A 1 104 ? 4.520   -0.625  15.566  1.00 23.04 ? 430 LYS A C   1 
ATOM   885  O  O   . LYS A 1 104 ? 4.516   0.599   15.516  1.00 24.66 ? 430 LYS A O   1 
ATOM   886  C  CB  . LYS A 1 104 ? 2.742   -1.945  16.680  1.00 24.90 ? 430 LYS A CB  1 
ATOM   887  C  CG  . LYS A 1 104 ? 1.307   -1.575  16.961  1.00 28.69 ? 430 LYS A CG  1 
ATOM   888  C  CD  . LYS A 1 104 ? 0.407   -2.750  16.696  1.00 33.68 ? 430 LYS A CD  1 
ATOM   889  C  CE  . LYS A 1 104 ? -0.462  -2.955  17.912  1.00 35.76 ? 430 LYS A CE  1 
ATOM   890  N  NZ  . LYS A 1 104 ? -1.295  -4.153  17.698  1.00 41.26 ? 430 LYS A NZ  1 
ATOM   891  N  N   . ILE A 1 105 ? 5.639   -1.316  15.758  1.00 23.89 ? 431 ILE A N   1 
ATOM   892  C  CA  . ILE A 1 105 ? 6.908   -0.594  15.911  1.00 24.17 ? 431 ILE A CA  1 
ATOM   893  C  C   . ILE A 1 105 ? 7.277   0.125   14.606  1.00 24.32 ? 431 ILE A C   1 
ATOM   894  O  O   . ILE A 1 105 ? 7.496   1.331   14.599  1.00 24.07 ? 431 ILE A O   1 
ATOM   895  C  CB  . ILE A 1 105 ? 8.101   -1.482  16.400  1.00 24.86 ? 431 ILE A CB  1 
ATOM   896  C  CG1 . ILE A 1 105 ? 7.848   -1.986  17.826  1.00 24.86 ? 431 ILE A CG1 1 
ATOM   897  C  CG2 . ILE A 1 105 ? 9.496   -0.735  16.219  1.00 25.04 ? 431 ILE A CG2 1 
ATOM   898  C  CD1 . ILE A 1 105 ? 8.923   -2.942  18.368  1.00 26.80 ? 431 ILE A CD1 1 
ATOM   899  N  N   . THR A 1 106 ? 7.335   -0.613  13.502  1.00 22.41 ? 432 THR A N   1 
ATOM   900  C  CA  . THR A 1 106 ? 7.878   -0.053  12.271  1.00 21.75 ? 432 THR A CA  1 
ATOM   901  C  C   . THR A 1 106 ? 6.965   0.986   11.569  1.00 21.84 ? 432 THR A C   1 
ATOM   902  O  O   . THR A 1 106 ? 7.450   2.007   11.076  1.00 21.33 ? 432 THR A O   1 
ATOM   903  C  CB  . THR A 1 106 ? 8.358   -1.191  11.322  1.00 21.32 ? 432 THR A CB  1 
ATOM   904  O  OG1 . THR A 1 106 ? 9.241   -2.064  12.055  1.00 19.76 ? 432 THR A OG1 1 
ATOM   905  C  CG2 . THR A 1 106 ? 9.125   -0.627  10.145  1.00 21.43 ? 432 THR A CG2 1 
ATOM   906  N  N   . TYR A 1 107 ? 5.662   0.737   11.523  1.00 22.23 ? 433 TYR A N   1 
ATOM   907  C  CA  . TYR A 1 107 ? 4.734   1.562   10.727  1.00 22.63 ? 433 TYR A CA  1 
ATOM   908  C  C   . TYR A 1 107 ? 3.612   2.207   11.526  1.00 23.76 ? 433 TYR A C   1 
ATOM   909  O  O   . TYR A 1 107 ? 2.778   2.932   10.957  1.00 24.31 ? 433 TYR A O   1 
ATOM   910  C  CB  . TYR A 1 107 ? 4.164   0.758   9.527   1.00 20.98 ? 433 TYR A CB  1 
ATOM   911  C  CG  . TYR A 1 107 ? 4.999   0.859   8.268   1.00 19.37 ? 433 TYR A CG  1 
ATOM   912  C  CD1 . TYR A 1 107 ? 5.949   -0.134  7.945   1.00 16.57 ? 433 TYR A CD1 1 
ATOM   913  C  CD2 . TYR A 1 107 ? 4.859   1.966   7.402   1.00 14.99 ? 433 TYR A CD2 1 
ATOM   914  C  CE1 . TYR A 1 107 ? 6.742   -0.014  6.775   1.00 16.08 ? 433 TYR A CE1 1 
ATOM   915  C  CE2 . TYR A 1 107 ? 5.643   2.078   6.241   1.00 17.35 ? 433 TYR A CE2 1 
ATOM   916  C  CZ  . TYR A 1 107 ? 6.555   1.062   5.929   1.00 15.96 ? 433 TYR A CZ  1 
ATOM   917  O  OH  . TYR A 1 107 ? 7.313   1.164   4.792   1.00 17.89 ? 433 TYR A OH  1 
ATOM   918  N  N   . ASP A 1 108 ? 3.594   1.976   12.839  1.00 24.58 ? 434 ASP A N   1 
ATOM   919  C  CA  . ASP A 1 108 ? 2.533   2.512   13.708  1.00 25.29 ? 434 ASP A CA  1 
ATOM   920  C  C   . ASP A 1 108 ? 1.114   2.195   13.240  1.00 24.96 ? 434 ASP A C   1 
ATOM   921  O  O   . ASP A 1 108 ? 0.236   3.070   13.245  1.00 23.08 ? 434 ASP A O   1 
ATOM   922  C  CB  . ASP A 1 108 ? 2.731   4.011   13.915  1.00 26.61 ? 434 ASP A CB  1 
ATOM   923  C  CG  . ASP A 1 108 ? 3.985   4.302   14.706  1.00 30.76 ? 434 ASP A CG  1 
ATOM   924  O  OD1 . ASP A 1 108 ? 4.015   3.928   15.902  1.00 36.63 ? 434 ASP A OD1 1 
ATOM   925  O  OD2 . ASP A 1 108 ? 4.960   4.857   14.139  1.00 36.72 ? 434 ASP A OD2 1 
ATOM   926  N  N   . ILE A 1 109 ? 0.894   0.935   12.851  1.00 23.89 ? 435 ILE A N   1 
ATOM   927  C  CA  . ILE A 1 109 ? -0.428  0.487   12.407  1.00 24.41 ? 435 ILE A CA  1 
ATOM   928  C  C   . ILE A 1 109 ? -1.316  0.097   13.599  1.00 25.58 ? 435 ILE A C   1 
ATOM   929  O  O   . ILE A 1 109 ? -1.062  -0.921  14.254  1.00 25.81 ? 435 ILE A O   1 
ATOM   930  C  CB  . ILE A 1 109 ? -0.334  -0.710  11.405  1.00 23.97 ? 435 ILE A CB  1 
ATOM   931  C  CG1 . ILE A 1 109 ? 0.631   -0.389  10.252  1.00 23.16 ? 435 ILE A CG1 1 
ATOM   932  C  CG2 . ILE A 1 109 ? -1.720  -1.053  10.867  1.00 23.98 ? 435 ILE A CG2 1 
ATOM   933  C  CD1 . ILE A 1 109 ? 0.179   0.798   9.354   1.00 20.62 ? 435 ILE A CD1 1 
ATOM   934  N  N   . TYR A 1 110 ? -2.329  0.916   13.886  1.00 25.70 ? 436 TYR A N   1 
ATOM   935  C  CA  . TYR A 1 110 ? -3.389  0.547   14.853  1.00 27.24 ? 436 TYR A CA  1 
ATOM   936  C  C   . TYR A 1 110 ? -4.711  0.319   14.127  1.00 26.70 ? 436 TYR A C   1 
ATOM   937  O  O   . TYR A 1 110 ? -4.934  -0.768  13.582  1.00 28.04 ? 436 TYR A O   1 
ATOM   938  C  CB  . TYR A 1 110 ? -3.493  1.573   15.958  1.00 27.55 ? 436 TYR A CB  1 
ATOM   939  C  CG  . TYR A 1 110 ? -2.240  1.549   16.761  1.00 31.96 ? 436 TYR A CG  1 
ATOM   940  C  CD1 . TYR A 1 110 ? -2.091  0.639   17.818  1.00 37.05 ? 436 TYR A CD1 1 
ATOM   941  C  CD2 . TYR A 1 110 ? -1.166  2.382   16.436  1.00 35.83 ? 436 TYR A CD2 1 
ATOM   942  C  CE1 . TYR A 1 110 ? -0.917  0.593   18.564  1.00 39.96 ? 436 TYR A CE1 1 
ATOM   943  C  CE2 . TYR A 1 110 ? 0.019   2.335   17.154  1.00 38.88 ? 436 TYR A CE2 1 
ATOM   944  C  CZ  . TYR A 1 110 ? 0.131   1.445   18.226  1.00 41.05 ? 436 TYR A CZ  1 
ATOM   945  O  OH  . TYR A 1 110 ? 1.290   1.405   18.956  1.00 43.35 ? 436 TYR A OH  1 
ATOM   946  N  N   . ALA A 1 111 ? -5.566  1.330   14.036  1.00 25.16 ? 437 ALA A N   1 
ATOM   947  C  CA  . ALA A 1 111 ? -6.701  1.191   13.139  1.00 23.82 ? 437 ALA A CA  1 
ATOM   948  C  C   . ALA A 1 111 ? -6.200  0.888   11.695  1.00 22.27 ? 437 ALA A C   1 
ATOM   949  O  O   . ALA A 1 111 ? -5.195  1.450   11.244  1.00 21.94 ? 437 ALA A O   1 
ATOM   950  C  CB  . ALA A 1 111 ? -7.519  2.442   13.165  1.00 24.35 ? 437 ALA A CB  1 
ATOM   951  N  N   . THR A 1 112 ? -6.885  -0.009  10.995  1.00 20.46 ? 438 THR A N   1 
ATOM   952  C  CA  . THR A 1 112 ? -6.663  -0.185  9.545   1.00 19.53 ? 438 THR A CA  1 
ATOM   953  C  C   . THR A 1 112 ? -7.929  0.311   8.829   1.00 19.58 ? 438 THR A C   1 
ATOM   954  O  O   . THR A 1 112 ? -8.997  0.405   9.471   1.00 18.51 ? 438 THR A O   1 
ATOM   955  C  CB  . THR A 1 112 ? -6.419  -1.672  9.164   1.00 19.31 ? 438 THR A CB  1 
ATOM   956  O  OG1 . THR A 1 112 ? -7.312  -2.493  9.917   1.00 19.96 ? 438 THR A OG1 1 
ATOM   957  C  CG2 . THR A 1 112 ? -4.985  -2.096  9.471   1.00 18.66 ? 438 THR A CG2 1 
ATOM   958  N  N   . PRO A 1 113 ? -7.836  0.639   7.510   1.00 19.32 ? 439 PRO A N   1 
ATOM   959  C  CA  . PRO A 1 113 ? -6.630  0.502   6.697   1.00 17.66 ? 439 PRO A CA  1 
ATOM   960  C  C   . PRO A 1 113 ? -5.832  1.790   6.790   1.00 18.52 ? 439 PRO A C   1 
ATOM   961  O  O   . PRO A 1 113 ? -6.363  2.800   7.320   1.00 17.47 ? 439 PRO A O   1 
ATOM   962  C  CB  . PRO A 1 113 ? -7.184  0.309   5.289   1.00 17.94 ? 439 PRO A CB  1 
ATOM   963  C  CG  . PRO A 1 113 ? -8.520  1.040   5.274   1.00 19.78 ? 439 PRO A CG  1 
ATOM   964  C  CD  . PRO A 1 113 ? -8.966  1.194   6.731   1.00 19.24 ? 439 PRO A CD  1 
ATOM   965  N  N   . VAL A 1 114 ? -4.584  1.757   6.331   1.00 17.08 ? 440 VAL A N   1 
ATOM   966  C  CA  . VAL A 1 114 ? -3.698  2.912   6.385   1.00 17.52 ? 440 VAL A CA  1 
ATOM   967  C  C   . VAL A 1 114 ? -2.968  3.007   5.037   1.00 17.05 ? 440 VAL A C   1 
ATOM   968  O  O   . VAL A 1 114 ? -2.458  1.999   4.551   1.00 17.30 ? 440 VAL A O   1 
ATOM   969  C  CB  . VAL A 1 114 ? -2.614  2.772   7.451   1.00 17.62 ? 440 VAL A CB  1 
ATOM   970  C  CG1 . VAL A 1 114 ? -1.750  4.070   7.468   1.00 19.42 ? 440 VAL A CG1 1 
ATOM   971  C  CG2 . VAL A 1 114 ? -3.204  2.524   8.847   1.00 18.19 ? 440 VAL A CG2 1 
ATOM   972  N  N   . LEU A 1 115 ? -2.864  4.212   4.471   1.00 16.50 ? 441 LEU A N   1 
ATOM   973  C  CA  . LEU A 1 115 ? -2.312  4.378   3.117   1.00 16.51 ? 441 LEU A CA  1 
ATOM   974  C  C   . LEU A 1 115 ? -1.150  5.405   3.090   1.00 15.82 ? 441 LEU A C   1 
ATOM   975  O  O   . LEU A 1 115 ? -1.275  6.527   3.653   1.00 15.79 ? 441 LEU A O   1 
ATOM   976  C  CB  . LEU A 1 115 ? -3.456  4.848   2.186   1.00 16.69 ? 441 LEU A CB  1 
ATOM   977  C  CG  . LEU A 1 115 ? -3.186  4.982   0.686   1.00 20.22 ? 441 LEU A CG  1 
ATOM   978  C  CD1 . LEU A 1 115 ? -4.499  4.873   -0.036  1.00 24.58 ? 441 LEU A CD1 1 
ATOM   979  C  CD2 . LEU A 1 115 ? -2.527  6.347   0.386   1.00 19.68 ? 441 LEU A CD2 1 
ATOM   980  N  N   . TYR A 1 116 ? -0.035  5.026   2.481   1.00 13.82 ? 442 TYR A N   1 
ATOM   981  C  CA  . TYR A 1 116 ? 1.067   5.958   2.194   1.00 14.66 ? 442 TYR A CA  1 
ATOM   982  C  C   . TYR A 1 116 ? 1.273   6.023   0.707   1.00 14.63 ? 442 TYR A C   1 
ATOM   983  O  O   . TYR A 1 116 ? 1.059   5.030   0.027   1.00 16.87 ? 442 TYR A O   1 
ATOM   984  C  CB  . TYR A 1 116 ? 2.380   5.484   2.835   1.00 14.92 ? 442 TYR A CB  1 
ATOM   985  C  CG  . TYR A 1 116 ? 2.343   5.518   4.349   1.00 17.60 ? 442 TYR A CG  1 
ATOM   986  C  CD1 . TYR A 1 116 ? 2.829   6.629   5.044   1.00 18.80 ? 442 TYR A CD1 1 
ATOM   987  C  CD2 . TYR A 1 116 ? 1.809   4.440   5.093   1.00 19.11 ? 442 TYR A CD2 1 
ATOM   988  C  CE1 . TYR A 1 116 ? 2.816   6.656   6.454   1.00 23.05 ? 442 TYR A CE1 1 
ATOM   989  C  CE2 . TYR A 1 116 ? 1.766   4.481   6.509   1.00 22.23 ? 442 TYR A CE2 1 
ATOM   990  C  CZ  . TYR A 1 116 ? 2.279   5.587   7.174   1.00 24.62 ? 442 TYR A CZ  1 
ATOM   991  O  OH  . TYR A 1 116 ? 2.259   5.697   8.561   1.00 29.89 ? 442 TYR A OH  1 
ATOM   992  N  N   . VAL A 1 117 ? 1.701   7.168   0.175   1.00 13.37 ? 443 VAL A N   1 
ATOM   993  C  CA  . VAL A 1 117 ? 2.079   7.228   -1.220  1.00 13.61 ? 443 VAL A CA  1 
ATOM   994  C  C   . VAL A 1 117 ? 3.595   7.407   -1.223  1.00 13.14 ? 443 VAL A C   1 
ATOM   995  O  O   . VAL A 1 117 ? 4.147   8.274   -0.523  1.00 12.18 ? 443 VAL A O   1 
ATOM   996  C  CB  . VAL A 1 117 ? 1.388   8.412   -1.974  1.00 13.19 ? 443 VAL A CB  1 
ATOM   997  C  CG1 . VAL A 1 117 ? 1.781   8.426   -3.451  1.00 14.36 ? 443 VAL A CG1 1 
ATOM   998  C  CG2 . VAL A 1 117 ? -0.167  8.298   -1.812  1.00 14.21 ? 443 VAL A CG2 1 
ATOM   999  N  N   . LEU A 1 118 ? 4.268   6.581   -2.017  1.00 13.01 ? 444 LEU A N   1 
ATOM   1000 C  CA  . LEU A 1 118 ? 5.730   6.657   -2.129  1.00 13.78 ? 444 LEU A CA  1 
ATOM   1001 C  C   . LEU A 1 118 ? 6.095   7.005   -3.566  1.00 14.30 ? 444 LEU A C   1 
ATOM   1002 O  O   . LEU A 1 118 ? 5.416   6.566   -4.499  1.00 14.55 ? 444 LEU A O   1 
ATOM   1003 C  CB  . LEU A 1 118 ? 6.372   5.282   -1.835  1.00 13.19 ? 444 LEU A CB  1 
ATOM   1004 C  CG  . LEU A 1 118 ? 5.858   4.562   -0.580  1.00 13.72 ? 444 LEU A CG  1 
ATOM   1005 C  CD1 . LEU A 1 118 ? 6.446   3.145   -0.357  1.00 16.03 ? 444 LEU A CD1 1 
ATOM   1006 C  CD2 . LEU A 1 118 ? 6.051   5.454   0.699   1.00 14.48 ? 444 LEU A CD2 1 
ATOM   1007 N  N   . ASP A 1 119 ? 7.203   7.707   -3.733  1.00 14.22 ? 445 ASP A N   1 
ATOM   1008 C  CA  . ASP A 1 119 ? 7.703   7.986   -5.091  1.00 15.45 ? 445 ASP A CA  1 
ATOM   1009 C  C   . ASP A 1 119 ? 8.476   6.793   -5.719  1.00 15.26 ? 445 ASP A C   1 
ATOM   1010 O  O   . ASP A 1 119 ? 8.491   5.663   -5.163  1.00 15.79 ? 445 ASP A O   1 
ATOM   1011 C  CB  . ASP A 1 119 ? 8.504   9.314   -5.137  1.00 15.56 ? 445 ASP A CB  1 
ATOM   1012 C  CG  . ASP A 1 119 ? 9.915   9.200   -4.563  1.00 19.09 ? 445 ASP A CG  1 
ATOM   1013 O  OD1 . ASP A 1 119 ? 10.368  8.123   -4.131  1.00 17.55 ? 445 ASP A OD1 1 
ATOM   1014 O  OD2 . ASP A 1 119 ? 10.611  10.229  -4.559  1.00 18.95 ? 445 ASP A OD2 1 
ATOM   1015 N  N   . LYS A 1 120 ? 9.109   7.027   -6.879  1.00 15.88 ? 446 LYS A N   1 
ATOM   1016 C  CA  . LYS A 1 120 ? 9.806   5.927   -7.565  1.00 16.79 ? 446 LYS A CA  1 
ATOM   1017 C  C   . LYS A 1 120 ? 10.907  5.289   -6.703  1.00 16.98 ? 446 LYS A C   1 
ATOM   1018 O  O   . LYS A 1 120 ? 11.180  4.090   -6.858  1.00 17.86 ? 446 LYS A O   1 
ATOM   1019 C  CB  . LYS A 1 120 ? 10.387  6.332   -8.919  1.00 16.97 ? 446 LYS A CB  1 
ATOM   1020 C  CG  . LYS A 1 120 ? 11.614  7.172   -8.821  1.00 21.12 ? 446 LYS A CG  1 
ATOM   1021 C  CD  . LYS A 1 120 ? 12.343  7.243   -10.185 1.00 27.69 ? 446 LYS A CD  1 
ATOM   1022 C  CE  . LYS A 1 120 ? 13.511  6.266   -10.204 1.00 31.46 ? 446 LYS A CE  1 
ATOM   1023 N  NZ  . LYS A 1 120 ? 13.385  5.303   -11.342 1.00 35.59 ? 446 LYS A NZ  1 
ATOM   1024 N  N   . ASN A 1 121 ? 11.496  6.072   -5.792  1.00 16.62 ? 447 ASN A N   1 
ATOM   1025 C  CA  . ASN A 1 121 ? 12.567  5.572   -4.913  1.00 16.52 ? 447 ASN A CA  1 
ATOM   1026 C  C   . ASN A 1 121 ? 12.097  5.244   -3.492  1.00 16.61 ? 447 ASN A C   1 
ATOM   1027 O  O   . ASN A 1 121 ? 12.922  5.133   -2.553  1.00 16.56 ? 447 ASN A O   1 
ATOM   1028 C  CB  . ASN A 1 121 ? 13.703  6.580   -4.902  1.00 17.17 ? 447 ASN A CB  1 
ATOM   1029 C  CG  . ASN A 1 121 ? 14.235  6.844   -6.286  1.00 16.77 ? 447 ASN A CG  1 
ATOM   1030 O  OD1 . ASN A 1 121 ? 14.562  5.903   -7.043  1.00 19.40 ? 447 ASN A OD1 1 
ATOM   1031 N  ND2 . ASN A 1 121 ? 14.273  8.113   -6.660  1.00 17.30 ? 447 ASN A ND2 1 
ATOM   1032 N  N   . LYS A 1 122 ? 10.779  5.093   -3.340  1.00 14.33 ? 448 LYS A N   1 
ATOM   1033 C  CA  . LYS A 1 122 ? 10.133  4.679   -2.069  1.00 15.25 ? 448 LYS A CA  1 
ATOM   1034 C  C   . LYS A 1 122 ? 10.211  5.762   -1.009  1.00 15.30 ? 448 LYS A C   1 
ATOM   1035 O  O   . LYS A 1 122 ? 9.983   5.476   0.181   1.00 16.83 ? 448 LYS A O   1 
ATOM   1036 C  CB  . LYS A 1 122 ? 10.656  3.347   -1.505  1.00 14.68 ? 448 LYS A CB  1 
ATOM   1037 C  CG  . LYS A 1 122 ? 10.665  2.181   -2.527  1.00 16.68 ? 448 LYS A CG  1 
ATOM   1038 C  CD  . LYS A 1 122 ? 9.262   1.916   -3.111  1.00 15.85 ? 448 LYS A CD  1 
ATOM   1039 C  CE  . LYS A 1 122 ? 9.319   0.880   -4.269  1.00 13.85 ? 448 LYS A CE  1 
ATOM   1040 N  NZ  . LYS A 1 122 ? 10.034  1.479   -5.426  1.00 13.90 ? 448 LYS A NZ  1 
ATOM   1041 N  N   . VAL A 1 123 ? 10.463  6.999   -1.449  1.00 14.13 ? 449 VAL A N   1 
ATOM   1042 C  CA  . VAL A 1 123 ? 10.370  8.154   -0.527  1.00 13.28 ? 449 VAL A CA  1 
ATOM   1043 C  C   . VAL A 1 123 ? 8.911   8.492   -0.220  1.00 13.74 ? 449 VAL A C   1 
ATOM   1044 O  O   . VAL A 1 123 ? 8.040   8.500   -1.108  1.00 12.82 ? 449 VAL A O   1 
ATOM   1045 C  CB  . VAL A 1 123 ? 11.066  9.346   -1.069  1.00 13.23 ? 449 VAL A CB  1 
ATOM   1046 C  CG1 . VAL A 1 123 ? 10.743  10.621  -0.200  1.00 13.81 ? 449 VAL A CG1 1 
ATOM   1047 C  CG2 . VAL A 1 123 ? 12.537  9.052   -1.115  1.00 15.15 ? 449 VAL A CG2 1 
ATOM   1048 N  N   . ILE A 1 124 ? 8.633   8.792   1.045   1.00 13.30 ? 450 ILE A N   1 
ATOM   1049 C  CA  . ILE A 1 124 ? 7.274   9.053   1.439   1.00 13.97 ? 450 ILE A CA  1 
ATOM   1050 C  C   . ILE A 1 124 ? 6.860   10.431  0.925   1.00 14.02 ? 450 ILE A C   1 
ATOM   1051 O  O   . ILE A 1 124 ? 7.472   11.467  1.309   1.00 14.44 ? 450 ILE A O   1 
ATOM   1052 C  CB  . ILE A 1 124 ? 7.135   8.989   3.001   1.00 14.07 ? 450 ILE A CB  1 
ATOM   1053 C  CG1 . ILE A 1 124 ? 7.391   7.537   3.496   1.00 14.44 ? 450 ILE A CG1 1 
ATOM   1054 C  CG2 . ILE A 1 124 ? 5.719   9.497   3.455   1.00 14.41 ? 450 ILE A CG2 1 
ATOM   1055 C  CD1 . ILE A 1 124 ? 7.742   7.478   4.988   1.00 17.61 ? 450 ILE A CD1 1 
ATOM   1056 N  N   . ILE A 1 125 ? 5.805   10.465  0.109   1.00 12.95 ? 451 ILE A N   1 
ATOM   1057 C  CA  . ILE A 1 125 ? 5.321   11.781  -0.424  1.00 13.74 ? 451 ILE A CA  1 
ATOM   1058 C  C   . ILE A 1 125 ? 3.909   12.169  0.072   1.00 13.76 ? 451 ILE A C   1 
ATOM   1059 O  O   . ILE A 1 125 ? 3.515   13.333  -0.023  1.00 13.64 ? 451 ILE A O   1 
ATOM   1060 C  CB  . ILE A 1 125 ? 5.410   11.882  -1.975  1.00 12.45 ? 451 ILE A CB  1 
ATOM   1061 C  CG1 . ILE A 1 125 ? 4.572   10.789  -2.672  1.00 14.85 ? 451 ILE A CG1 1 
ATOM   1062 C  CG2 . ILE A 1 125 ? 6.900   11.776  -2.431  1.00 15.97 ? 451 ILE A CG2 1 
ATOM   1063 C  CD1 . ILE A 1 125 ? 4.561   10.950  -4.236  1.00 14.53 ? 451 ILE A CD1 1 
ATOM   1064 N  N   . ALA A 1 126 ? 3.207   11.211  0.664   1.00 13.97 ? 452 ALA A N   1 
ATOM   1065 C  CA  . ALA A 1 126 ? 1.922   11.427  1.306   1.00 15.49 ? 452 ALA A CA  1 
ATOM   1066 C  C   . ALA A 1 126 ? 1.743   10.402  2.445   1.00 15.87 ? 452 ALA A C   1 
ATOM   1067 O  O   . ALA A 1 126 ? 2.113   9.236   2.312   1.00 16.93 ? 452 ALA A O   1 
ATOM   1068 C  CB  . ALA A 1 126 ? 0.761   11.369  0.295   1.00 13.67 ? 452 ALA A CB  1 
ATOM   1069 N  N   . LYS A 1 127 ? 1.242   10.860  3.592   1.00 16.47 ? 453 LYS A N   1 
ATOM   1070 C  CA  . LYS A 1 127 ? 1.110   9.986   4.778   1.00 17.34 ? 453 LYS A CA  1 
ATOM   1071 C  C   . LYS A 1 127 ? -0.346  9.868   5.221   1.00 15.96 ? 453 LYS A C   1 
ATOM   1072 O  O   . LYS A 1 127 ? -0.954  10.864  5.555   1.00 14.87 ? 453 LYS A O   1 
ATOM   1073 C  CB  . LYS A 1 127 ? 1.836   10.574  6.012   1.00 18.21 ? 453 LYS A CB  1 
ATOM   1074 C  CG  . LYS A 1 127 ? 3.328   10.850  5.858   1.00 22.12 ? 453 LYS A CG  1 
ATOM   1075 C  CD  . LYS A 1 127 ? 3.952   11.132  7.268   1.00 20.90 ? 453 LYS A CD  1 
ATOM   1076 C  CE  . LYS A 1 127 ? 4.001   12.607  7.559   1.00 21.32 ? 453 LYS A CE  1 
ATOM   1077 N  NZ  . LYS A 1 127 ? 4.860   12.947  8.752   1.00 18.08 ? 453 LYS A NZ  1 
ATOM   1078 N  N   . ARG A 1 128 ? -0.883  8.645   5.209   1.00 15.38 ? 454 ARG A N   1 
ATOM   1079 C  CA  A ARG A 1 128 ? -2.159  8.358   5.864   0.50 15.65 ? 454 ARG A CA  1 
ATOM   1080 C  CA  B ARG A 1 128 ? -2.149  8.354   5.868   0.50 15.63 ? 454 ARG A CA  1 
ATOM   1081 C  C   . ARG A 1 128 ? -3.303  9.206   5.315   1.00 15.66 ? 454 ARG A C   1 
ATOM   1082 O  O   . ARG A 1 128 ? -4.136  9.746   6.078   1.00 15.24 ? 454 ARG A O   1 
ATOM   1083 C  CB  A ARG A 1 128 ? -2.043  8.533   7.384   0.50 16.05 ? 454 ARG A CB  1 
ATOM   1084 C  CB  B ARG A 1 128 ? -1.982  8.506   7.386   0.50 16.10 ? 454 ARG A CB  1 
ATOM   1085 C  CG  A ARG A 1 128 ? -1.140  7.490   8.034   0.50 18.24 ? 454 ARG A CG  1 
ATOM   1086 C  CG  B ARG A 1 128 ? -0.707  7.795   7.896   0.50 18.02 ? 454 ARG A CG  1 
ATOM   1087 C  CD  A ARG A 1 128 ? -1.255  7.544   9.557   0.50 16.98 ? 454 ARG A CD  1 
ATOM   1088 C  CD  B ARG A 1 128 ? -0.601  7.801   9.423   0.50 17.32 ? 454 ARG A CD  1 
ATOM   1089 N  NE  A ARG A 1 128 ? -0.465  6.503   10.194  0.50 19.89 ? 454 ARG A NE  1 
ATOM   1090 N  NE  B ARG A 1 128 ? -0.660  9.141   9.992   0.50 18.79 ? 454 ARG A NE  1 
ATOM   1091 C  CZ  A ARG A 1 128 ? -0.969  5.474   10.865  0.50 18.35 ? 454 ARG A CZ  1 
ATOM   1092 C  CZ  B ARG A 1 128 ? 0.392   9.946   10.135  0.50 20.95 ? 454 ARG A CZ  1 
ATOM   1093 N  NH1 A ARG A 1 128 ? -2.267  5.315   11.006  0.50 17.96 ? 454 ARG A NH1 1 
ATOM   1094 N  NH1 B ARG A 1 128 ? 0.220   11.147  10.687  0.50 19.02 ? 454 ARG A NH1 1 
ATOM   1095 N  NH2 A ARG A 1 128 ? -0.154  4.604   11.404  0.50 21.24 ? 454 ARG A NH2 1 
ATOM   1096 N  NH2 B ARG A 1 128 ? 1.608   9.536   9.740   0.50 20.73 ? 454 ARG A NH2 1 
ATOM   1097 N  N   . ILE A 1 129 ? -3.342  9.342   3.996   1.00 15.07 ? 455 ILE A N   1 
ATOM   1098 C  CA  . ILE A 1 129 ? -4.409  10.098  3.325   1.00 15.66 ? 455 ILE A CA  1 
ATOM   1099 C  C   . ILE A 1 129 ? -5.475  9.111   2.837   1.00 17.22 ? 455 ILE A C   1 
ATOM   1100 O  O   . ILE A 1 129 ? -5.218  7.901   2.756   1.00 18.78 ? 455 ILE A O   1 
ATOM   1101 C  CB  . ILE A 1 129 ? -3.860  10.981  2.178   1.00 15.87 ? 455 ILE A CB  1 
ATOM   1102 C  CG1 . ILE A 1 129 ? -3.175  10.109  1.122   1.00 15.65 ? 455 ILE A CG1 1 
ATOM   1103 C  CG2 . ILE A 1 129 ? -2.841  11.995  2.737   1.00 14.36 ? 455 ILE A CG2 1 
ATOM   1104 C  CD1 . ILE A 1 129 ? -2.924  10.880  -0.179  1.00 17.02 ? 455 ILE A CD1 1 
ATOM   1105 N  N   . GLY A 1 130 ? -6.671  9.583   2.534   1.00 19.05 ? 456 GLY A N   1 
ATOM   1106 C  CA  . GLY A 1 130 ? -7.715  8.617   2.141   1.00 20.70 ? 456 GLY A CA  1 
ATOM   1107 C  C   . GLY A 1 130 ? -7.585  8.351   0.661   1.00 21.27 ? 456 GLY A C   1 
ATOM   1108 O  O   . GLY A 1 130 ? -7.160  9.243   -0.096  1.00 21.78 ? 456 GLY A O   1 
ATOM   1109 N  N   . TYR A 1 131 ? -8.003  7.169   0.210   1.00 21.06 ? 457 TYR A N   1 
ATOM   1110 C  CA  . TYR A 1 131 ? -7.974  6.885   -1.243  1.00 21.38 ? 457 TYR A CA  1 
ATOM   1111 C  C   . TYR A 1 131 ? -8.736  7.964   -2.060  1.00 20.31 ? 457 TYR A C   1 
ATOM   1112 O  O   . TYR A 1 131 ? -8.386  8.246   -3.204  1.00 20.71 ? 457 TYR A O   1 
ATOM   1113 C  CB  . TYR A 1 131 ? -8.544  5.473   -1.548  1.00 22.41 ? 457 TYR A CB  1 
ATOM   1114 C  CG  . TYR A 1 131 ? -10.067 5.482   -1.625  1.00 24.42 ? 457 TYR A CG  1 
ATOM   1115 C  CD1 . TYR A 1 131 ? -10.724 5.814   -2.807  1.00 24.94 ? 457 TYR A CD1 1 
ATOM   1116 C  CD2 . TYR A 1 131 ? -10.834 5.232   -0.496  1.00 28.84 ? 457 TYR A CD2 1 
ATOM   1117 C  CE1 . TYR A 1 131 ? -12.077 5.879   -2.873  1.00 27.39 ? 457 TYR A CE1 1 
ATOM   1118 C  CE2 . TYR A 1 131 ? -12.217 5.273   -0.552  1.00 29.46 ? 457 TYR A CE2 1 
ATOM   1119 C  CZ  . TYR A 1 131 ? -12.821 5.606   -1.747  1.00 30.09 ? 457 TYR A CZ  1 
ATOM   1120 O  OH  . TYR A 1 131 ? -14.192 5.656   -1.811  1.00 34.70 ? 457 TYR A OH  1 
ATOM   1121 N  N   . GLU A 1 132 ? -9.753  8.593   -1.464  1.00 19.92 ? 458 GLU A N   1 
ATOM   1122 C  CA  . GLU A 1 132 ? -10.575 9.521   -2.210  1.00 19.86 ? 458 GLU A CA  1 
ATOM   1123 C  C   . GLU A 1 132 ? -9.830  10.824  -2.478  1.00 18.77 ? 458 GLU A C   1 
ATOM   1124 O  O   . GLU A 1 132 ? -10.284 11.625  -3.286  1.00 17.55 ? 458 GLU A O   1 
ATOM   1125 C  CB  . GLU A 1 132 ? -11.941 9.772   -1.537  1.00 20.62 ? 458 GLU A CB  1 
ATOM   1126 C  CG  . GLU A 1 132 ? -11.906 10.641  -0.328  1.00 24.79 ? 458 GLU A CG  1 
ATOM   1127 C  CD  . GLU A 1 132 ? -11.591 9.876   0.958   1.00 31.90 ? 458 GLU A CD  1 
ATOM   1128 O  OE1 . GLU A 1 132 ? -11.040 8.745   0.915   1.00 28.90 ? 458 GLU A OE1 1 
ATOM   1129 O  OE2 . GLU A 1 132 ? -11.911 10.434  2.040   1.00 36.49 ? 458 GLU A OE2 1 
ATOM   1130 N  N   . ASN A 1 133 ? -8.687  11.022  -1.810  1.00 17.44 ? 459 ASN A N   1 
ATOM   1131 C  CA  . ASN A 1 133 ? -7.851  12.203  -2.040  1.00 18.28 ? 459 ASN A CA  1 
ATOM   1132 C  C   . ASN A 1 133 ? -6.626  11.967  -2.930  1.00 17.88 ? 459 ASN A C   1 
ATOM   1133 O  O   . ASN A 1 133 ? -5.873  12.889  -3.223  1.00 17.63 ? 459 ASN A O   1 
ATOM   1134 C  CB  . ASN A 1 133 ? -7.454  12.838  -0.699  1.00 17.83 ? 459 ASN A CB  1 
ATOM   1135 C  CG  . ASN A 1 133 ? -8.655  13.387  0.051   1.00 19.92 ? 459 ASN A CG  1 
ATOM   1136 O  OD1 . ASN A 1 133 ? -8.843  13.118  1.230   1.00 22.32 ? 459 ASN A OD1 1 
ATOM   1137 N  ND2 . ASN A 1 133 ? -9.506  14.105  -0.654  1.00 20.78 ? 459 ASN A ND2 1 
ATOM   1138 N  N   . LEU A 1 134 ? -6.460  10.737  -3.400  1.00 18.79 ? 460 LEU A N   1 
ATOM   1139 C  CA  . LEU A 1 134 ? -5.313  10.391  -4.256  1.00 19.79 ? 460 LEU A CA  1 
ATOM   1140 C  C   . LEU A 1 134 ? -5.171  11.161  -5.582  1.00 20.26 ? 460 LEU A C   1 
ATOM   1141 O  O   . LEU A 1 134 ? -4.054  11.592  -5.930  1.00 19.54 ? 460 LEU A O   1 
ATOM   1142 C  CB  . LEU A 1 134 ? -5.326  8.889   -4.569  1.00 19.87 ? 460 LEU A CB  1 
ATOM   1143 C  CG  . LEU A 1 134 ? -4.808  7.924   -3.529  1.00 19.47 ? 460 LEU A CG  1 
ATOM   1144 C  CD1 . LEU A 1 134 ? -5.155  6.545   -4.029  1.00 17.77 ? 460 LEU A CD1 1 
ATOM   1145 C  CD2 . LEU A 1 134 ? -3.286  8.069   -3.389  1.00 18.73 ? 460 LEU A CD2 1 
ATOM   1146 N  N   . ASP A 1 135 ? -6.275  11.330  -6.324  1.00 20.79 ? 461 ASP A N   1 
ATOM   1147 C  CA  . ASP A 1 135 ? -6.191  11.967  -7.637  1.00 21.40 ? 461 ASP A CA  1 
ATOM   1148 C  C   . ASP A 1 135 ? -5.691  13.371  -7.445  1.00 21.28 ? 461 ASP A C   1 
ATOM   1149 O  O   . ASP A 1 135 ? -4.757  13.817  -8.128  1.00 20.86 ? 461 ASP A O   1 
ATOM   1150 C  CB  . ASP A 1 135 ? -7.558  12.010  -8.343  1.00 22.55 ? 461 ASP A CB  1 
ATOM   1151 C  CG  . ASP A 1 135 ? -7.877  10.731  -9.091  1.00 25.09 ? 461 ASP A CG  1 
ATOM   1152 O  OD1 . ASP A 1 135 ? -6.968  9.910   -9.341  1.00 27.31 ? 461 ASP A OD1 1 
ATOM   1153 O  OD2 . ASP A 1 135 ? -9.058  10.560  -9.454  1.00 30.99 ? 461 ASP A OD2 1 
ATOM   1154 N  N   . ASP A 1 136 ? -6.296  14.080  -6.492  1.00 21.11 ? 462 ASP A N   1 
ATOM   1155 C  CA  . ASP A 1 136 ? -5.867  15.429  -6.242  1.00 20.99 ? 462 ASP A CA  1 
ATOM   1156 C  C   . ASP A 1 136 ? -4.491  15.559  -5.673  1.00 19.85 ? 462 ASP A C   1 
ATOM   1157 O  O   . ASP A 1 136 ? -3.759  16.474  -6.048  1.00 20.75 ? 462 ASP A O   1 
ATOM   1158 C  CB  . ASP A 1 136 ? -6.859  16.183  -5.406  1.00 21.76 ? 462 ASP A CB  1 
ATOM   1159 C  CG  . ASP A 1 136 ? -7.592  17.109  -6.232  1.00 26.36 ? 462 ASP A CG  1 
ATOM   1160 O  OD1 . ASP A 1 136 ? -8.554  16.668  -6.919  1.00 29.73 ? 462 ASP A OD1 1 
ATOM   1161 O  OD2 . ASP A 1 136 ? -7.119  18.268  -6.297  1.00 34.26 ? 462 ASP A OD2 1 
ATOM   1162 N  N   . PHE A 1 137 ? -4.139  14.650  -4.773  1.00 19.06 ? 463 PHE A N   1 
ATOM   1163 C  CA  . PHE A 1 137 ? -2.792  14.636  -4.271  1.00 17.88 ? 463 PHE A CA  1 
ATOM   1164 C  C   . PHE A 1 137 ? -1.785  14.472  -5.440  1.00 18.06 ? 463 PHE A C   1 
ATOM   1165 O  O   . PHE A 1 137 ? -0.829  15.234  -5.514  1.00 16.86 ? 463 PHE A O   1 
ATOM   1166 C  CB  . PHE A 1 137 ? -2.533  13.554  -3.223  1.00 17.52 ? 463 PHE A CB  1 
ATOM   1167 C  CG  . PHE A 1 137 ? -1.073  13.376  -2.977  1.00 14.82 ? 463 PHE A CG  1 
ATOM   1168 C  CD1 . PHE A 1 137 ? -0.389  14.277  -2.145  1.00 14.06 ? 463 PHE A CD1 1 
ATOM   1169 C  CD2 . PHE A 1 137 ? -0.351  12.400  -3.680  1.00 13.05 ? 463 PHE A CD2 1 
ATOM   1170 C  CE1 . PHE A 1 137 ? 1.010   14.171  -1.964  1.00 14.89 ? 463 PHE A CE1 1 
ATOM   1171 C  CE2 . PHE A 1 137 ? 1.031   12.282  -3.524  1.00 13.65 ? 463 PHE A CE2 1 
ATOM   1172 C  CZ  . PHE A 1 137 ? 1.728   13.166  -2.703  1.00 12.09 ? 463 PHE A CZ  1 
ATOM   1173 N  N   . LEU A 1 138 ? -1.990  13.494  -6.333  1.00 18.46 ? 464 LEU A N   1 
ATOM   1174 C  CA  . LEU A 1 138 ? -1.016  13.304  -7.439  1.00 19.46 ? 464 LEU A CA  1 
ATOM   1175 C  C   . LEU A 1 138 ? -0.916  14.522  -8.370  1.00 20.14 ? 464 LEU A C   1 
ATOM   1176 O  O   . LEU A 1 138 ? 0.197   14.881  -8.808  1.00 21.11 ? 464 LEU A O   1 
ATOM   1177 C  CB  . LEU A 1 138 ? -1.261  12.020  -8.241  1.00 18.68 ? 464 LEU A CB  1 
ATOM   1178 C  CG  . LEU A 1 138 ? -0.971  10.757  -7.418  1.00 18.93 ? 464 LEU A CG  1 
ATOM   1179 C  CD1 . LEU A 1 138 ? -1.546  9.558   -8.079  1.00 21.54 ? 464 LEU A CD1 1 
ATOM   1180 C  CD2 . LEU A 1 138 ? 0.547   10.611  -7.203  1.00 17.22 ? 464 LEU A CD2 1 
ATOM   1181 N  N   . VAL A 1 139 ? -2.049  15.172  -8.657  1.00 20.58 ? 465 VAL A N   1 
ATOM   1182 C  CA  . VAL A 1 139 ? -1.999  16.395  -9.488  1.00 20.78 ? 465 VAL A CA  1 
ATOM   1183 C  C   . VAL A 1 139 ? -1.124  17.455  -8.852  1.00 21.46 ? 465 VAL A C   1 
ATOM   1184 O  O   . VAL A 1 139 ? -0.233  17.993  -9.513  1.00 21.15 ? 465 VAL A O   1 
ATOM   1185 C  CB  . VAL A 1 139 ? -3.384  16.990  -9.831  1.00 20.94 ? 465 VAL A CB  1 
ATOM   1186 C  CG1 . VAL A 1 139 ? -3.201  18.261  -10.649 1.00 21.39 ? 465 VAL A CG1 1 
ATOM   1187 C  CG2 . VAL A 1 139 ? -4.201  16.003  -10.632 1.00 21.37 ? 465 VAL A CG2 1 
ATOM   1188 N  N   . GLN A 1 140 ? -1.352  17.746  -7.573  1.00 21.51 ? 466 GLN A N   1 
ATOM   1189 C  CA  . GLN A 1 140 ? -0.654  18.852  -6.909  1.00 22.07 ? 466 GLN A CA  1 
ATOM   1190 C  C   . GLN A 1 140 ? 0.824   18.533  -6.745  1.00 21.58 ? 466 GLN A C   1 
ATOM   1191 O  O   . GLN A 1 140 ? 1.684   19.406  -6.933  1.00 20.86 ? 466 GLN A O   1 
ATOM   1192 C  CB  . GLN A 1 140 ? -1.249  19.191  -5.525  1.00 22.97 ? 466 GLN A CB  1 
ATOM   1193 C  CG  . GLN A 1 140 ? -2.790  19.456  -5.437  1.00 26.32 ? 466 GLN A CG  1 
ATOM   1194 C  CD  . GLN A 1 140 ? -3.399  20.203  -6.632  1.00 31.96 ? 466 GLN A CD  1 
ATOM   1195 O  OE1 . GLN A 1 140 ? -4.386  19.731  -7.227  1.00 34.90 ? 466 GLN A OE1 1 
ATOM   1196 N  NE2 . GLN A 1 140 ? -2.824  21.364  -6.987  1.00 29.20 ? 466 GLN A NE2 1 
ATOM   1197 N  N   . TYR A 1 141 ? 1.107   17.277  -6.401  1.00 21.10 ? 467 TYR A N   1 
ATOM   1198 C  CA  . TYR A 1 141 ? 2.484   16.788  -6.239  1.00 20.49 ? 467 TYR A CA  1 
ATOM   1199 C  C   . TYR A 1 141 ? 3.277   17.009  -7.524  1.00 21.44 ? 467 TYR A C   1 
ATOM   1200 O  O   . TYR A 1 141 ? 4.375   17.602  -7.499  1.00 21.93 ? 467 TYR A O   1 
ATOM   1201 C  CB  . TYR A 1 141 ? 2.509   15.309  -5.875  1.00 19.67 ? 467 TYR A CB  1 
ATOM   1202 C  CG  . TYR A 1 141 ? 3.918   14.780  -5.785  1.00 17.98 ? 467 TYR A CG  1 
ATOM   1203 C  CD1 . TYR A 1 141 ? 4.741   15.125  -4.711  1.00 16.15 ? 467 TYR A CD1 1 
ATOM   1204 C  CD2 . TYR A 1 141 ? 4.442   13.951  -6.782  1.00 16.44 ? 467 TYR A CD2 1 
ATOM   1205 C  CE1 . TYR A 1 141 ? 6.051   14.650  -4.625  1.00 15.67 ? 467 TYR A CE1 1 
ATOM   1206 C  CE2 . TYR A 1 141 ? 5.760   13.460  -6.707  1.00 15.61 ? 467 TYR A CE2 1 
ATOM   1207 C  CZ  . TYR A 1 141 ? 6.547   13.826  -5.633  1.00 16.34 ? 467 TYR A CZ  1 
ATOM   1208 O  OH  . TYR A 1 141 ? 7.823   13.352  -5.551  1.00 19.64 ? 467 TYR A OH  1 
ATOM   1209 N  N   . GLU A 1 142 ? 2.710   16.591  -8.648  1.00 21.23 ? 468 GLU A N   1 
ATOM   1210 C  CA  . GLU A 1 142 ? 3.440   16.737  -9.898  1.00 22.72 ? 468 GLU A CA  1 
ATOM   1211 C  C   . GLU A 1 142 ? 3.637   18.206  -10.277 1.00 23.68 ? 468 GLU A C   1 
ATOM   1212 O  O   . GLU A 1 142 ? 4.733   18.576  -10.708 1.00 23.94 ? 468 GLU A O   1 
ATOM   1213 C  CB  . GLU A 1 142 ? 2.846   15.892  -11.018 1.00 21.92 ? 468 GLU A CB  1 
ATOM   1214 C  CG  . GLU A 1 142 ? 2.870   14.410  -10.633 1.00 22.71 ? 468 GLU A CG  1 
ATOM   1215 C  CD  . GLU A 1 142 ? 2.562   13.533  -11.782 1.00 22.17 ? 468 GLU A CD  1 
ATOM   1216 O  OE1 . GLU A 1 142 ? 2.163   14.071  -12.829 1.00 24.16 ? 468 GLU A OE1 1 
ATOM   1217 O  OE2 . GLU A 1 142 ? 2.723   12.306  -11.660 1.00 23.95 ? 468 GLU A OE2 1 
ATOM   1218 N  N   . LYS A 1 143 ? 2.625   19.047  -10.052 1.00 24.49 ? 469 LYS A N   1 
ATOM   1219 C  CA  A LYS A 1 143 ? 2.776   20.479  -10.294 0.50 25.27 ? 469 LYS A CA  1 
ATOM   1220 C  CA  B LYS A 1 143 ? 2.777   20.481  -10.289 0.50 25.29 ? 469 LYS A CA  1 
ATOM   1221 C  C   . LYS A 1 143 ? 3.932   21.031  -9.452  1.00 26.35 ? 469 LYS A C   1 
ATOM   1222 O  O   . LYS A 1 143 ? 4.710   21.871  -9.928  1.00 25.93 ? 469 LYS A O   1 
ATOM   1223 C  CB  A LYS A 1 143 ? 1.479   21.243  -10.000 0.50 25.08 ? 469 LYS A CB  1 
ATOM   1224 C  CB  B LYS A 1 143 ? 1.485   21.253  -9.996  0.50 25.11 ? 469 LYS A CB  1 
ATOM   1225 C  CG  A LYS A 1 143 ? 0.265   20.814  -10.827 0.50 23.99 ? 469 LYS A CG  1 
ATOM   1226 C  CG  B LYS A 1 143 ? 1.628   22.761  -10.182 0.50 24.08 ? 469 LYS A CG  1 
ATOM   1227 C  CD  A LYS A 1 143 ? 0.594   20.593  -12.302 0.50 22.91 ? 469 LYS A CD  1 
ATOM   1228 C  CD  B LYS A 1 143 ? 0.306   23.488  -10.097 0.50 23.32 ? 469 LYS A CD  1 
ATOM   1229 C  CE  A LYS A 1 143 ? 0.893   19.129  -12.598 0.50 22.17 ? 469 LYS A CE  1 
ATOM   1230 C  CE  B LYS A 1 143 ? 0.512   24.997  -10.099 0.50 21.09 ? 469 LYS A CE  1 
ATOM   1231 N  NZ  A LYS A 1 143 ? -0.226  18.233  -12.177 0.50 17.13 ? 469 LYS A NZ  1 
ATOM   1232 N  NZ  B LYS A 1 143 ? -0.759  25.700  -9.787  0.50 20.97 ? 469 LYS A NZ  1 
ATOM   1233 N  N   . SER A 1 144 ? 4.049   20.546  -8.215  1.00 27.69 ? 470 SER A N   1 
ATOM   1234 C  CA  . SER A 1 144 ? 5.098   20.976  -7.274  1.00 30.41 ? 470 SER A CA  1 
ATOM   1235 C  C   . SER A 1 144 ? 6.531   20.621  -7.698  1.00 32.47 ? 470 SER A C   1 
ATOM   1236 O  O   . SER A 1 144 ? 7.483   21.281  -7.285  1.00 32.94 ? 470 SER A O   1 
ATOM   1237 C  CB  . SER A 1 144 ? 4.832   20.422  -5.870  1.00 30.28 ? 470 SER A CB  1 
ATOM   1238 O  OG  . SER A 1 144 ? 5.252   19.064  -5.766  1.00 29.70 ? 470 SER A OG  1 
ATOM   1239 N  N   . LEU A 1 145 ? 6.681   19.657  -8.569  1.00 34.93 ? 471 LEU A N   1 
ATOM   1240 C  CA  . LEU A 1 145 ? 7.990   19.264  -9.034  1.00 37.29 ? 471 LEU A CA  1 
ATOM   1241 C  C   . LEU A 1 145 ? 8.449   20.236  -10.085 1.00 39.92 ? 471 LEU A C   1 
ATOM   1242 O  O   . LEU A 1 145 ? 9.610   20.509  -10.236 1.00 39.66 ? 471 LEU A O   1 
ATOM   1243 C  CB  . LEU A 1 145 ? 7.890   17.919  -9.699  1.00 36.35 ? 471 LEU A CB  1 
ATOM   1244 C  CG  . LEU A 1 145 ? 7.532   16.787  -8.762  1.00 35.65 ? 471 LEU A CG  1 
ATOM   1245 C  CD1 . LEU A 1 145 ? 7.359   15.525  -9.550  1.00 33.56 ? 471 LEU A CD1 1 
ATOM   1246 C  CD2 . LEU A 1 145 ? 8.579   16.673  -7.747  1.00 34.16 ? 471 LEU A CD2 1 
ATOM   1247 N  N   . LYS A 1 146 ? 7.497   20.696  -10.858 1.00 43.23 ? 472 LYS A N   1 
ATOM   1248 C  CA  . LYS A 1 146 ? 7.767   21.636  -11.920 1.00 46.93 ? 472 LYS A CA  1 
ATOM   1249 C  C   . LYS A 1 146 ? 8.260   22.975  -11.371 1.00 49.34 ? 472 LYS A C   1 
ATOM   1250 O  O   . LYS A 1 146 ? 9.380   23.393  -11.686 1.00 49.50 ? 472 LYS A O   1 
ATOM   1251 C  CB  . LYS A 1 146 ? 6.535   21.813  -12.812 1.00 46.76 ? 472 LYS A CB  1 
ATOM   1252 C  CG  . LYS A 1 146 ? 6.392   20.735  -13.861 1.00 47.20 ? 472 LYS A CG  1 
ATOM   1253 C  CD  . LYS A 1 146 ? 5.857   21.340  -15.144 1.00 47.93 ? 472 LYS A CD  1 
ATOM   1254 C  CE  . LYS A 1 146 ? 6.261   20.526  -16.361 1.00 48.45 ? 472 LYS A CE  1 
ATOM   1255 N  NZ  . LYS A 1 146 ? 6.333   21.410  -17.565 1.00 48.31 ? 472 LYS A NZ  1 
ATOM   1256 N  N   . THR A 1 147 ? 7.441   23.618  -10.530 1.00 52.57 ? 473 THR A N   1 
ATOM   1257 C  CA  . THR A 1 147 ? 7.735   24.972  -10.003 1.00 55.73 ? 473 THR A CA  1 
ATOM   1258 C  C   . THR A 1 147 ? 9.191   25.131  -9.571  1.00 57.64 ? 473 THR A C   1 
ATOM   1259 O  O   . THR A 1 147 ? 9.811   26.184  -9.818  1.00 57.96 ? 473 THR A O   1 
ATOM   1260 C  CB  . THR A 1 147 ? 6.795   25.393  -8.823  1.00 55.78 ? 473 THR A CB  1 
ATOM   1261 O  OG1 . THR A 1 147 ? 6.467   24.249  -8.016  1.00 56.04 ? 473 THR A OG1 1 
ATOM   1262 C  CG2 . THR A 1 147 ? 5.512   26.057  -9.345  1.00 56.03 ? 473 THR A CG2 1 
ATOM   1263 N  N   . LYS A 1 148 ? 9.719   24.072  -8.942  1.00 60.05 ? 474 LYS A N   1 
ATOM   1264 C  CA  . LYS A 1 148 ? 11.120  24.016  -8.497  1.00 62.02 ? 474 LYS A CA  1 
ATOM   1265 C  C   . LYS A 1 148 ? 11.718  22.606  -8.642  1.00 62.53 ? 474 LYS A C   1 
ATOM   1266 O  O   . LYS A 1 148 ? 12.949  22.443  -8.699  1.00 63.60 ? 474 LYS A O   1 
ATOM   1267 C  CB  . LYS A 1 148 ? 11.263  24.532  -7.053  1.00 62.38 ? 474 LYS A CB  1 
ATOM   1268 C  CG  . LYS A 1 148 ? 12.692  24.938  -6.660  1.00 63.87 ? 474 LYS A CG  1 
ATOM   1269 C  CD  . LYS A 1 148 ? 12.766  25.325  -5.191  1.00 66.57 ? 474 LYS A CD  1 
ATOM   1270 C  CE  . LYS A 1 148 ? 12.573  24.117  -4.263  1.00 67.88 ? 474 LYS A CE  1 
ATOM   1271 N  NZ  . LYS A 1 148 ? 12.103  24.541  -2.905  1.00 68.36 ? 474 LYS A NZ  1 
HETATM 1272 S  S   . SO4 B 2 .   ? 15.299  -0.088  6.103   1.00 50.98 ? 1   SO4 A S   1 
HETATM 1273 O  O1  . SO4 B 2 .   ? 14.209  0.879   6.090   1.00 52.39 ? 1   SO4 A O1  1 
HETATM 1274 O  O2  . SO4 B 2 .   ? 14.877  -1.325  5.475   1.00 52.76 ? 1   SO4 A O2  1 
HETATM 1275 O  O3  . SO4 B 2 .   ? 16.466  0.339   5.316   1.00 52.61 ? 1   SO4 A O3  1 
HETATM 1276 O  O4  . SO4 B 2 .   ? 15.652  -0.283  7.516   1.00 51.44 ? 1   SO4 A O4  1 
HETATM 1277 S  S   . SO4 C 2 .   ? -3.719  -20.395 7.733   1.00 78.93 ? 2   SO4 A S   1 
HETATM 1278 O  O1  . SO4 C 2 .   ? -4.977  -19.683 7.524   1.00 76.86 ? 2   SO4 A O1  1 
HETATM 1279 O  O2  . SO4 C 2 .   ? -3.568  -21.400 6.688   1.00 79.86 ? 2   SO4 A O2  1 
HETATM 1280 O  O3  . SO4 C 2 .   ? -2.537  -19.519 7.714   1.00 78.18 ? 2   SO4 A O3  1 
HETATM 1281 O  O4  . SO4 C 2 .   ? -3.780  -21.065 9.031   1.00 80.47 ? 2   SO4 A O4  1 
HETATM 1282 S  S   . SO4 D 2 .   ? -3.717  9.610   11.833  1.00 45.72 ? 3   SO4 A S   1 
HETATM 1283 O  O1  . SO4 D 2 .   ? -2.892  10.656  11.165  1.00 44.06 ? 3   SO4 A O1  1 
HETATM 1284 O  O2  . SO4 D 2 .   ? -5.130  9.934   11.958  1.00 47.85 ? 3   SO4 A O2  1 
HETATM 1285 O  O3  . SO4 D 2 .   ? -3.574  8.453   10.966  1.00 47.23 ? 3   SO4 A O3  1 
HETATM 1286 O  O4  . SO4 D 2 .   ? -3.271  9.285   13.183  1.00 45.34 ? 3   SO4 A O4  1 
HETATM 1287 S  S   . SO4 E 2 .   ? 6.013   1.907   -14.374 0.60 66.87 ? 4   SO4 A S   1 
HETATM 1288 O  O1  . SO4 E 2 .   ? 5.758   2.455   -15.704 0.60 66.49 ? 4   SO4 A O1  1 
HETATM 1289 O  O2  . SO4 E 2 .   ? 4.903   1.029   -14.009 0.60 66.78 ? 4   SO4 A O2  1 
HETATM 1290 O  O3  . SO4 E 2 .   ? 7.229   1.097   -14.417 0.60 66.74 ? 4   SO4 A O3  1 
HETATM 1291 O  O4  . SO4 E 2 .   ? 6.158   2.982   -13.392 0.60 64.27 ? 4   SO4 A O4  1 
HETATM 1292 S  S   . SO4 F 2 .   ? 3.087   -6.225  15.110  0.40 55.71 ? 5   SO4 A S   1 
HETATM 1293 O  O1  . SO4 F 2 .   ? 1.750   -6.029  14.565  0.40 55.39 ? 5   SO4 A O1  1 
HETATM 1294 O  O2  . SO4 F 2 .   ? 3.025   -7.090  16.283  0.40 55.45 ? 5   SO4 A O2  1 
HETATM 1295 O  O3  . SO4 F 2 .   ? 3.906   -6.847  14.079  0.40 54.02 ? 5   SO4 A O3  1 
HETATM 1296 O  O4  . SO4 F 2 .   ? 3.628   -4.927  15.509  0.40 54.54 ? 5   SO4 A O4  1 
HETATM 1297 C  C   . FMT G 3 .   ? 3.574   18.643  -2.069  1.00 63.05 ? 475 FMT A C   1 
HETATM 1298 O  O1  . FMT G 3 .   ? 4.175   18.442  -1.002  1.00 62.45 ? 475 FMT A O1  1 
HETATM 1299 O  O2  . FMT G 3 .   ? 2.747   17.875  -2.580  1.00 62.81 ? 475 FMT A O2  1 
HETATM 1300 O  O   . HOH H 4 .   ? 10.459  -16.679 -1.340  1.00 13.82 ? 6   HOH A O   1 
HETATM 1301 O  O   . HOH H 4 .   ? 12.067  -9.064  -3.645  1.00 21.09 ? 7   HOH A O   1 
HETATM 1302 O  O   . HOH H 4 .   ? -8.590  -3.014  6.489   1.00 14.07 ? 8   HOH A O   1 
HETATM 1303 O  O   . HOH H 4 .   ? -3.271  -13.860 -6.015  1.00 19.10 ? 9   HOH A O   1 
HETATM 1304 O  O   . HOH H 4 .   ? 8.137   9.043   -8.742  1.00 14.67 ? 10  HOH A O   1 
HETATM 1305 O  O   . HOH H 4 .   ? 16.030  -2.812  3.672   1.00 19.33 ? 11  HOH A O   1 
HETATM 1306 O  O   . HOH H 4 .   ? -4.739  6.178   5.397   1.00 15.96 ? 12  HOH A O   1 
HETATM 1307 O  O   . HOH H 4 .   ? 2.297   -14.665 1.792   1.00 18.13 ? 13  HOH A O   1 
HETATM 1308 O  O   . HOH H 4 .   ? -8.781  -11.483 -7.937  1.00 24.36 ? 14  HOH A O   1 
HETATM 1309 O  O   . HOH H 4 .   ? 10.498  8.513   8.261   1.00 21.10 ? 15  HOH A O   1 
HETATM 1310 O  O   . HOH H 4 .   ? -6.110  -14.341 7.128   1.00 15.91 ? 16  HOH A O   1 
HETATM 1311 O  O   . HOH H 4 .   ? -1.758  13.190  6.765   1.00 12.05 ? 17  HOH A O   1 
HETATM 1312 O  O   . HOH H 4 .   ? 6.679   14.800  7.846   1.00 18.19 ? 18  HOH A O   1 
HETATM 1313 O  O   . HOH H 4 .   ? 1.369   -17.162 2.323   1.00 17.47 ? 19  HOH A O   1 
HETATM 1314 O  O   . HOH H 4 .   ? -4.936  1.960   -15.841 1.00 24.52 ? 20  HOH A O   1 
HETATM 1315 O  O   . HOH H 4 .   ? -1.145  -9.139  -11.741 1.00 24.42 ? 21  HOH A O   1 
HETATM 1316 O  O   . HOH H 4 .   ? -8.750  -7.389  -11.912 1.00 19.07 ? 22  HOH A O   1 
HETATM 1317 O  O   . HOH H 4 .   ? -6.705  -4.156  11.930  1.00 21.37 ? 23  HOH A O   1 
HETATM 1318 O  O   . HOH H 4 .   ? -11.990 -13.064 4.400   1.00 21.84 ? 24  HOH A O   1 
HETATM 1319 O  O   . HOH H 4 .   ? 14.299  -13.660 10.198  1.00 15.09 ? 25  HOH A O   1 
HETATM 1320 O  O   . HOH H 4 .   ? -8.846  9.919   -5.844  1.00 29.30 ? 26  HOH A O   1 
HETATM 1321 O  O   . HOH H 4 .   ? 15.376  -4.605  -0.759  1.00 22.83 ? 27  HOH A O   1 
HETATM 1322 O  O   . HOH H 4 .   ? 1.630   -11.169 -6.947  1.00 15.90 ? 28  HOH A O   1 
HETATM 1323 O  O   . HOH H 4 .   ? 3.494   -15.291 -7.329  1.00 15.24 ? 29  HOH A O   1 
HETATM 1324 O  O   . HOH H 4 .   ? 2.459   -14.364 9.798   1.00 21.47 ? 30  HOH A O   1 
HETATM 1325 O  O   . HOH H 4 .   ? -12.718 4.021   -6.506  1.00 19.32 ? 31  HOH A O   1 
HETATM 1326 O  O   . HOH H 4 .   ? 3.083   -19.021 2.542   1.00 37.96 ? 32  HOH A O   1 
HETATM 1327 O  O   . HOH H 4 .   ? -0.359  -9.719  -8.414  1.00 20.36 ? 33  HOH A O   1 
HETATM 1328 O  O   . HOH H 4 .   ? 0.986   -14.036 -6.546  1.00 23.59 ? 34  HOH A O   1 
HETATM 1329 O  O   . HOH H 4 .   ? 10.501  2.175   -8.805  1.00 20.79 ? 35  HOH A O   1 
HETATM 1330 O  O   . HOH H 4 .   ? 3.047   -15.858 11.856  1.00 29.62 ? 36  HOH A O   1 
HETATM 1331 O  O   . HOH H 4 .   ? -11.095 -1.350  3.583   1.00 21.80 ? 37  HOH A O   1 
HETATM 1332 O  O   . HOH H 4 .   ? -4.236  -12.487 12.209  1.00 20.50 ? 38  HOH A O   1 
HETATM 1333 O  O   . HOH H 4 .   ? -7.406  12.307  2.898   1.00 19.26 ? 39  HOH A O   1 
HETATM 1334 O  O   . HOH H 4 .   ? 11.564  -16.534 8.490   1.00 18.97 ? 40  HOH A O   1 
HETATM 1335 O  O   . HOH H 4 .   ? 17.593  -10.711 0.477   1.00 26.00 ? 41  HOH A O   1 
HETATM 1336 O  O   . HOH H 4 .   ? 0.424   17.196  -3.476  1.00 29.71 ? 42  HOH A O   1 
HETATM 1337 O  O   . HOH H 4 .   ? 9.254   -6.915  -5.091  1.00 27.92 ? 43  HOH A O   1 
HETATM 1338 O  O   . HOH H 4 .   ? 12.872  -2.280  7.221   1.00 25.05 ? 44  HOH A O   1 
HETATM 1339 O  O   . HOH H 4 .   ? 13.283  9.972   -4.783  1.00 23.58 ? 45  HOH A O   1 
HETATM 1340 O  O   . HOH H 4 .   ? 4.712   15.324  -0.967  1.00 13.77 ? 46  HOH A O   1 
HETATM 1341 O  O   . HOH H 4 .   ? 12.727  1.341   -5.154  1.00 24.71 ? 47  HOH A O   1 
HETATM 1342 O  O   . HOH H 4 .   ? 12.871  1.119   -8.725  1.00 33.24 ? 48  HOH A O   1 
HETATM 1343 O  O   . HOH H 4 .   ? 0.971   -1.452  -12.225 1.00 38.68 ? 49  HOH A O   1 
HETATM 1344 O  O   . HOH H 4 .   ? -3.018  -7.992  0.522   1.00 15.21 ? 50  HOH A O   1 
HETATM 1345 O  O   . HOH H 4 .   ? -11.835 14.706  1.476   1.00 22.29 ? 51  HOH A O   1 
HETATM 1346 O  O   . HOH H 4 .   ? -0.920  -7.981  12.805  1.00 24.31 ? 52  HOH A O   1 
HETATM 1347 O  O   . HOH H 4 .   ? 0.200   -5.994  -10.509 1.00 25.10 ? 53  HOH A O   1 
HETATM 1348 O  O   . HOH H 4 .   ? 10.606  -8.949  -5.868  1.00 30.62 ? 54  HOH A O   1 
HETATM 1349 O  O   . HOH H 4 .   ? -6.722  -12.600 11.044  1.00 20.03 ? 55  HOH A O   1 
HETATM 1350 O  O   . HOH H 4 .   ? -13.450 -10.711 5.056   1.00 30.02 ? 56  HOH A O   1 
HETATM 1351 O  O   . HOH H 4 .   ? -17.943 -2.228  -2.082  1.00 37.39 ? 57  HOH A O   1 
HETATM 1352 O  O   . HOH H 4 .   ? 13.724  13.654  0.217   1.00 36.16 ? 58  HOH A O   1 
HETATM 1353 O  O   . HOH H 4 .   ? 12.017  -13.883 11.584  1.00 16.02 ? 59  HOH A O   1 
HETATM 1354 O  O   . HOH H 4 .   ? -3.299  3.101   12.298  1.00 22.46 ? 60  HOH A O   1 
HETATM 1355 O  O   . HOH H 4 .   ? 16.539  -7.833  -3.213  1.00 30.50 ? 61  HOH A O   1 
HETATM 1356 O  O   . HOH H 4 .   ? -7.141  -15.670 -3.155  1.00 24.24 ? 62  HOH A O   1 
HETATM 1357 O  O   . HOH H 4 .   ? -5.867  20.571  -4.138  1.00 33.38 ? 63  HOH A O   1 
HETATM 1358 O  O   . HOH H 4 .   ? -15.391 0.339   5.278   1.00 30.17 ? 64  HOH A O   1 
HETATM 1359 O  O   . HOH H 4 .   ? -0.053  -18.730 0.180   1.00 34.96 ? 65  HOH A O   1 
HETATM 1360 O  O   . HOH H 4 .   ? 10.471  3.065   -11.405 1.00 26.28 ? 66  HOH A O   1 
HETATM 1361 O  O   . HOH H 4 .   ? -13.322 -16.663 -1.488  1.00 28.06 ? 67  HOH A O   1 
HETATM 1362 O  O   . HOH H 4 .   ? 10.152  7.771   19.955  1.00 35.76 ? 68  HOH A O   1 
HETATM 1363 O  O   . HOH H 4 .   ? 8.349   -4.593  -9.847  1.00 35.77 ? 69  HOH A O   1 
HETATM 1364 O  O   . HOH H 4 .   ? 5.425   -18.375 3.535   1.00 25.70 ? 70  HOH A O   1 
HETATM 1365 O  O   . HOH H 4 .   ? -7.190  -10.031 11.980  1.00 25.50 ? 71  HOH A O   1 
HETATM 1366 O  O   . HOH H 4 .   ? -6.421  -1.634  -15.453 1.00 25.05 ? 72  HOH A O   1 
HETATM 1367 O  O   . HOH H 4 .   ? 10.148  15.888  6.465   1.00 36.04 ? 73  HOH A O   1 
HETATM 1368 O  O   . HOH H 4 .   ? 7.142   -19.665 -2.719  1.00 27.50 ? 74  HOH A O   1 
HETATM 1369 O  O   . HOH H 4 .   ? -4.918  -15.236 -4.478  1.00 34.87 ? 75  HOH A O   1 
HETATM 1370 O  O   . HOH H 4 .   ? -5.268  5.236   13.493  1.00 34.76 ? 76  HOH A O   1 
HETATM 1371 O  O   . HOH H 4 .   ? 15.451  7.900   4.285   1.00 29.67 ? 77  HOH A O   1 
HETATM 1372 O  O   . HOH H 4 .   ? -8.512  -19.250 2.072   1.00 20.96 ? 78  HOH A O   1 
HETATM 1373 O  O   . HOH H 4 .   ? 2.166   -17.274 8.841   1.00 38.12 ? 79  HOH A O   1 
HETATM 1374 O  O   . HOH H 4 .   ? 8.432   14.113  0.084   1.00 41.54 ? 80  HOH A O   1 
HETATM 1375 O  O   . HOH H 4 .   ? 13.847  2.198   8.662   1.00 49.63 ? 81  HOH A O   1 
HETATM 1376 O  O   . HOH H 4 .   ? 9.500   -17.375 10.346  1.00 27.13 ? 82  HOH A O   1 
HETATM 1377 O  O   . HOH H 4 .   ? 5.336   -2.342  -10.533 1.00 39.21 ? 83  HOH A O   1 
HETATM 1378 O  O   . HOH H 4 .   ? 8.662   12.113  -7.769  1.00 29.26 ? 84  HOH A O   1 
HETATM 1379 O  O   . HOH H 4 .   ? -9.283  -18.519 -0.835  1.00 29.97 ? 85  HOH A O   1 
HETATM 1380 O  O   . HOH H 4 .   ? 11.635  9.230   18.586  1.00 32.97 ? 86  HOH A O   1 
HETATM 1381 O  O   . HOH H 4 .   ? -18.478 -5.938  6.460   1.00 29.87 ? 87  HOH A O   1 
HETATM 1382 O  O   . HOH H 4 .   ? 4.697   6.861   11.893  1.00 28.98 ? 88  HOH A O   1 
HETATM 1383 O  O   . HOH H 4 .   ? -0.304  -5.684  13.835  1.00 33.65 ? 89  HOH A O   1 
HETATM 1384 O  O   . HOH H 4 .   ? 10.320  2.771   11.317  1.00 31.11 ? 90  HOH A O   1 
HETATM 1385 O  O   . HOH H 4 .   ? -12.223 0.748   -11.943 1.00 28.27 ? 91  HOH A O   1 
HETATM 1386 O  O   . HOH H 4 .   ? 16.543  2.605   3.738   1.00 35.03 ? 92  HOH A O   1 
HETATM 1387 O  O   . HOH H 4 .   ? -13.233 -0.042  6.330   1.00 39.94 ? 93  HOH A O   1 
HETATM 1388 O  O   . HOH H 4 .   ? 17.628  2.088   1.363   1.00 31.52 ? 94  HOH A O   1 
HETATM 1389 O  O   . HOH H 4 .   ? 11.217  6.289   7.088   1.00 26.09 ? 95  HOH A O   1 
HETATM 1390 O  O   . HOH H 4 .   ? -6.928  4.440   4.008   1.00 32.89 ? 96  HOH A O   1 
HETATM 1391 O  O   . HOH H 4 .   ? -9.345  -1.026  12.215  1.00 21.57 ? 97  HOH A O   1 
HETATM 1392 O  O   . HOH H 4 .   ? 0.690   -8.955  14.577  1.00 34.60 ? 98  HOH A O   1 
HETATM 1393 O  O   . HOH H 4 .   ? 11.902  5.457   19.271  1.00 34.24 ? 99  HOH A O   1 
HETATM 1394 O  O   . HOH H 4 .   ? 9.460   -6.692  6.695   1.00 25.44 ? 100 HOH A O   1 
HETATM 1395 O  O   . HOH H 4 .   ? -8.737  13.502  -5.329  1.00 26.52 ? 101 HOH A O   1 
HETATM 1396 O  O   . HOH H 4 .   ? -9.157  8.044   -10.989 1.00 27.96 ? 102 HOH A O   1 
HETATM 1397 O  O   . HOH H 4 .   ? 10.409  11.123  13.514  1.00 26.69 ? 103 HOH A O   1 
HETATM 1398 O  O   . HOH H 4 .   ? 9.284   -16.857 1.167   1.00 32.64 ? 104 HOH A O   1 
HETATM 1399 O  O   . HOH H 4 .   ? -10.711 7.069   2.697   1.00 30.10 ? 105 HOH A O   1 
HETATM 1400 O  O   . HOH H 4 .   ? -13.535 -8.968  13.598  1.00 35.69 ? 106 HOH A O   1 
HETATM 1401 O  O   . HOH H 4 .   ? -11.619 7.618   -9.278  1.00 35.42 ? 107 HOH A O   1 
HETATM 1402 O  O   . HOH H 4 .   ? 5.425   -8.057  15.938  1.00 40.71 ? 108 HOH A O   1 
HETATM 1403 O  O   . HOH H 4 .   ? 13.092  10.878  12.774  1.00 28.69 ? 109 HOH A O   1 
HETATM 1404 O  O   . HOH H 4 .   ? 7.185   -9.230  17.280  0.50 37.97 ? 110 HOH A O   1 
HETATM 1405 O  O   . HOH H 4 .   ? -10.962 9.214   -7.213  1.00 31.75 ? 111 HOH A O   1 
HETATM 1406 O  O   . HOH H 4 .   ? 7.139   -9.489  14.552  1.00 37.70 ? 112 HOH A O   1 
HETATM 1407 O  O   . HOH H 4 .   ? 13.728  -11.299 -3.389  1.00 41.22 ? 113 HOH A O   1 
HETATM 1408 O  O   . HOH H 4 .   ? 9.192   16.466  8.638   1.00 24.48 ? 114 HOH A O   1 
HETATM 1409 O  O   . HOH H 4 .   ? 12.937  -1.080  -7.538  1.00 29.59 ? 115 HOH A O   1 
HETATM 1410 O  O   . HOH H 4 .   ? -11.793 -0.443  8.659   1.00 29.15 ? 116 HOH A O   1 
HETATM 1411 O  O   . HOH H 4 .   ? 2.631   -0.286  -13.217 1.00 40.86 ? 117 HOH A O   1 
HETATM 1412 O  O   . HOH H 4 .   ? 11.084  7.640   11.202  1.00 30.11 ? 118 HOH A O   1 
HETATM 1413 O  O   . HOH H 4 .   ? -15.619 -15.220 6.277   1.00 35.44 ? 119 HOH A O   1 
HETATM 1414 O  O   . HOH H 4 .   ? 7.556   4.489   13.191  1.00 40.73 ? 120 HOH A O   1 
HETATM 1415 O  O   . HOH H 4 .   ? -12.759 -5.838  -8.503  1.00 36.05 ? 121 HOH A O   1 
HETATM 1416 O  O   . HOH H 4 .   ? 19.432  0.564   5.408   1.00 53.18 ? 122 HOH A O   1 
HETATM 1417 O  O   . HOH H 4 .   ? -13.204 -4.193  -6.476  1.00 33.41 ? 123 HOH A O   1 
HETATM 1418 O  O   . HOH H 4 .   ? 3.971   -2.487  -12.594 1.00 52.19 ? 124 HOH A O   1 
HETATM 1419 O  O   . HOH H 4 .   ? 0.989   -9.788  7.690   1.00 14.09 ? 476 HOH A O   1 
HETATM 1420 O  O   . HOH H 4 .   ? -2.510  -11.109 -5.693  1.00 14.24 ? 477 HOH A O   1 
HETATM 1421 O  O   . HOH H 4 .   ? 7.925   3.190   -6.328  1.00 18.22 ? 478 HOH A O   1 
HETATM 1422 O  O   . HOH H 4 .   ? 0.108   -11.194 -4.657  1.00 20.68 ? 479 HOH A O   1 
HETATM 1423 O  O   . HOH H 4 .   ? 7.255   -12.129 5.554   1.00 16.12 ? 480 HOH A O   1 
# 
